data_7CSC
#
_entry.id   7CSC
#
_cell.length_a   211.015
_cell.length_b   128.712
_cell.length_c   105.323
_cell.angle_alpha   90.000
_cell.angle_beta   91.947
_cell.angle_gamma   90.000
#
_symmetry.space_group_name_H-M   'C 1 2 1'
#
loop_
_entity.id
_entity.type
_entity.pdbx_description
1 polymer 'Pinoresinol reductase 1'
2 non-polymer 4-[(3R,3aS,6R,6aS)-6-(3-methoxy-4-oxidanyl-phenyl)-1,3,3a,4,6,6a-hexahydrofuro[3,4-c]furan-3-yl]-2-methoxy-phenol
3 non-polymer 'NADPH DIHYDRO-NICOTINAMIDE-ADENINE-DINUCLEOTIDE PHOSPHATE'
4 water water
#
_entity_poly.entity_id   1
_entity_poly.type   'polypeptide(L)'
_entity_poly.pdbx_seq_one_letter_code
;MGESKRTEKTRVLVVGATGYIGKRIVRACLAEGHETYVLQRPEIGLEIEKVQLFLSFKKLGARIVEGSFSDHQSLVSAVK
LVDVVVSAMSGVHFRSHNILVQLKLVEAIKEAGNVKRFLPSEFGMDPPRMGHALPPGRETFDQKMEVRQAIEAAGIPYTY
VVGACFAAYFAGNLSQMVTLLPPKEKVNIYGDGNVKVVFADEDDIAKYTAKTLNDPRTLNKTVNIRPPDNVLTQLELVQI
WEKLTGKELEKTNIAAQDFLANIEQMEIPHQAGIGHFYHIFYEGCLTDHEVGEDEEASSLYPDVKYKRMDDYLRMFL
;
_entity_poly.pdbx_strand_id   E,F,A,B,C,D
#
loop_
_chem_comp.id
_chem_comp.type
_chem_comp.name
_chem_comp.formula
GEF non-polymer 4-[(3R,3aS,6R,6aS)-6-(3-methoxy-4-oxidanyl-phenyl)-1,3,3a,4,6,6a-hexahydrofuro[3,4-c]furan-3-yl]-2-methoxy-phenol 'C20 H22 O6'
NDP non-polymer 'NADPH DIHYDRO-NICOTINAMIDE-ADENINE-DINUCLEOTIDE PHOSPHATE' 'C21 H30 N7 O17 P3'
#
# COMPACT_ATOMS: atom_id res chain seq x y z
N LYS A 9 -10.95 2.77 -11.39
CA LYS A 9 -11.31 3.38 -12.69
C LYS A 9 -11.57 4.90 -12.66
N THR A 10 -12.40 5.41 -11.74
CA THR A 10 -12.47 6.87 -11.57
C THR A 10 -11.23 7.36 -10.83
N ARG A 11 -10.56 8.36 -11.40
CA ARG A 11 -9.38 8.92 -10.76
C ARG A 11 -9.82 10.07 -9.88
N VAL A 12 -9.30 10.11 -8.65
CA VAL A 12 -9.73 11.07 -7.66
C VAL A 12 -8.50 11.65 -6.99
N LEU A 13 -8.43 12.98 -6.94
CA LEU A 13 -7.43 13.70 -6.18
C LEU A 13 -8.08 14.23 -4.91
N VAL A 14 -7.47 13.94 -3.77
CA VAL A 14 -7.94 14.45 -2.50
C VAL A 14 -7.00 15.57 -2.09
N VAL A 15 -7.57 16.74 -1.80
CA VAL A 15 -6.81 17.88 -1.31
C VAL A 15 -7.18 18.08 0.14
N GLY A 16 -6.17 18.18 1.00
CA GLY A 16 -6.41 18.07 2.44
C GLY A 16 -6.40 16.62 2.86
N ALA A 17 -5.45 15.88 2.28
CA ALA A 17 -5.42 14.43 2.41
C ALA A 17 -5.11 13.97 3.83
N THR A 18 -4.29 14.71 4.56
CA THR A 18 -3.91 14.32 5.91
C THR A 18 -4.73 15.02 6.98
N GLY A 19 -5.86 15.62 6.62
CA GLY A 19 -6.76 16.20 7.59
C GLY A 19 -7.68 15.18 8.24
N TYR A 20 -8.49 15.67 9.18
CA TYR A 20 -9.32 14.82 10.01
C TYR A 20 -10.29 14.00 9.17
N ILE A 21 -11.18 14.67 8.42
CA ILE A 21 -12.06 13.94 7.52
C ILE A 21 -11.32 13.54 6.26
N GLY A 22 -10.27 14.27 5.89
CA GLY A 22 -9.60 14.01 4.63
C GLY A 22 -8.92 12.67 4.61
N LYS A 23 -8.17 12.35 5.66
CA LYS A 23 -7.47 11.07 5.66
C LYS A 23 -8.45 9.91 5.56
N ARG A 24 -9.64 10.07 6.13
CA ARG A 24 -10.68 9.05 5.98
C ARG A 24 -11.24 9.03 4.57
N ILE A 25 -11.50 10.18 3.98
CA ILE A 25 -11.88 10.20 2.58
C ILE A 25 -10.85 9.46 1.74
N VAL A 26 -9.56 9.67 2.01
CA VAL A 26 -8.55 8.99 1.21
C VAL A 26 -8.73 7.48 1.31
N ARG A 27 -8.82 6.96 2.54
CA ARG A 27 -8.96 5.53 2.73
C ARG A 27 -10.25 5.00 2.13
N ALA A 28 -11.36 5.70 2.38
CA ALA A 28 -12.63 5.30 1.79
C ALA A 28 -12.54 5.23 0.27
N CYS A 29 -11.85 6.21 -0.34
CA CYS A 29 -11.67 6.17 -1.79
C CYS A 29 -10.92 4.93 -2.24
N LEU A 30 -9.81 4.61 -1.59
CA LEU A 30 -9.10 3.38 -1.92
C LEU A 30 -10.00 2.16 -1.72
N ALA A 31 -10.76 2.12 -0.63
CA ALA A 31 -11.57 0.94 -0.37
C ALA A 31 -12.68 0.79 -1.42
N GLU A 32 -13.18 1.91 -1.94
CA GLU A 32 -14.23 1.87 -2.95
C GLU A 32 -13.70 1.51 -4.34
N GLY A 33 -12.39 1.48 -4.51
CA GLY A 33 -11.83 1.13 -5.80
C GLY A 33 -11.50 2.30 -6.70
N HIS A 34 -11.56 3.53 -6.21
CA HIS A 34 -11.10 4.67 -7.00
C HIS A 34 -9.58 4.64 -7.12
N GLU A 35 -9.08 4.90 -8.31
CA GLU A 35 -7.67 5.23 -8.45
C GLU A 35 -7.47 6.58 -7.79
N THR A 36 -6.65 6.61 -6.74
CA THR A 36 -6.72 7.65 -5.73
C THR A 36 -5.40 8.38 -5.68
N TYR A 37 -5.47 9.69 -5.82
CA TYR A 37 -4.31 10.55 -5.79
C TYR A 37 -4.48 11.52 -4.63
N VAL A 38 -3.38 11.90 -4.00
CA VAL A 38 -3.40 12.82 -2.89
C VAL A 38 -2.37 13.90 -3.13
N LEU A 39 -2.76 15.14 -2.85
CA LEU A 39 -1.88 16.30 -2.99
C LEU A 39 -0.96 16.35 -1.78
N GLN A 40 0.34 16.13 -2.00
CA GLN A 40 1.35 16.37 -0.98
C GLN A 40 1.93 17.77 -1.16
N ARG A 41 1.54 18.68 -0.32
CA ARG A 41 2.11 19.99 -0.43
C ARG A 41 3.54 19.98 0.14
N PRO A 42 4.45 20.75 -0.44
CA PRO A 42 5.83 20.76 0.08
C PRO A 42 6.00 21.61 1.33
N GLU A 43 5.01 22.41 1.71
CA GLU A 43 5.20 23.23 2.89
C GLU A 43 5.12 22.46 4.19
N ILE A 44 4.85 21.15 4.16
CA ILE A 44 4.80 20.33 5.38
C ILE A 44 6.18 19.73 5.55
N GLY A 45 7.02 20.42 6.31
CA GLY A 45 8.42 20.05 6.36
C GLY A 45 8.71 19.04 7.43
N LEU A 46 8.68 19.49 8.68
CA LEU A 46 8.97 18.68 9.85
C LEU A 46 7.71 18.15 10.52
N GLU A 47 6.58 18.20 9.82
CA GLU A 47 5.32 17.68 10.36
C GLU A 47 5.27 16.18 10.14
N ILE A 48 5.95 15.47 11.03
CA ILE A 48 6.21 14.06 10.84
C ILE A 48 4.91 13.27 10.67
N GLU A 49 3.83 13.68 11.35
CA GLU A 49 2.61 12.90 11.30
C GLU A 49 1.98 12.97 9.91
N LYS A 50 2.02 14.15 9.28
CA LYS A 50 1.52 14.26 7.91
C LYS A 50 2.37 13.44 6.95
N VAL A 51 3.69 13.56 7.07
CA VAL A 51 4.57 12.83 6.17
C VAL A 51 4.24 11.35 6.22
N GLN A 52 4.19 10.80 7.43
CA GLN A 52 3.99 9.38 7.58
C GLN A 52 2.58 8.97 7.16
N LEU A 53 1.60 9.86 7.30
CA LEU A 53 0.30 9.60 6.69
C LEU A 53 0.44 9.43 5.18
N PHE A 54 1.17 10.34 4.53
CA PHE A 54 1.36 10.19 3.10
C PHE A 54 2.06 8.88 2.80
N LEU A 55 3.09 8.55 3.56
CA LEU A 55 3.78 7.30 3.35
C LEU A 55 2.79 6.15 3.40
N SER A 56 1.86 6.17 4.36
CA SER A 56 0.94 5.06 4.48
C SER A 56 -0.15 5.10 3.42
N PHE A 57 -0.51 6.26 2.90
CA PHE A 57 -1.41 6.30 1.76
C PHE A 57 -0.79 5.58 0.57
N LYS A 58 0.52 5.75 0.38
CA LYS A 58 1.17 5.15 -0.78
C LYS A 58 1.25 3.65 -0.62
N LYS A 59 1.54 3.19 0.59
CA LYS A 59 1.59 1.76 0.86
C LYS A 59 0.25 1.11 0.52
N LEU A 60 -0.85 1.79 0.78
CA LEU A 60 -2.15 1.23 0.41
C LEU A 60 -2.50 1.43 -1.06
N GLY A 61 -1.68 2.16 -1.82
CA GLY A 61 -1.89 2.31 -3.24
C GLY A 61 -2.31 3.69 -3.70
N ALA A 62 -2.33 4.68 -2.83
CA ALA A 62 -2.55 6.04 -3.29
C ALA A 62 -1.34 6.50 -4.10
N ARG A 63 -1.57 7.49 -4.97
CA ARG A 63 -0.53 8.10 -5.79
C ARG A 63 -0.25 9.50 -5.29
N ILE A 64 0.98 9.74 -4.87
CA ILE A 64 1.39 11.07 -4.47
C ILE A 64 1.40 11.98 -5.68
N VAL A 65 0.95 13.21 -5.49
CA VAL A 65 0.97 14.23 -6.52
C VAL A 65 1.43 15.50 -5.84
N GLU A 66 2.60 15.99 -6.20
CA GLU A 66 3.16 17.15 -5.52
C GLU A 66 2.58 18.43 -6.09
N GLY A 67 2.20 19.33 -5.22
CA GLY A 67 1.65 20.60 -5.66
C GLY A 67 1.66 21.56 -4.50
N SER A 68 1.40 22.82 -4.81
CA SER A 68 1.34 23.86 -3.80
C SER A 68 0.31 24.89 -4.18
N PHE A 69 -0.36 25.43 -3.17
CA PHE A 69 -1.27 26.55 -3.37
C PHE A 69 -0.55 27.85 -3.63
N SER A 70 0.77 27.86 -3.56
CA SER A 70 1.56 29.03 -3.91
C SER A 70 2.12 28.92 -5.32
N ASP A 71 1.70 27.90 -6.06
CA ASP A 71 2.25 27.57 -7.38
C ASP A 71 1.05 27.18 -8.23
N HIS A 72 0.39 28.19 -8.78
CA HIS A 72 -0.83 27.98 -9.56
C HIS A 72 -0.66 26.90 -10.60
N GLN A 73 0.52 26.80 -11.20
CA GLN A 73 0.67 25.81 -12.24
C GLN A 73 0.78 24.41 -11.67
N SER A 74 1.20 24.27 -10.42
CA SER A 74 1.23 22.93 -9.86
C SER A 74 -0.18 22.44 -9.60
N LEU A 75 -1.08 23.33 -9.14
CA LEU A 75 -2.46 22.92 -8.97
C LEU A 75 -3.06 22.52 -10.30
N VAL A 76 -2.71 23.23 -11.37
CA VAL A 76 -3.26 22.92 -12.68
C VAL A 76 -2.85 21.52 -13.11
N SER A 77 -1.55 21.23 -13.08
CA SER A 77 -1.09 19.90 -13.45
C SER A 77 -1.78 18.84 -12.61
N ALA A 78 -1.77 19.00 -11.28
CA ALA A 78 -2.35 18.00 -10.38
C ALA A 78 -3.76 17.63 -10.81
N VAL A 79 -4.65 18.61 -10.88
CA VAL A 79 -6.03 18.29 -11.21
C VAL A 79 -6.20 17.79 -12.64
N LYS A 80 -5.18 17.92 -13.48
CA LYS A 80 -5.25 17.41 -14.85
C LYS A 80 -5.13 15.90 -14.91
N LEU A 81 -4.81 15.26 -13.80
CA LEU A 81 -4.56 13.83 -13.75
C LEU A 81 -5.80 13.04 -13.37
N VAL A 82 -6.90 13.70 -13.02
CA VAL A 82 -8.02 13.03 -12.38
C VAL A 82 -9.33 13.48 -13.01
N ASP A 83 -10.36 12.70 -12.72
CA ASP A 83 -11.72 13.01 -13.10
C ASP A 83 -12.49 13.72 -12.01
N VAL A 84 -12.17 13.45 -10.75
CA VAL A 84 -12.85 14.03 -9.60
C VAL A 84 -11.82 14.63 -8.64
N VAL A 85 -12.14 15.79 -8.10
CA VAL A 85 -11.38 16.43 -7.04
C VAL A 85 -12.28 16.48 -5.82
N VAL A 86 -11.74 16.05 -4.68
CA VAL A 86 -12.41 16.18 -3.40
C VAL A 86 -11.53 17.03 -2.52
N SER A 87 -12.09 18.12 -1.99
CA SER A 87 -11.38 19.01 -1.09
C SER A 87 -11.84 18.80 0.33
N ALA A 88 -10.89 18.62 1.23
CA ALA A 88 -11.15 18.56 2.66
C ALA A 88 -10.42 19.69 3.40
N MET A 89 -10.31 20.86 2.78
CA MET A 89 -9.61 22.00 3.36
C MET A 89 -10.15 22.33 4.74
N SER A 90 -9.27 22.83 5.59
CA SER A 90 -9.60 23.09 6.98
C SER A 90 -10.63 24.19 7.11
N GLY A 91 -11.42 24.11 8.16
CA GLY A 91 -12.52 25.04 8.32
C GLY A 91 -13.09 25.11 9.70
N VAL A 92 -12.23 25.10 10.72
CA VAL A 92 -12.63 25.12 12.10
C VAL A 92 -11.70 26.06 12.85
N HIS A 93 -12.29 27.05 13.52
CA HIS A 93 -11.50 28.16 14.04
C HIS A 93 -10.50 27.70 15.08
N PHE A 94 -10.86 26.73 15.92
CA PHE A 94 -9.88 26.33 16.92
C PHE A 94 -8.80 25.43 16.35
N ARG A 95 -8.91 25.04 15.08
CA ARG A 95 -7.80 24.39 14.42
C ARG A 95 -7.19 25.33 13.40
N SER A 96 -7.89 25.51 12.28
CA SER A 96 -7.57 26.51 11.27
C SER A 96 -8.77 26.57 10.33
N HIS A 97 -8.88 27.68 9.60
CA HIS A 97 -10.13 28.02 8.92
C HIS A 97 -9.83 28.68 7.56
N ASN A 98 -9.26 27.89 6.63
CA ASN A 98 -8.77 28.39 5.35
C ASN A 98 -9.62 27.97 4.17
N ILE A 99 -10.94 27.88 4.38
CA ILE A 99 -11.85 27.50 3.31
C ILE A 99 -11.56 28.28 2.05
N LEU A 100 -11.29 29.58 2.19
CA LEU A 100 -11.16 30.45 1.03
C LEU A 100 -9.95 30.08 0.17
N VAL A 101 -8.93 29.47 0.76
CA VAL A 101 -7.79 29.00 -0.01
C VAL A 101 -8.23 28.11 -1.16
N GLN A 102 -9.38 27.46 -1.03
CA GLN A 102 -9.85 26.64 -2.14
C GLN A 102 -10.08 27.45 -3.41
N LEU A 103 -10.29 28.76 -3.26
CA LEU A 103 -10.53 29.60 -4.44
C LEU A 103 -9.44 29.38 -5.46
N LYS A 104 -8.21 29.25 -5.00
CA LYS A 104 -7.12 28.97 -5.93
C LYS A 104 -7.31 27.63 -6.63
N LEU A 105 -7.87 26.64 -5.92
CA LEU A 105 -8.05 25.33 -6.54
C LEU A 105 -9.20 25.37 -7.54
N VAL A 106 -10.28 26.09 -7.19
CA VAL A 106 -11.36 26.27 -8.15
C VAL A 106 -10.81 26.81 -9.47
N GLU A 107 -9.98 27.85 -9.40
CA GLU A 107 -9.55 28.45 -10.66
C GLU A 107 -8.53 27.58 -11.36
N ALA A 108 -7.73 26.82 -10.61
CA ALA A 108 -6.94 25.77 -11.24
C ALA A 108 -7.85 24.82 -12.01
N ILE A 109 -8.95 24.41 -11.39
CA ILE A 109 -9.86 23.50 -12.09
C ILE A 109 -10.44 24.18 -13.32
N LYS A 110 -10.85 25.44 -13.17
CA LYS A 110 -11.35 26.19 -14.31
C LYS A 110 -10.38 26.12 -15.49
N GLU A 111 -9.13 26.52 -15.27
CA GLU A 111 -8.16 26.55 -16.35
C GLU A 111 -7.91 25.19 -16.97
N ALA A 112 -8.05 24.12 -16.18
CA ALA A 112 -7.66 22.79 -16.65
C ALA A 112 -8.75 22.14 -17.48
N GLY A 113 -10.02 22.35 -17.10
CA GLY A 113 -11.12 21.98 -17.95
C GLY A 113 -11.44 20.51 -18.05
N ASN A 114 -10.69 19.64 -17.40
CA ASN A 114 -10.94 18.20 -17.52
C ASN A 114 -11.79 17.62 -16.39
N VAL A 115 -11.95 18.35 -15.29
CA VAL A 115 -12.51 17.78 -14.06
C VAL A 115 -14.00 17.55 -14.24
N LYS A 116 -14.42 16.28 -14.16
CA LYS A 116 -15.83 15.96 -14.31
C LYS A 116 -16.64 16.31 -13.09
N ARG A 117 -16.03 16.48 -11.93
CA ARG A 117 -16.80 16.84 -10.75
C ARG A 117 -15.88 17.32 -9.64
N PHE A 118 -16.39 18.27 -8.85
CA PHE A 118 -15.63 18.82 -7.74
C PHE A 118 -16.45 18.75 -6.47
N LEU A 119 -15.82 18.29 -5.38
CA LEU A 119 -16.44 18.22 -4.06
C LEU A 119 -15.69 19.17 -3.15
N PRO A 120 -16.23 20.34 -2.84
CA PRO A 120 -15.54 21.25 -1.93
C PRO A 120 -15.71 20.83 -0.48
N SER A 121 -14.92 21.47 0.37
CA SER A 121 -14.92 21.14 1.79
C SER A 121 -16.19 21.65 2.44
N GLU A 122 -17.24 20.83 2.42
CA GLU A 122 -18.49 21.15 3.07
C GLU A 122 -18.59 20.26 4.31
N PHE A 123 -19.30 19.14 4.25
CA PHE A 123 -19.24 18.11 5.31
C PHE A 123 -19.81 18.61 6.64
N GLY A 124 -20.77 19.52 6.60
CA GLY A 124 -21.26 20.10 7.84
C GLY A 124 -22.62 20.74 7.71
N MET A 125 -22.83 21.83 8.44
CA MET A 125 -24.06 22.59 8.29
C MET A 125 -24.18 23.09 6.86
N ASP A 126 -25.42 23.16 6.39
CA ASP A 126 -25.71 23.56 5.02
C ASP A 126 -25.59 25.07 4.87
N PRO A 127 -24.57 25.54 4.16
CA PRO A 127 -24.27 27.00 4.08
C PRO A 127 -25.46 27.83 3.62
N PRO A 128 -26.01 27.55 2.44
CA PRO A 128 -27.15 28.35 1.95
C PRO A 128 -28.23 28.57 3.01
N ARG A 129 -28.22 27.85 4.11
CA ARG A 129 -29.28 27.92 5.09
C ARG A 129 -28.88 28.61 6.37
N MET A 130 -27.64 29.10 6.48
CA MET A 130 -27.18 29.76 7.68
C MET A 130 -27.07 31.28 7.51
N GLY A 131 -27.85 31.86 6.58
CA GLY A 131 -27.75 33.29 6.34
C GLY A 131 -28.01 34.15 7.56
N HIS A 132 -28.68 33.61 8.56
CA HIS A 132 -28.99 34.37 9.76
C HIS A 132 -27.95 34.20 10.84
N ALA A 133 -27.03 33.25 10.69
CA ALA A 133 -26.05 33.00 11.72
C ALA A 133 -25.31 34.28 12.10
N LEU A 134 -24.80 34.31 13.40
CA LEU A 134 -24.09 35.31 14.20
C LEU A 134 -22.58 35.12 14.05
N PRO A 135 -21.82 36.20 13.81
CA PRO A 135 -20.36 36.15 13.82
C PRO A 135 -19.85 35.71 15.19
N PRO A 136 -18.63 35.19 15.29
CA PRO A 136 -17.64 34.90 14.24
C PRO A 136 -17.89 33.57 13.54
N GLY A 137 -18.75 32.75 14.15
CA GLY A 137 -19.02 31.43 13.62
C GLY A 137 -19.56 31.45 12.21
N ARG A 138 -20.20 32.55 11.83
CA ARG A 138 -20.75 32.70 10.49
C ARG A 138 -19.68 32.72 9.41
N GLU A 139 -18.44 33.13 9.74
CA GLU A 139 -17.40 33.20 8.72
C GLU A 139 -17.26 31.88 7.98
N THR A 140 -17.55 30.76 8.67
CA THR A 140 -17.51 29.45 8.04
C THR A 140 -18.49 29.38 6.88
N PHE A 141 -19.77 29.63 7.16
CA PHE A 141 -20.78 29.48 6.12
C PHE A 141 -20.52 30.42 4.96
N ASP A 142 -20.22 31.69 5.24
CA ASP A 142 -19.99 32.64 4.15
C ASP A 142 -18.84 32.19 3.27
N GLN A 143 -17.74 31.74 3.87
CA GLN A 143 -16.59 31.36 3.07
C GLN A 143 -16.94 30.18 2.17
N LYS A 144 -17.70 29.23 2.70
CA LYS A 144 -18.10 28.11 1.87
C LYS A 144 -19.04 28.54 0.76
N MET A 145 -19.95 29.47 1.06
CA MET A 145 -20.77 30.04 0.00
C MET A 145 -19.90 30.79 -1.00
N GLU A 146 -18.90 31.52 -0.52
CA GLU A 146 -18.00 32.17 -1.48
C GLU A 146 -17.40 31.15 -2.43
N VAL A 147 -17.00 29.99 -1.91
CA VAL A 147 -16.44 28.97 -2.78
C VAL A 147 -17.52 28.33 -3.65
N ARG A 148 -18.71 28.11 -3.08
CA ARG A 148 -19.79 27.59 -3.90
C ARG A 148 -20.08 28.48 -5.10
N GLN A 149 -20.04 29.81 -4.89
CA GLN A 149 -20.34 30.72 -5.98
C GLN A 149 -19.22 30.74 -7.00
N ALA A 150 -17.97 30.65 -6.56
CA ALA A 150 -16.88 30.54 -7.53
C ALA A 150 -16.98 29.23 -8.32
N ILE A 151 -17.39 28.13 -7.68
CA ILE A 151 -17.55 26.88 -8.43
C ILE A 151 -18.58 27.06 -9.54
N GLU A 152 -19.76 27.56 -9.17
CA GLU A 152 -20.85 27.70 -10.12
C GLU A 152 -20.58 28.79 -11.14
N ALA A 153 -19.89 29.86 -10.74
CA ALA A 153 -19.51 30.88 -11.69
C ALA A 153 -18.54 30.37 -12.74
N ALA A 154 -17.81 29.29 -12.45
CA ALA A 154 -16.94 28.69 -13.45
C ALA A 154 -17.57 27.48 -14.11
N GLY A 155 -18.82 27.17 -13.80
CA GLY A 155 -19.47 26.05 -14.44
C GLY A 155 -18.97 24.68 -14.06
N ILE A 156 -18.25 24.56 -12.93
CA ILE A 156 -17.66 23.29 -12.51
C ILE A 156 -18.74 22.39 -11.95
N PRO A 157 -18.96 21.21 -12.50
CA PRO A 157 -19.92 20.29 -11.90
C PRO A 157 -19.51 19.94 -10.47
N TYR A 158 -20.49 19.74 -9.60
CA TYR A 158 -20.21 19.75 -8.17
C TYR A 158 -21.11 18.80 -7.40
N THR A 159 -20.65 18.40 -6.23
CA THR A 159 -21.50 17.77 -5.24
C THR A 159 -21.15 18.31 -3.87
N TYR A 160 -22.16 18.75 -3.15
CA TYR A 160 -21.97 19.25 -1.79
C TYR A 160 -22.51 18.21 -0.82
N VAL A 161 -21.64 17.74 0.06
CA VAL A 161 -21.97 16.76 1.10
C VAL A 161 -22.21 17.55 2.37
N VAL A 162 -23.45 17.54 2.85
CA VAL A 162 -23.84 18.27 4.05
C VAL A 162 -24.65 17.35 4.96
N GLY A 163 -24.76 17.76 6.23
CA GLY A 163 -25.89 17.30 7.00
C GLY A 163 -25.71 16.76 8.40
N ALA A 164 -24.54 16.21 8.72
CA ALA A 164 -24.37 15.46 9.96
C ALA A 164 -23.27 16.03 10.83
N CYS A 165 -23.52 16.07 12.13
CA CYS A 165 -22.47 16.29 13.10
C CYS A 165 -21.47 15.14 13.09
N PHE A 166 -20.19 15.47 13.13
CA PHE A 166 -19.16 14.46 13.36
C PHE A 166 -19.37 13.87 14.75
N ALA A 167 -19.51 12.53 14.80
CA ALA A 167 -19.78 11.86 16.07
C ALA A 167 -18.72 12.15 17.11
N ALA A 168 -17.47 12.32 16.70
CA ALA A 168 -16.41 12.52 17.67
C ALA A 168 -16.53 13.86 18.36
N TYR A 169 -17.14 14.83 17.72
CA TYR A 169 -17.24 16.13 18.34
C TYR A 169 -18.56 16.34 19.05
N PHE A 170 -19.58 15.56 18.72
CA PHE A 170 -20.91 15.81 19.26
C PHE A 170 -21.58 14.59 19.88
N ALA A 171 -21.17 13.39 19.57
CA ALA A 171 -21.77 12.21 20.17
C ALA A 171 -20.92 11.64 21.29
N GLY A 172 -19.67 11.32 21.01
CA GLY A 172 -18.82 10.66 21.99
C GLY A 172 -18.73 11.40 23.30
N ASN A 173 -18.96 12.71 23.28
CA ASN A 173 -18.90 13.55 24.48
C ASN A 173 -20.29 13.95 24.98
N LEU A 174 -21.35 13.37 24.44
CA LEU A 174 -22.69 13.76 24.82
C LEU A 174 -22.88 15.26 24.64
N SER A 175 -22.19 15.81 23.64
CA SER A 175 -22.36 17.17 23.17
C SER A 175 -21.91 18.21 24.19
N GLN A 176 -20.97 17.87 25.06
CA GLN A 176 -20.41 18.84 26.00
C GLN A 176 -19.21 19.52 25.35
N MET A 177 -19.07 20.82 25.57
CA MET A 177 -18.03 21.53 24.82
C MET A 177 -16.63 21.35 25.40
N VAL A 178 -16.51 21.04 26.70
CA VAL A 178 -15.19 21.05 27.31
C VAL A 178 -14.28 19.91 26.88
N THR A 179 -14.79 18.90 26.17
CA THR A 179 -14.06 17.64 26.14
C THR A 179 -14.54 16.84 24.93
N LEU A 180 -13.99 15.62 24.80
CA LEU A 180 -14.32 14.68 23.76
C LEU A 180 -14.59 13.27 24.34
N LEU A 181 -14.65 13.14 25.65
CA LEU A 181 -15.04 11.93 26.35
C LEU A 181 -16.38 12.11 27.01
N PRO A 182 -17.08 11.03 27.33
CA PRO A 182 -18.32 11.16 28.07
C PRO A 182 -18.03 11.70 29.46
N PRO A 183 -18.99 12.37 30.08
CA PRO A 183 -18.77 12.89 31.43
C PRO A 183 -18.97 11.80 32.46
N LYS A 184 -18.28 11.96 33.59
CA LYS A 184 -18.36 10.96 34.65
C LYS A 184 -19.73 10.96 35.30
N GLU A 185 -20.13 12.08 35.91
CA GLU A 185 -21.33 12.18 36.74
C GLU A 185 -22.36 13.21 36.28
N LYS A 186 -21.93 14.33 35.71
CA LYS A 186 -22.83 15.45 35.43
C LYS A 186 -22.79 15.81 33.95
N VAL A 187 -23.92 16.23 33.42
CA VAL A 187 -24.01 16.62 32.01
C VAL A 187 -24.96 17.79 31.87
N ASN A 188 -24.68 18.67 30.92
CA ASN A 188 -25.55 19.79 30.61
C ASN A 188 -26.43 19.45 29.43
N ILE A 189 -27.72 19.73 29.54
CA ILE A 189 -28.65 19.54 28.44
C ILE A 189 -29.02 20.90 27.90
N TYR A 190 -28.87 21.09 26.60
CA TYR A 190 -29.08 22.39 26.00
C TYR A 190 -30.56 22.60 25.78
N GLY A 191 -31.15 23.52 26.53
CA GLY A 191 -32.58 23.72 26.47
C GLY A 191 -33.30 22.54 27.09
N ASP A 192 -34.41 22.16 26.46
CA ASP A 192 -35.16 21.00 26.93
C ASP A 192 -34.50 19.70 26.51
N GLY A 193 -33.60 19.74 25.54
CA GLY A 193 -32.99 18.53 25.04
C GLY A 193 -33.87 17.78 24.08
N ASN A 194 -34.84 18.45 23.48
CA ASN A 194 -35.80 17.77 22.60
C ASN A 194 -35.70 18.24 21.17
N VAL A 195 -34.51 18.67 20.75
CA VAL A 195 -34.26 19.14 19.40
C VAL A 195 -33.46 18.08 18.68
N LYS A 196 -34.00 17.56 17.57
CA LYS A 196 -33.31 16.52 16.82
C LYS A 196 -32.00 17.04 16.22
N VAL A 197 -30.95 16.24 16.37
CA VAL A 197 -29.65 16.51 15.81
C VAL A 197 -29.25 15.27 15.03
N VAL A 198 -28.48 15.45 13.95
CA VAL A 198 -28.06 14.37 13.10
C VAL A 198 -26.61 14.05 13.42
N PHE A 199 -26.36 12.81 13.82
CA PHE A 199 -25.02 12.34 14.14
C PHE A 199 -24.59 11.30 13.12
N ALA A 200 -23.30 11.31 12.78
CA ALA A 200 -22.75 10.35 11.83
C ALA A 200 -21.31 10.04 12.21
N ASP A 201 -21.00 8.76 12.30
CA ASP A 201 -19.62 8.32 12.38
C ASP A 201 -18.85 8.87 11.18
N GLU A 202 -17.69 9.45 11.46
CA GLU A 202 -16.94 10.10 10.39
C GLU A 202 -16.50 9.10 9.33
N ASP A 203 -16.39 7.82 9.67
CA ASP A 203 -16.06 6.84 8.65
C ASP A 203 -17.23 6.66 7.70
N ASP A 204 -18.45 6.90 8.16
CA ASP A 204 -19.60 6.80 7.29
C ASP A 204 -19.69 7.99 6.35
N ILE A 205 -19.48 9.19 6.86
CA ILE A 205 -19.43 10.37 6.01
C ILE A 205 -18.42 10.16 4.89
N ALA A 206 -17.23 9.67 5.23
CA ALA A 206 -16.24 9.39 4.19
C ALA A 206 -16.74 8.32 3.23
N LYS A 207 -17.34 7.27 3.76
CA LYS A 207 -17.85 6.20 2.92
C LYS A 207 -18.91 6.73 1.95
N TYR A 208 -19.85 7.53 2.42
CA TYR A 208 -20.83 8.11 1.52
C TYR A 208 -20.16 9.00 0.47
N THR A 209 -19.19 9.80 0.90
CA THR A 209 -18.46 10.66 -0.03
C THR A 209 -17.87 9.85 -1.16
N ALA A 210 -17.24 8.73 -0.84
CA ALA A 210 -16.59 7.95 -1.88
C ALA A 210 -17.61 7.29 -2.81
N LYS A 211 -18.80 6.94 -2.29
CA LYS A 211 -19.82 6.34 -3.13
C LYS A 211 -20.57 7.36 -3.99
N THR A 212 -20.66 8.61 -3.54
CA THR A 212 -21.42 9.61 -4.29
C THR A 212 -20.61 10.32 -5.36
N LEU A 213 -19.29 10.43 -5.21
CA LEU A 213 -18.53 11.28 -6.12
C LEU A 213 -18.67 10.85 -7.59
N ASN A 214 -19.09 9.62 -7.87
CA ASN A 214 -19.35 9.26 -9.27
C ASN A 214 -20.73 8.62 -9.40
N ASP A 215 -21.64 9.01 -8.52
CA ASP A 215 -23.03 8.62 -8.66
C ASP A 215 -23.74 9.63 -9.56
N PRO A 216 -24.34 9.20 -10.67
CA PRO A 216 -24.98 10.19 -11.55
C PRO A 216 -26.15 10.88 -10.88
N ARG A 217 -26.75 10.26 -9.88
CA ARG A 217 -27.90 10.89 -9.25
C ARG A 217 -27.52 12.08 -8.38
N THR A 218 -26.24 12.21 -7.99
CA THR A 218 -25.81 13.33 -7.15
C THR A 218 -25.07 14.42 -7.94
N LEU A 219 -25.01 14.30 -9.26
CA LEU A 219 -24.34 15.29 -10.08
C LEU A 219 -25.05 16.64 -9.99
N ASN A 220 -24.29 17.68 -9.65
CA ASN A 220 -24.84 19.02 -9.42
C ASN A 220 -25.94 19.00 -8.35
N LYS A 221 -25.65 18.39 -7.22
CA LYS A 221 -26.65 18.23 -6.18
C LYS A 221 -26.04 18.42 -4.80
N THR A 222 -26.90 18.74 -3.85
CA THR A 222 -26.57 18.67 -2.42
C THR A 222 -26.96 17.30 -1.91
N VAL A 223 -26.02 16.60 -1.28
CA VAL A 223 -26.28 15.29 -0.71
C VAL A 223 -26.31 15.45 0.80
N ASN A 224 -27.39 15.01 1.42
CA ASN A 224 -27.52 15.11 2.87
C ASN A 224 -27.16 13.78 3.52
N ILE A 225 -26.46 13.86 4.64
CA ILE A 225 -26.13 12.70 5.44
C ILE A 225 -27.08 12.78 6.64
N ARG A 226 -28.21 12.12 6.51
CA ARG A 226 -29.24 12.10 7.55
C ARG A 226 -29.72 10.67 7.70
N PRO A 227 -28.96 9.82 8.37
CA PRO A 227 -29.37 8.44 8.52
C PRO A 227 -30.41 8.31 9.62
N PRO A 228 -31.58 7.75 9.30
CA PRO A 228 -32.74 7.91 10.21
C PRO A 228 -32.49 7.49 11.65
N ASP A 229 -31.76 6.39 11.87
CA ASP A 229 -31.57 5.90 13.24
C ASP A 229 -30.67 6.79 14.06
N ASN A 230 -29.95 7.72 13.42
CA ASN A 230 -29.02 8.59 14.09
C ASN A 230 -29.55 10.01 14.20
N VAL A 231 -30.81 10.23 13.85
CA VAL A 231 -31.48 11.50 14.11
C VAL A 231 -32.00 11.42 15.54
N LEU A 232 -31.28 12.03 16.46
CA LEU A 232 -31.56 11.92 17.88
C LEU A 232 -31.50 13.28 18.54
N THR A 233 -32.37 13.50 19.52
CA THR A 233 -32.23 14.63 20.40
C THR A 233 -31.06 14.40 21.34
N GLN A 234 -30.62 15.47 22.00
CA GLN A 234 -29.49 15.34 22.90
C GLN A 234 -29.88 14.56 24.15
N LEU A 235 -31.11 14.71 24.62
CA LEU A 235 -31.58 13.87 25.71
C LEU A 235 -31.65 12.41 25.30
N GLU A 236 -31.97 12.14 24.04
CA GLU A 236 -31.96 10.76 23.56
C GLU A 236 -30.55 10.18 23.52
N LEU A 237 -29.59 10.96 23.02
CA LEU A 237 -28.20 10.52 23.02
C LEU A 237 -27.68 10.34 24.43
N VAL A 238 -27.98 11.28 25.32
CA VAL A 238 -27.57 11.07 26.71
C VAL A 238 -28.22 9.81 27.28
N GLN A 239 -29.42 9.46 26.81
CA GLN A 239 -30.09 8.30 27.37
C GLN A 239 -29.47 7.02 26.86
N ILE A 240 -29.02 7.00 25.62
CA ILE A 240 -28.26 5.86 25.17
C ILE A 240 -27.07 5.63 26.09
N TRP A 241 -26.37 6.70 26.47
CA TRP A 241 -25.23 6.54 27.35
C TRP A 241 -25.65 6.01 28.70
N GLU A 242 -26.76 6.51 29.25
CA GLU A 242 -27.18 6.04 30.56
C GLU A 242 -27.52 4.56 30.53
N LYS A 243 -28.17 4.10 29.46
CA LYS A 243 -28.39 2.68 29.26
C LYS A 243 -27.05 1.93 29.27
N LEU A 244 -26.10 2.35 28.43
CA LEU A 244 -24.86 1.61 28.28
C LEU A 244 -24.12 1.47 29.59
N THR A 245 -24.29 2.42 30.50
CA THR A 245 -23.57 2.40 31.76
C THR A 245 -24.42 1.96 32.94
N GLY A 246 -25.73 1.83 32.74
CA GLY A 246 -26.59 1.53 33.87
C GLY A 246 -26.53 2.56 34.97
N LYS A 247 -26.23 3.80 34.63
CA LYS A 247 -26.06 4.84 35.63
C LYS A 247 -26.72 6.09 35.08
N GLU A 248 -27.40 6.83 35.92
CA GLU A 248 -28.07 8.04 35.47
C GLU A 248 -27.17 9.22 35.74
N LEU A 249 -27.11 10.14 34.80
CA LEU A 249 -26.31 11.35 34.98
C LEU A 249 -27.16 12.48 35.51
N GLU A 250 -26.61 13.26 36.42
CA GLU A 250 -27.25 14.50 36.82
C GLU A 250 -27.30 15.46 35.64
N LYS A 251 -28.52 15.83 35.22
CA LYS A 251 -28.74 16.65 34.05
C LYS A 251 -29.13 18.06 34.48
N THR A 252 -28.40 19.06 34.00
CA THR A 252 -28.74 20.46 34.20
C THR A 252 -29.21 21.02 32.87
N ASN A 253 -30.42 21.59 32.85
CA ASN A 253 -30.93 22.24 31.66
C ASN A 253 -30.37 23.66 31.54
N ILE A 254 -29.85 24.01 30.37
CA ILE A 254 -29.26 25.32 30.12
C ILE A 254 -30.09 26.05 29.09
N ALA A 255 -30.60 27.22 29.45
CA ALA A 255 -31.40 28.03 28.54
C ALA A 255 -30.51 28.79 27.58
N ALA A 256 -31.06 29.11 26.41
CA ALA A 256 -30.29 29.82 25.39
C ALA A 256 -29.64 31.08 25.96
N GLN A 257 -30.39 31.86 26.72
CA GLN A 257 -29.85 33.05 27.35
C GLN A 257 -28.66 32.73 28.23
N ASP A 258 -28.65 31.57 28.89
CA ASP A 258 -27.52 31.21 29.74
C ASP A 258 -26.36 30.61 28.96
N PHE A 259 -26.66 29.90 27.88
CA PHE A 259 -25.62 29.29 27.08
C PHE A 259 -24.79 30.35 26.37
N LEU A 260 -25.39 31.50 26.11
CA LEU A 260 -24.74 32.58 25.39
C LEU A 260 -24.24 33.68 26.31
N ALA A 261 -24.51 33.58 27.60
CA ALA A 261 -24.18 34.65 28.53
C ALA A 261 -22.71 35.04 28.43
N ASN A 262 -22.47 36.35 28.33
CA ASN A 262 -21.12 36.89 28.27
C ASN A 262 -20.31 36.30 27.11
N ILE A 263 -20.98 35.93 26.02
CA ILE A 263 -20.24 35.42 24.88
C ILE A 263 -19.29 36.49 24.38
N GLU A 264 -19.69 37.75 24.50
CA GLU A 264 -18.88 38.85 23.99
C GLU A 264 -17.49 38.86 24.61
N GLN A 265 -17.34 38.34 25.83
CA GLN A 265 -16.08 38.39 26.55
C GLN A 265 -15.18 37.20 26.27
N MET A 266 -15.55 36.30 25.36
CA MET A 266 -14.80 35.07 25.14
C MET A 266 -13.96 35.17 23.88
N GLU A 267 -12.94 34.31 23.80
CA GLU A 267 -12.02 34.33 22.67
C GLU A 267 -12.74 33.98 21.38
N ILE A 268 -12.31 34.58 20.28
CA ILE A 268 -13.06 34.45 19.03
C ILE A 268 -13.28 32.99 18.67
N PRO A 269 -12.30 32.09 18.75
CA PRO A 269 -12.58 30.71 18.38
C PRO A 269 -13.69 30.09 19.20
N HIS A 270 -13.73 30.35 20.50
CA HIS A 270 -14.78 29.74 21.31
C HIS A 270 -16.14 30.33 20.98
N GLN A 271 -16.20 31.63 20.72
CA GLN A 271 -17.44 32.25 20.29
C GLN A 271 -18.00 31.56 19.07
N ALA A 272 -17.12 31.14 18.17
CA ALA A 272 -17.58 30.50 16.95
C ALA A 272 -18.11 29.11 17.23
N GLY A 273 -17.45 28.39 18.13
CA GLY A 273 -17.96 27.09 18.52
C GLY A 273 -19.31 27.22 19.19
N ILE A 274 -19.43 28.18 20.11
CA ILE A 274 -20.70 28.41 20.78
C ILE A 274 -21.77 28.73 19.75
N GLY A 275 -21.43 29.50 18.73
CA GLY A 275 -22.40 29.82 17.71
C GLY A 275 -22.83 28.59 16.93
N HIS A 276 -21.88 27.71 16.64
CA HIS A 276 -22.23 26.52 15.88
C HIS A 276 -23.16 25.62 16.67
N PHE A 277 -22.78 25.35 17.92
CA PHE A 277 -23.63 24.60 18.84
C PHE A 277 -25.01 25.21 18.96
N TYR A 278 -25.10 26.53 19.13
CA TYR A 278 -26.40 27.19 19.22
C TYR A 278 -27.28 26.79 18.06
N HIS A 279 -26.76 26.87 16.84
CA HIS A 279 -27.60 26.57 15.69
C HIS A 279 -28.03 25.12 15.66
N ILE A 280 -27.15 24.22 16.10
CA ILE A 280 -27.47 22.79 16.04
C ILE A 280 -28.48 22.43 17.12
N PHE A 281 -28.19 22.79 18.36
CA PHE A 281 -28.96 22.29 19.48
C PHE A 281 -30.08 23.20 19.95
N TYR A 282 -30.07 24.49 19.63
CA TYR A 282 -31.18 25.36 20.00
C TYR A 282 -32.10 25.68 18.84
N GLU A 283 -31.56 25.98 17.66
CA GLU A 283 -32.39 26.22 16.50
C GLU A 283 -32.72 24.96 15.72
N GLY A 284 -31.95 23.88 15.93
CA GLY A 284 -32.11 22.64 15.22
C GLY A 284 -31.94 22.74 13.73
N CYS A 285 -30.85 23.34 13.25
CA CYS A 285 -30.73 23.60 11.83
C CYS A 285 -30.58 22.32 11.01
N LEU A 286 -30.16 21.22 11.60
CA LEU A 286 -29.93 20.01 10.82
C LEU A 286 -31.20 19.21 10.57
N THR A 287 -32.27 19.50 11.30
CA THR A 287 -33.52 18.74 11.22
C THR A 287 -34.72 19.65 11.04
N ASP A 288 -34.54 20.93 10.80
CA ASP A 288 -35.65 21.87 10.68
C ASP A 288 -36.18 21.99 9.27
N HIS A 289 -35.74 21.10 8.39
CA HIS A 289 -36.16 21.09 7.00
C HIS A 289 -36.14 19.64 6.58
N GLU A 290 -36.97 19.28 5.61
CA GLU A 290 -37.00 17.91 5.16
C GLU A 290 -36.29 17.76 3.83
N VAL A 291 -35.83 16.54 3.58
CA VAL A 291 -35.12 16.19 2.37
C VAL A 291 -35.67 14.85 1.92
N GLY A 292 -35.78 14.66 0.60
CA GLY A 292 -36.29 13.44 0.06
C GLY A 292 -35.24 12.34 0.04
N GLU A 293 -35.63 11.18 -0.47
CA GLU A 293 -34.67 10.08 -0.52
C GLU A 293 -33.73 10.15 -1.73
N ASP A 294 -34.00 11.00 -2.71
CA ASP A 294 -33.07 11.18 -3.82
C ASP A 294 -31.95 12.14 -3.47
N GLU A 295 -31.91 12.65 -2.25
CA GLU A 295 -30.82 13.55 -1.86
C GLU A 295 -30.29 13.24 -0.47
N GLU A 296 -30.50 12.03 0.04
CA GLU A 296 -30.01 11.64 1.36
C GLU A 296 -29.15 10.38 1.22
N ALA A 297 -27.97 10.41 1.84
CA ALA A 297 -26.94 9.40 1.58
C ALA A 297 -27.39 7.99 1.93
N SER A 298 -27.95 7.79 3.12
CA SER A 298 -28.24 6.42 3.54
C SER A 298 -29.32 5.77 2.70
N SER A 299 -30.14 6.56 2.03
CA SER A 299 -31.14 6.05 1.10
C SER A 299 -30.57 5.88 -0.30
N LEU A 300 -29.68 6.76 -0.72
CA LEU A 300 -29.02 6.56 -2.00
C LEU A 300 -28.07 5.38 -1.97
N TYR A 301 -27.53 5.05 -0.79
CA TYR A 301 -26.52 4.01 -0.65
C TYR A 301 -26.93 3.14 0.52
N PRO A 302 -27.94 2.31 0.32
CA PRO A 302 -28.48 1.54 1.44
C PRO A 302 -27.55 0.41 1.89
N ASP A 303 -26.64 -0.07 1.04
CA ASP A 303 -25.71 -1.09 1.49
C ASP A 303 -24.77 -0.58 2.56
N VAL A 304 -24.53 0.74 2.63
CA VAL A 304 -23.75 1.28 3.74
C VAL A 304 -24.48 1.01 5.04
N LYS A 305 -23.83 0.29 5.95
CA LYS A 305 -24.47 -0.13 7.19
C LYS A 305 -23.95 0.78 8.29
N TYR A 306 -24.47 2.01 8.31
CA TYR A 306 -23.89 3.06 9.12
C TYR A 306 -23.94 2.76 10.61
N LYS A 307 -22.86 3.09 11.30
CA LYS A 307 -22.79 2.85 12.73
C LYS A 307 -23.80 3.70 13.47
N ARG A 308 -24.55 3.07 14.36
CA ARG A 308 -25.54 3.74 15.20
C ARG A 308 -24.88 4.31 16.45
N MET A 309 -25.56 5.25 17.07
CA MET A 309 -24.89 6.01 18.11
C MET A 309 -24.60 5.14 19.33
N ASP A 310 -25.40 4.10 19.56
CA ASP A 310 -25.13 3.22 20.70
C ASP A 310 -23.86 2.41 20.50
N ASP A 311 -23.65 1.84 19.32
CA ASP A 311 -22.37 1.16 19.09
C ASP A 311 -21.21 2.14 19.05
N TYR A 312 -21.42 3.35 18.54
CA TYR A 312 -20.37 4.36 18.62
C TYR A 312 -20.01 4.63 20.08
N LEU A 313 -21.01 4.81 20.91
CA LEU A 313 -20.74 5.13 22.30
C LEU A 313 -20.16 3.95 23.06
N ARG A 314 -20.43 2.72 22.61
CA ARG A 314 -19.90 1.57 23.32
C ARG A 314 -18.38 1.59 23.34
N MET A 315 -17.74 2.15 22.31
CA MET A 315 -16.28 2.19 22.33
C MET A 315 -15.74 2.92 23.54
N PHE A 316 -16.57 3.72 24.21
CA PHE A 316 -16.08 4.55 25.30
C PHE A 316 -16.26 3.94 26.67
N LEU A 317 -16.98 2.84 26.80
CA LEU A 317 -17.26 2.18 28.06
C LEU A 317 -16.03 1.78 28.88
N LYS B 9 1.60 -11.09 31.16
CA LYS B 9 1.94 -11.39 32.54
C LYS B 9 2.84 -10.31 33.12
N THR B 10 3.82 -9.81 32.37
CA THR B 10 4.44 -8.55 32.76
C THR B 10 3.47 -7.42 32.46
N ARG B 11 3.23 -6.58 33.44
CA ARG B 11 2.26 -5.50 33.32
C ARG B 11 3.07 -4.23 33.18
N VAL B 12 2.92 -3.54 32.05
CA VAL B 12 3.68 -2.34 31.77
C VAL B 12 2.72 -1.15 31.78
N LEU B 13 3.21 -0.04 32.33
CA LEU B 13 2.57 1.26 32.23
C LEU B 13 3.41 2.16 31.34
N VAL B 14 2.87 2.55 30.21
CA VAL B 14 3.53 3.47 29.28
C VAL B 14 3.05 4.88 29.58
N VAL B 15 3.98 5.75 29.98
CA VAL B 15 3.70 7.16 30.22
C VAL B 15 4.27 7.93 29.03
N GLY B 16 3.41 8.66 28.33
CA GLY B 16 3.72 9.15 27.02
C GLY B 16 3.11 8.31 25.92
N ALA B 17 1.95 7.70 26.16
CA ALA B 17 1.43 6.69 25.26
C ALA B 17 1.19 7.22 23.85
N THR B 18 0.90 8.50 23.69
CA THR B 18 0.50 9.01 22.38
C THR B 18 1.63 9.73 21.69
N GLY B 19 2.79 9.84 22.32
CA GLY B 19 3.94 10.47 21.71
C GLY B 19 4.44 9.76 20.48
N TYR B 20 5.52 10.28 19.89
CA TYR B 20 5.98 9.74 18.61
C TYR B 20 6.50 8.32 18.76
N ILE B 21 7.51 8.12 19.62
CA ILE B 21 7.98 6.79 19.93
C ILE B 21 7.09 6.12 20.94
N GLY B 22 6.37 6.90 21.76
CA GLY B 22 5.56 6.33 22.82
C GLY B 22 4.45 5.45 22.28
N LYS B 23 3.72 5.92 21.28
CA LYS B 23 2.68 5.10 20.70
C LYS B 23 3.25 3.85 20.05
N ARG B 24 4.48 3.91 19.58
CA ARG B 24 5.09 2.71 19.02
C ARG B 24 5.45 1.73 20.13
N ILE B 25 5.83 2.23 21.30
CA ILE B 25 6.12 1.37 22.43
C ILE B 25 4.83 0.72 22.93
N VAL B 26 3.73 1.46 22.92
CA VAL B 26 2.44 0.88 23.30
C VAL B 26 2.15 -0.36 22.49
N ARG B 27 2.27 -0.26 21.18
CA ARG B 27 1.86 -1.36 20.32
C ARG B 27 2.86 -2.49 20.37
N ALA B 28 4.13 -2.17 20.55
CA ALA B 28 5.13 -3.20 20.67
C ALA B 28 4.93 -4.00 21.97
N CYS B 29 4.59 -3.30 23.05
CA CYS B 29 4.25 -3.99 24.28
C CYS B 29 3.09 -4.96 24.08
N LEU B 30 2.05 -4.51 23.38
CA LEU B 30 0.92 -5.40 23.12
C LEU B 30 1.35 -6.59 22.28
N ALA B 31 2.05 -6.34 21.19
CA ALA B 31 2.45 -7.45 20.33
C ALA B 31 3.36 -8.41 21.06
N GLU B 32 4.08 -7.92 22.05
CA GLU B 32 4.95 -8.78 22.81
C GLU B 32 4.20 -9.59 23.84
N GLY B 33 2.91 -9.30 24.05
CA GLY B 33 2.12 -9.99 25.03
C GLY B 33 2.15 -9.44 26.43
N HIS B 34 2.81 -8.31 26.68
CA HIS B 34 2.67 -7.69 27.98
C HIS B 34 1.22 -7.28 28.19
N GLU B 35 0.79 -7.27 29.44
CA GLU B 35 -0.50 -6.69 29.79
C GLU B 35 -0.28 -5.19 29.90
N THR B 36 -0.83 -4.41 28.97
CA THR B 36 -0.30 -3.08 28.69
C THR B 36 -1.26 -1.98 29.11
N TYR B 37 -0.79 -1.14 30.01
CA TYR B 37 -1.53 -0.02 30.56
C TYR B 37 -0.96 1.29 30.03
N VAL B 38 -1.83 2.22 29.68
CA VAL B 38 -1.40 3.51 29.14
C VAL B 38 -2.01 4.62 29.97
N LEU B 39 -1.19 5.59 30.36
CA LEU B 39 -1.62 6.76 31.13
C LEU B 39 -2.35 7.75 30.25
N GLN B 40 -3.67 7.90 30.45
CA GLN B 40 -4.46 8.93 29.77
C GLN B 40 -4.73 10.09 30.73
N ARG B 41 -4.16 11.18 30.46
CA ARG B 41 -4.22 12.39 31.25
C ARG B 41 -5.44 13.23 30.86
N PRO B 42 -6.09 13.86 31.83
CA PRO B 42 -7.30 14.65 31.53
C PRO B 42 -7.02 15.97 30.82
N GLU B 43 -5.78 16.43 30.80
CA GLU B 43 -5.48 17.66 30.08
C GLU B 43 -5.70 17.53 28.57
N ILE B 44 -5.73 16.31 28.01
CA ILE B 44 -5.71 16.19 26.56
C ILE B 44 -7.12 16.04 26.03
N GLY B 45 -8.08 16.66 26.73
CA GLY B 45 -9.47 16.44 26.42
C GLY B 45 -9.90 16.89 25.03
N LEU B 46 -9.31 17.95 24.50
CA LEU B 46 -9.76 18.50 23.21
C LEU B 46 -8.79 18.23 22.06
N GLU B 47 -7.76 17.43 22.27
CA GLU B 47 -6.87 16.97 21.21
C GLU B 47 -7.45 15.70 20.62
N ILE B 48 -8.17 15.85 19.52
CA ILE B 48 -8.88 14.72 18.94
C ILE B 48 -7.92 13.57 18.63
N GLU B 49 -6.73 13.87 18.10
CA GLU B 49 -5.83 12.80 17.70
C GLU B 49 -5.39 11.97 18.90
N LYS B 50 -5.12 12.60 20.04
CA LYS B 50 -4.75 11.82 21.21
C LYS B 50 -5.93 11.01 21.72
N VAL B 51 -7.13 11.59 21.74
CA VAL B 51 -8.28 10.86 22.26
C VAL B 51 -8.51 9.60 21.43
N GLN B 52 -8.35 9.70 20.12
CA GLN B 52 -8.67 8.56 19.27
C GLN B 52 -7.53 7.55 19.20
N LEU B 53 -6.31 7.95 19.56
CA LEU B 53 -5.28 6.97 19.80
C LEU B 53 -5.63 6.11 21.00
N PHE B 54 -6.02 6.73 22.10
CA PHE B 54 -6.42 5.98 23.27
C PHE B 54 -7.52 4.99 22.94
N LEU B 55 -8.54 5.42 22.18
CA LEU B 55 -9.53 4.46 21.73
C LEU B 55 -8.89 3.33 20.93
N SER B 56 -7.93 3.64 20.07
CA SER B 56 -7.39 2.59 19.23
C SER B 56 -6.56 1.62 20.05
N PHE B 57 -5.79 2.15 21.00
CA PHE B 57 -5.12 1.32 22.00
C PHE B 57 -6.13 0.42 22.75
N LYS B 58 -7.22 1.01 23.23
CA LYS B 58 -8.24 0.22 23.92
C LYS B 58 -8.67 -0.96 23.06
N LYS B 59 -9.04 -0.70 21.82
CA LYS B 59 -9.50 -1.76 20.94
C LYS B 59 -8.43 -2.84 20.77
N LEU B 60 -7.16 -2.48 20.87
CA LEU B 60 -6.09 -3.47 20.84
C LEU B 60 -5.91 -4.21 22.16
N GLY B 61 -6.58 -3.81 23.22
CA GLY B 61 -6.45 -4.50 24.49
C GLY B 61 -5.67 -3.74 25.54
N ALA B 62 -5.22 -2.53 25.24
CA ALA B 62 -4.56 -1.75 26.27
C ALA B 62 -5.56 -1.36 27.35
N ARG B 63 -5.06 -1.11 28.55
CA ARG B 63 -5.90 -0.71 29.65
C ARG B 63 -5.68 0.75 29.96
N ILE B 64 -6.76 1.51 29.95
CA ILE B 64 -6.70 2.93 30.21
C ILE B 64 -6.57 3.16 31.70
N VAL B 65 -5.67 4.04 32.09
CA VAL B 65 -5.45 4.42 33.47
C VAL B 65 -5.41 5.93 33.52
N GLU B 66 -6.29 6.53 34.32
CA GLU B 66 -6.38 7.98 34.40
C GLU B 66 -5.45 8.53 35.47
N GLY B 67 -4.73 9.58 35.12
CA GLY B 67 -3.74 10.16 36.00
C GLY B 67 -3.24 11.45 35.41
N SER B 68 -2.75 12.32 36.29
CA SER B 68 -2.24 13.63 35.90
C SER B 68 -0.93 13.85 36.62
N PHE B 69 0.03 14.47 35.93
CA PHE B 69 1.25 14.86 36.62
C PHE B 69 0.99 15.97 37.63
N SER B 70 -0.18 16.59 37.58
CA SER B 70 -0.60 17.58 38.56
C SER B 70 -1.35 16.96 39.73
N ASP B 71 -1.28 15.63 39.89
CA ASP B 71 -2.03 14.91 40.92
C ASP B 71 -1.17 13.74 41.41
N HIS B 72 -0.23 14.04 42.32
CA HIS B 72 0.77 13.08 42.76
C HIS B 72 0.15 11.72 43.10
N GLN B 73 -0.95 11.72 43.84
CA GLN B 73 -1.54 10.42 44.15
C GLN B 73 -2.06 9.71 42.89
N SER B 74 -2.48 10.45 41.87
CA SER B 74 -2.91 9.73 40.67
C SER B 74 -1.75 8.98 40.06
N LEU B 75 -0.57 9.59 40.07
CA LEU B 75 0.61 8.89 39.55
C LEU B 75 0.93 7.68 40.41
N VAL B 76 0.97 7.86 41.73
CA VAL B 76 1.20 6.73 42.62
C VAL B 76 0.21 5.60 42.31
N SER B 77 -1.08 5.93 42.26
CA SER B 77 -2.06 4.90 41.98
C SER B 77 -1.84 4.31 40.60
N ALA B 78 -1.35 5.12 39.66
CA ALA B 78 -1.10 4.59 38.34
C ALA B 78 -0.02 3.51 38.41
N VAL B 79 1.15 3.87 38.93
CA VAL B 79 2.28 2.94 38.94
C VAL B 79 2.08 1.79 39.91
N LYS B 80 1.09 1.86 40.81
CA LYS B 80 0.87 0.73 41.68
C LYS B 80 0.32 -0.47 40.92
N LEU B 81 -0.23 -0.25 39.73
CA LEU B 81 -0.90 -1.34 39.05
C LEU B 81 0.04 -2.21 38.22
N VAL B 82 1.31 -1.85 38.07
CA VAL B 82 2.17 -2.49 37.09
C VAL B 82 3.46 -2.95 37.74
N ASP B 83 4.22 -3.77 37.00
CA ASP B 83 5.58 -4.15 37.34
C ASP B 83 6.64 -3.26 36.69
N VAL B 84 6.38 -2.70 35.51
CA VAL B 84 7.37 -1.99 34.71
C VAL B 84 6.75 -0.70 34.20
N VAL B 85 7.48 0.40 34.30
CA VAL B 85 7.03 1.69 33.80
C VAL B 85 7.97 2.11 32.67
N VAL B 86 7.41 2.43 31.51
CA VAL B 86 8.18 2.99 30.41
C VAL B 86 7.71 4.43 30.21
N SER B 87 8.66 5.37 30.31
CA SER B 87 8.40 6.78 30.03
C SER B 87 8.88 7.14 28.64
N ALA B 88 8.04 7.83 27.90
CA ALA B 88 8.41 8.30 26.57
C ALA B 88 8.22 9.81 26.50
N MET B 89 8.46 10.46 27.63
CA MET B 89 8.28 11.90 27.74
C MET B 89 8.98 12.61 26.59
N SER B 90 8.35 13.69 26.14
CA SER B 90 8.86 14.53 25.06
C SER B 90 10.24 15.09 25.42
N GLY B 91 11.01 15.45 24.40
CA GLY B 91 12.35 16.00 24.61
C GLY B 91 13.06 16.64 23.44
N VAL B 92 12.30 17.00 22.41
CA VAL B 92 12.82 17.69 21.22
C VAL B 92 12.32 19.12 21.24
N HIS B 93 13.23 20.05 20.94
CA HIS B 93 12.93 21.47 21.10
C HIS B 93 11.93 21.99 20.08
N PHE B 94 11.90 21.45 18.85
CA PHE B 94 10.89 21.97 17.94
C PHE B 94 9.53 21.27 18.10
N ARG B 95 9.41 20.35 19.04
CA ARG B 95 8.13 19.80 19.44
C ARG B 95 7.81 20.23 20.87
N SER B 96 8.53 19.69 21.85
CA SER B 96 8.27 19.84 23.26
C SER B 96 9.42 19.18 24.00
N HIS B 97 9.88 19.81 25.09
CA HIS B 97 11.10 19.39 25.79
C HIS B 97 10.82 19.39 27.28
N ASN B 98 10.20 18.32 27.76
CA ASN B 98 9.70 18.28 29.13
C ASN B 98 10.25 17.08 29.86
N ILE B 99 11.51 16.75 29.58
CA ILE B 99 12.15 15.62 30.24
C ILE B 99 11.98 15.72 31.75
N LEU B 100 12.16 16.90 32.31
CA LEU B 100 12.25 17.03 33.76
C LEU B 100 10.93 16.75 34.44
N VAL B 101 9.81 16.81 33.70
CA VAL B 101 8.54 16.42 34.28
C VAL B 101 8.57 15.00 34.80
N GLN B 102 9.51 14.17 34.34
CA GLN B 102 9.57 12.80 34.81
C GLN B 102 9.92 12.72 36.29
N LEU B 103 10.52 13.79 36.84
CA LEU B 103 10.92 13.74 38.25
C LEU B 103 9.72 13.45 39.15
N LYS B 104 8.55 14.00 38.82
CA LYS B 104 7.36 13.66 39.57
C LYS B 104 7.00 12.17 39.44
N LEU B 105 7.13 11.63 38.23
CA LEU B 105 6.90 10.19 38.04
C LEU B 105 7.88 9.37 38.86
N VAL B 106 9.12 9.84 38.95
CA VAL B 106 10.11 9.14 39.77
C VAL B 106 9.69 9.19 41.23
N GLU B 107 9.24 10.35 41.70
CA GLU B 107 8.76 10.46 43.07
C GLU B 107 7.65 9.45 43.34
N ALA B 108 6.65 9.42 42.46
CA ALA B 108 5.58 8.44 42.61
C ALA B 108 6.11 7.01 42.64
N ILE B 109 7.05 6.66 41.75
CA ILE B 109 7.56 5.30 41.73
C ILE B 109 8.26 4.98 43.04
N LYS B 110 8.97 5.96 43.59
CA LYS B 110 9.61 5.81 44.89
C LYS B 110 8.57 5.55 45.97
N GLU B 111 7.56 6.41 46.06
CA GLU B 111 6.59 6.23 47.12
C GLU B 111 5.86 4.89 47.00
N ALA B 112 5.63 4.44 45.77
CA ALA B 112 4.77 3.27 45.58
C ALA B 112 5.49 1.97 45.89
N GLY B 113 6.78 1.88 45.58
CA GLY B 113 7.61 0.78 46.02
C GLY B 113 7.46 -0.53 45.27
N ASN B 114 6.41 -0.72 44.48
CA ASN B 114 6.21 -2.01 43.81
C ASN B 114 6.92 -2.13 42.47
N VAL B 115 7.43 -1.05 41.91
CA VAL B 115 7.88 -1.08 40.51
C VAL B 115 9.15 -1.91 40.39
N LYS B 116 9.13 -2.92 39.53
CA LYS B 116 10.31 -3.76 39.35
C LYS B 116 11.31 -3.17 38.37
N ARG B 117 10.91 -2.24 37.51
CA ARG B 117 11.85 -1.64 36.58
C ARG B 117 11.24 -0.39 35.98
N PHE B 118 12.10 0.59 35.73
CA PHE B 118 11.70 1.84 35.11
C PHE B 118 12.55 2.05 33.87
N LEU B 119 11.91 2.39 32.75
CA LEU B 119 12.61 2.83 31.55
C LEU B 119 12.32 4.30 31.31
N PRO B 120 13.25 5.19 31.63
CA PRO B 120 13.00 6.63 31.42
C PRO B 120 13.11 7.00 29.94
N SER B 121 12.71 8.23 29.62
CA SER B 121 12.66 8.68 28.23
C SER B 121 14.08 8.97 27.74
N GLU B 122 14.72 7.94 27.22
CA GLU B 122 16.09 8.05 26.74
C GLU B 122 16.04 7.99 25.22
N PHE B 123 16.34 6.85 24.61
CA PHE B 123 16.06 6.57 23.20
C PHE B 123 16.86 7.42 22.23
N GLY B 124 18.02 7.94 22.63
CA GLY B 124 18.85 8.75 21.73
C GLY B 124 20.32 8.65 22.05
N MET B 125 20.99 9.79 22.01
CA MET B 125 22.40 9.83 22.37
C MET B 125 22.58 9.48 23.83
N ASP B 126 23.73 8.90 24.15
CA ASP B 126 23.98 8.38 25.48
C ASP B 126 24.45 9.52 26.39
N PRO B 127 23.60 9.97 27.30
CA PRO B 127 23.79 11.28 27.94
C PRO B 127 25.11 11.37 28.70
N PRO B 128 25.48 10.35 29.46
CA PRO B 128 26.74 10.41 30.20
C PRO B 128 27.97 10.59 29.32
N ARG B 129 27.83 10.44 28.01
CA ARG B 129 28.97 10.68 27.12
C ARG B 129 28.89 12.02 26.45
N MET B 130 27.86 12.80 26.73
CA MET B 130 27.67 14.11 26.14
C MET B 130 28.12 15.24 27.06
N GLY B 131 29.15 14.98 27.87
CA GLY B 131 29.58 15.98 28.84
C GLY B 131 29.94 17.31 28.21
N HIS B 132 30.67 17.28 27.08
CA HIS B 132 31.22 18.47 26.46
C HIS B 132 30.30 19.03 25.38
N ALA B 133 29.00 18.90 25.55
CA ALA B 133 28.09 19.21 24.46
C ALA B 133 27.75 20.70 24.41
N LEU B 134 27.33 21.14 23.21
CA LEU B 134 27.11 22.56 22.93
C LEU B 134 25.70 22.96 23.35
N PRO B 135 25.55 24.07 24.12
CA PRO B 135 24.23 24.65 24.44
C PRO B 135 23.59 25.22 23.18
N PRO B 136 22.25 25.25 23.10
CA PRO B 136 21.24 24.79 24.07
C PRO B 136 20.95 23.27 23.99
N GLY B 137 21.31 22.64 22.86
CA GLY B 137 21.09 21.21 22.72
C GLY B 137 21.60 20.37 23.87
N ARG B 138 22.58 20.88 24.61
CA ARG B 138 23.05 20.20 25.81
C ARG B 138 21.92 19.98 26.81
N GLU B 139 20.91 20.86 26.79
CA GLU B 139 19.78 20.74 27.70
C GLU B 139 19.24 19.32 27.74
N THR B 140 19.17 18.67 26.57
CA THR B 140 18.58 17.34 26.48
C THR B 140 19.34 16.33 27.35
N PHE B 141 20.67 16.36 27.31
CA PHE B 141 21.44 15.38 28.04
C PHE B 141 21.53 15.70 29.52
N ASP B 142 21.52 16.98 29.89
CA ASP B 142 21.60 17.33 31.30
C ASP B 142 20.30 16.98 32.01
N GLN B 143 19.16 17.18 31.36
CA GLN B 143 17.88 16.88 31.99
C GLN B 143 17.69 15.38 32.16
N LYS B 144 18.13 14.59 31.17
CA LYS B 144 18.05 13.13 31.28
C LYS B 144 19.01 12.61 32.33
N MET B 145 20.14 13.29 32.52
CA MET B 145 21.04 12.84 33.56
C MET B 145 20.55 13.24 34.94
N GLU B 146 19.88 14.39 35.05
CA GLU B 146 19.23 14.71 36.30
C GLU B 146 18.14 13.71 36.63
N VAL B 147 17.43 13.23 35.62
CA VAL B 147 16.42 12.20 35.85
C VAL B 147 17.11 10.88 36.21
N ARG B 148 18.19 10.54 35.51
CA ARG B 148 18.93 9.33 35.85
C ARG B 148 19.34 9.34 37.31
N GLN B 149 19.77 10.50 37.81
CA GLN B 149 20.30 10.55 39.17
C GLN B 149 19.20 10.40 40.20
N ALA B 150 18.00 10.92 39.92
CA ALA B 150 16.87 10.64 40.81
C ALA B 150 16.50 9.16 40.82
N ILE B 151 16.63 8.47 39.68
CA ILE B 151 16.25 7.07 39.64
C ILE B 151 17.18 6.26 40.52
N GLU B 152 18.45 6.61 40.54
CA GLU B 152 19.43 5.82 41.24
C GLU B 152 19.56 6.26 42.69
N ALA B 153 19.48 7.56 42.93
CA ALA B 153 19.31 8.07 44.29
C ALA B 153 18.11 7.41 44.98
N ALA B 154 17.05 7.14 44.24
CA ALA B 154 15.88 6.53 44.83
C ALA B 154 15.93 5.03 44.81
N GLY B 155 17.04 4.46 44.36
CA GLY B 155 17.16 3.01 44.26
C GLY B 155 16.11 2.35 43.40
N ILE B 156 15.73 2.96 42.28
CA ILE B 156 14.73 2.39 41.38
C ILE B 156 15.46 1.59 40.31
N PRO B 157 15.08 0.35 40.03
CA PRO B 157 15.75 -0.40 38.98
C PRO B 157 15.44 0.15 37.60
N TYR B 158 16.45 0.18 36.75
CA TYR B 158 16.36 0.92 35.51
C TYR B 158 16.85 0.10 34.33
N THR B 159 16.48 0.56 33.13
CA THR B 159 17.16 0.15 31.90
C THR B 159 17.16 1.35 30.98
N TYR B 160 18.31 1.67 30.43
CA TYR B 160 18.46 2.81 29.56
C TYR B 160 18.64 2.32 28.13
N VAL B 161 17.69 2.66 27.26
CA VAL B 161 17.73 2.33 25.83
C VAL B 161 18.31 3.53 25.08
N VAL B 162 19.51 3.35 24.51
CA VAL B 162 20.22 4.46 23.88
C VAL B 162 20.74 4.01 22.52
N GLY B 163 21.21 4.99 21.77
CA GLY B 163 22.25 4.78 20.78
C GLY B 163 21.87 4.92 19.33
N ALA B 164 20.61 5.11 18.96
CA ALA B 164 20.23 5.08 17.56
C ALA B 164 19.48 6.34 17.13
N CYS B 165 19.80 6.82 15.92
CA CYS B 165 19.03 7.87 15.24
C CYS B 165 17.70 7.31 14.76
N PHE B 166 16.61 7.95 15.15
CA PHE B 166 15.31 7.62 14.60
C PHE B 166 15.39 7.73 13.09
N ALA B 167 14.99 6.67 12.39
CA ALA B 167 15.14 6.64 10.94
C ALA B 167 14.34 7.74 10.24
N ALA B 168 13.20 8.16 10.80
CA ALA B 168 12.40 9.16 10.12
C ALA B 168 13.11 10.51 10.09
N TYR B 169 13.93 10.78 11.10
CA TYR B 169 14.51 12.09 11.28
C TYR B 169 15.91 12.20 10.72
N PHE B 170 16.52 11.11 10.30
CA PHE B 170 17.90 11.14 9.86
C PHE B 170 18.16 10.27 8.65
N ALA B 171 17.25 9.39 8.27
CA ALA B 171 17.48 8.51 7.15
C ALA B 171 16.55 8.78 5.98
N GLY B 172 15.25 8.95 6.24
CA GLY B 172 14.34 9.20 5.15
C GLY B 172 14.54 10.54 4.48
N ASN B 173 15.33 11.41 5.10
CA ASN B 173 15.68 12.71 4.56
C ASN B 173 17.15 12.78 4.16
N LEU B 174 17.82 11.65 4.08
CA LEU B 174 19.27 11.64 3.86
C LEU B 174 19.97 12.63 4.78
N SER B 175 19.46 12.75 6.00
CA SER B 175 20.08 13.56 7.04
C SER B 175 20.01 15.04 6.72
N GLN B 176 19.05 15.44 5.90
CA GLN B 176 18.83 16.84 5.58
C GLN B 176 17.87 17.45 6.60
N MET B 177 18.25 18.57 7.19
CA MET B 177 17.46 19.14 8.26
C MET B 177 16.25 19.88 7.70
N VAL B 178 15.21 19.97 8.52
CA VAL B 178 14.10 20.87 8.21
C VAL B 178 13.29 20.32 7.05
N THR B 179 13.52 19.05 6.75
CA THR B 179 12.65 18.29 5.86
C THR B 179 12.66 16.84 6.33
N LEU B 180 11.71 16.06 5.83
CA LEU B 180 11.62 14.66 6.19
C LEU B 180 11.60 13.74 4.97
N LEU B 181 11.84 14.27 3.78
CA LEU B 181 11.80 13.49 2.56
C LEU B 181 13.15 13.55 1.85
N PRO B 182 13.44 12.63 0.96
CA PRO B 182 14.69 12.66 0.26
C PRO B 182 14.74 13.83 -0.70
N PRO B 183 15.87 14.52 -0.82
CA PRO B 183 15.96 15.63 -1.75
C PRO B 183 15.94 15.15 -3.19
N LYS B 184 15.50 16.03 -4.10
CA LYS B 184 15.31 15.57 -5.48
C LYS B 184 16.58 15.60 -6.29
N GLU B 185 17.46 16.52 -6.02
CA GLU B 185 18.57 16.62 -6.96
C GLU B 185 19.90 16.82 -6.30
N LYS B 186 19.94 17.58 -5.21
CA LYS B 186 21.17 17.97 -4.54
C LYS B 186 21.06 17.56 -3.08
N VAL B 187 22.15 17.08 -2.52
CA VAL B 187 22.20 16.73 -1.11
C VAL B 187 23.42 17.40 -0.51
N ASN B 188 23.28 17.90 0.71
CA ASN B 188 24.40 18.34 1.52
C ASN B 188 25.03 17.17 2.27
N ILE B 189 26.35 17.14 2.34
CA ILE B 189 27.08 16.11 3.06
C ILE B 189 27.94 16.79 4.08
N TYR B 190 27.77 16.41 5.34
CA TYR B 190 28.51 17.00 6.44
C TYR B 190 29.92 16.43 6.48
N GLY B 191 30.92 17.32 6.41
CA GLY B 191 32.28 16.86 6.35
C GLY B 191 32.51 16.05 5.10
N ASP B 192 33.43 15.10 5.20
CA ASP B 192 33.65 14.18 4.09
C ASP B 192 32.48 13.21 3.94
N GLY B 193 31.66 13.04 4.98
CA GLY B 193 30.60 12.05 4.94
C GLY B 193 31.04 10.65 5.22
N ASN B 194 32.15 10.45 5.91
CA ASN B 194 32.66 9.13 6.23
C ASN B 194 32.63 8.84 7.73
N VAL B 195 31.82 9.58 8.47
CA VAL B 195 31.62 9.33 9.89
C VAL B 195 30.47 8.34 10.04
N LYS B 196 30.69 7.30 10.81
CA LYS B 196 29.69 6.25 10.95
C LYS B 196 28.60 6.73 11.91
N VAL B 197 27.36 6.62 11.46
CA VAL B 197 26.17 6.98 12.22
C VAL B 197 25.33 5.72 12.42
N VAL B 198 24.51 5.72 13.45
CA VAL B 198 23.63 4.59 13.74
C VAL B 198 22.20 5.01 13.44
N PHE B 199 21.53 4.24 12.59
CA PHE B 199 20.15 4.47 12.23
C PHE B 199 19.29 3.28 12.62
N ALA B 200 18.12 3.54 13.18
CA ALA B 200 17.17 2.46 13.42
C ALA B 200 15.75 2.91 13.14
N ASP B 201 15.02 2.08 12.39
CA ASP B 201 13.57 2.16 12.31
C ASP B 201 12.94 2.22 13.69
N GLU B 202 12.10 3.22 13.92
CA GLU B 202 11.55 3.45 15.24
C GLU B 202 10.68 2.28 15.71
N ASP B 203 10.18 1.45 14.80
CA ASP B 203 9.46 0.27 15.23
C ASP B 203 10.40 -0.81 15.77
N ASP B 204 11.62 -0.88 15.26
CA ASP B 204 12.61 -1.75 15.85
C ASP B 204 13.04 -1.23 17.21
N ILE B 205 13.14 0.08 17.38
CA ILE B 205 13.44 0.62 18.69
C ILE B 205 12.36 0.21 19.69
N ALA B 206 11.09 0.32 19.30
CA ALA B 206 10.03 -0.02 20.22
C ALA B 206 10.01 -1.52 20.49
N LYS B 207 10.31 -2.31 19.47
CA LYS B 207 10.27 -3.74 19.68
C LYS B 207 11.39 -4.18 20.63
N TYR B 208 12.59 -3.64 20.45
CA TYR B 208 13.66 -3.94 21.38
C TYR B 208 13.30 -3.51 22.80
N THR B 209 12.67 -2.34 22.91
CA THR B 209 12.23 -1.84 24.20
C THR B 209 11.27 -2.83 24.85
N ALA B 210 10.25 -3.25 24.11
CA ALA B 210 9.29 -4.20 24.66
C ALA B 210 9.94 -5.52 25.05
N LYS B 211 11.03 -5.87 24.37
CA LYS B 211 11.69 -7.14 24.64
C LYS B 211 12.66 -7.03 25.80
N THR B 212 13.21 -5.85 26.05
CA THR B 212 14.22 -5.72 27.09
C THR B 212 13.64 -5.46 28.46
N LEU B 213 12.40 -4.98 28.55
CA LEU B 213 11.92 -4.51 29.84
C LEU B 213 11.62 -5.66 30.82
N ASN B 214 11.53 -6.90 30.38
CA ASN B 214 11.47 -8.03 31.32
C ASN B 214 12.64 -8.98 31.15
N ASP B 215 13.76 -8.51 30.61
CA ASP B 215 14.97 -9.29 30.38
C ASP B 215 15.91 -9.18 31.57
N PRO B 216 16.15 -10.27 32.31
CA PRO B 216 17.08 -10.16 33.44
C PRO B 216 18.44 -9.63 33.05
N ARG B 217 18.93 -9.98 31.86
CA ARG B 217 20.25 -9.56 31.42
C ARG B 217 20.40 -8.05 31.29
N THR B 218 19.33 -7.28 31.34
CA THR B 218 19.46 -5.85 31.14
C THR B 218 18.89 -5.04 32.30
N LEU B 219 18.66 -5.68 33.44
CA LEU B 219 18.27 -4.97 34.66
C LEU B 219 19.41 -4.10 35.15
N ASN B 220 19.15 -2.80 35.32
CA ASN B 220 20.15 -1.81 35.70
C ASN B 220 21.29 -1.74 34.68
N LYS B 221 20.95 -1.77 33.41
CA LYS B 221 21.96 -1.66 32.36
C LYS B 221 21.56 -0.59 31.35
N THR B 222 22.57 -0.01 30.71
CA THR B 222 22.38 0.69 29.44
C THR B 222 22.29 -0.35 28.34
N VAL B 223 21.27 -0.23 27.49
CA VAL B 223 21.14 -1.10 26.34
C VAL B 223 21.33 -0.26 25.09
N ASN B 224 22.35 -0.60 24.30
CA ASN B 224 22.60 0.09 23.05
C ASN B 224 21.79 -0.55 21.95
N ILE B 225 21.14 0.29 21.14
CA ILE B 225 20.51 -0.18 19.91
C ILE B 225 21.49 0.19 18.81
N ARG B 226 22.30 -0.79 18.39
CA ARG B 226 23.29 -0.57 17.34
C ARG B 226 23.28 -1.72 16.36
N PRO B 227 22.25 -1.82 15.54
CA PRO B 227 22.15 -2.91 14.60
C PRO B 227 23.24 -2.83 13.55
N PRO B 228 24.15 -3.81 13.50
CA PRO B 228 25.37 -3.65 12.69
C PRO B 228 25.14 -3.27 11.25
N ASP B 229 24.10 -3.82 10.60
CA ASP B 229 23.85 -3.48 9.21
C ASP B 229 23.42 -2.04 9.00
N ASN B 230 23.01 -1.34 10.07
CA ASN B 230 22.56 0.04 9.97
C ASN B 230 23.59 1.01 10.53
N VAL B 231 24.84 0.56 10.67
CA VAL B 231 25.94 1.45 11.01
C VAL B 231 26.51 1.97 9.68
N LEU B 232 26.13 3.18 9.32
CA LEU B 232 26.39 3.71 8.00
C LEU B 232 26.99 5.10 8.12
N THR B 233 27.87 5.43 7.20
CA THR B 233 28.17 6.84 7.03
C THR B 233 27.04 7.51 6.25
N GLN B 234 27.01 8.83 6.27
CA GLN B 234 25.99 9.54 5.52
C GLN B 234 26.11 9.27 4.02
N LEU B 235 27.33 9.14 3.50
CA LEU B 235 27.49 8.85 2.08
C LEU B 235 26.94 7.46 1.75
N GLU B 236 27.21 6.49 2.60
CA GLU B 236 26.61 5.18 2.37
C GLU B 236 25.09 5.28 2.40
N LEU B 237 24.55 6.01 3.38
CA LEU B 237 23.12 6.23 3.40
C LEU B 237 22.65 6.83 2.07
N VAL B 238 23.30 7.91 1.62
CA VAL B 238 22.91 8.57 0.37
C VAL B 238 23.05 7.60 -0.80
N GLN B 239 24.09 6.79 -0.80
CA GLN B 239 24.28 5.86 -1.90
C GLN B 239 23.22 4.78 -1.95
N ILE B 240 22.55 4.50 -0.82
CA ILE B 240 21.45 3.56 -0.89
C ILE B 240 20.28 4.16 -1.66
N TRP B 241 19.92 5.40 -1.35
CA TRP B 241 18.88 6.08 -2.08
C TRP B 241 19.20 6.16 -3.58
N GLU B 242 20.46 6.44 -3.90
CA GLU B 242 20.84 6.56 -5.29
C GLU B 242 20.63 5.24 -6.02
N LYS B 243 20.85 4.12 -5.36
CA LYS B 243 20.65 2.83 -6.01
C LYS B 243 19.17 2.49 -6.13
N LEU B 244 18.37 2.87 -5.15
CA LEU B 244 16.93 2.72 -5.29
C LEU B 244 16.40 3.55 -6.46
N THR B 245 16.77 4.82 -6.53
CA THR B 245 16.19 5.69 -7.55
C THR B 245 16.85 5.51 -8.90
N GLY B 246 18.11 5.09 -8.91
CA GLY B 246 18.83 5.14 -10.16
C GLY B 246 19.25 6.52 -10.60
N LYS B 247 19.18 7.52 -9.73
CA LYS B 247 19.56 8.89 -10.04
C LYS B 247 20.66 9.33 -9.09
N GLU B 248 21.79 9.77 -9.62
CA GLU B 248 22.85 10.32 -8.79
C GLU B 248 22.50 11.71 -8.32
N LEU B 249 22.88 12.02 -7.09
CA LEU B 249 22.62 13.34 -6.55
C LEU B 249 23.89 14.18 -6.59
N GLU B 250 23.71 15.48 -6.75
CA GLU B 250 24.82 16.40 -6.72
C GLU B 250 25.17 16.72 -5.27
N LYS B 251 26.38 16.39 -4.88
CA LYS B 251 26.78 16.42 -3.48
C LYS B 251 27.64 17.64 -3.23
N THR B 252 27.28 18.40 -2.19
CA THR B 252 28.03 19.54 -1.71
C THR B 252 28.48 19.26 -0.31
N ASN B 253 29.79 19.28 -0.07
CA ASN B 253 30.32 19.07 1.25
C ASN B 253 30.28 20.37 2.03
N ILE B 254 30.12 20.24 3.35
CA ILE B 254 29.95 21.38 4.24
C ILE B 254 30.88 21.17 5.42
N ALA B 255 31.82 22.09 5.61
CA ALA B 255 32.81 21.97 6.68
C ALA B 255 32.20 22.37 8.00
N ALA B 256 32.76 21.82 9.07
CA ALA B 256 32.26 22.07 10.41
C ALA B 256 32.08 23.55 10.68
N GLN B 257 33.06 24.36 10.28
CA GLN B 257 33.02 25.79 10.57
C GLN B 257 31.84 26.47 9.87
N ASP B 258 31.46 26.00 8.69
CA ASP B 258 30.33 26.61 8.02
C ASP B 258 29.01 26.06 8.52
N PHE B 259 28.99 24.81 8.99
CA PHE B 259 27.77 24.26 9.55
C PHE B 259 27.40 24.98 10.85
N LEU B 260 28.39 25.32 11.65
CA LEU B 260 28.18 25.96 12.95
C LEU B 260 28.15 27.48 12.87
N ALA B 261 28.25 28.07 11.69
CA ALA B 261 28.45 29.52 11.61
C ALA B 261 27.20 30.26 12.04
N ASN B 262 27.38 31.26 12.90
CA ASN B 262 26.30 32.16 13.29
C ASN B 262 25.22 31.42 14.06
N ILE B 263 25.62 30.34 14.73
CA ILE B 263 24.66 29.53 15.45
C ILE B 263 23.91 30.36 16.47
N GLU B 264 24.60 31.25 17.19
CA GLU B 264 23.94 32.09 18.18
C GLU B 264 22.82 32.93 17.60
N GLN B 265 22.75 33.12 16.29
CA GLN B 265 21.67 33.89 15.70
C GLN B 265 20.48 33.03 15.32
N MET B 266 20.48 31.75 15.67
CA MET B 266 19.44 30.82 15.26
C MET B 266 18.32 30.77 16.30
N GLU B 267 17.10 30.45 15.86
CA GLU B 267 16.04 30.10 16.79
C GLU B 267 16.50 28.95 17.68
N ILE B 268 16.38 29.10 18.99
CA ILE B 268 17.17 28.22 19.85
C ILE B 268 16.80 26.74 19.69
N PRO B 269 15.58 26.36 19.29
CA PRO B 269 15.35 24.97 18.87
C PRO B 269 16.19 24.54 17.67
N HIS B 270 16.58 25.46 16.81
CA HIS B 270 17.47 25.11 15.70
C HIS B 270 18.92 25.08 16.17
N GLN B 271 19.26 25.88 17.17
CA GLN B 271 20.57 25.71 17.81
C GLN B 271 20.69 24.32 18.39
N ALA B 272 19.60 23.83 19.02
CA ALA B 272 19.65 22.50 19.62
C ALA B 272 19.83 21.44 18.54
N GLY B 273 19.12 21.59 17.43
CA GLY B 273 19.24 20.63 16.34
C GLY B 273 20.62 20.66 15.71
N ILE B 274 21.12 21.86 15.40
CA ILE B 274 22.46 21.98 14.84
C ILE B 274 23.47 21.25 15.73
N GLY B 275 23.47 21.57 17.03
CA GLY B 275 24.41 20.92 17.93
C GLY B 275 24.29 19.41 17.93
N HIS B 276 23.06 18.91 17.90
CA HIS B 276 22.87 17.47 17.90
C HIS B 276 23.42 16.84 16.63
N PHE B 277 23.10 17.41 15.46
CA PHE B 277 23.70 16.92 14.22
C PHE B 277 25.22 16.98 14.29
N TYR B 278 25.76 18.09 14.80
CA TYR B 278 27.21 18.21 14.86
C TYR B 278 27.83 17.04 15.60
N HIS B 279 27.25 16.66 16.74
CA HIS B 279 27.79 15.54 17.50
C HIS B 279 27.61 14.23 16.78
N ILE B 280 26.51 14.07 16.03
CA ILE B 280 26.25 12.81 15.36
C ILE B 280 27.11 12.69 14.11
N PHE B 281 27.05 13.69 13.23
CA PHE B 281 27.67 13.58 11.92
C PHE B 281 29.09 14.06 11.86
N TYR B 282 29.50 14.98 12.72
CA TYR B 282 30.86 15.48 12.65
C TYR B 282 31.79 14.83 13.65
N GLU B 283 31.35 14.58 14.87
CA GLU B 283 32.20 13.96 15.88
C GLU B 283 31.96 12.46 16.03
N GLY B 284 30.94 11.93 15.37
CA GLY B 284 30.59 10.52 15.47
C GLY B 284 30.37 10.00 16.87
N CYS B 285 29.62 10.73 17.69
CA CYS B 285 29.41 10.31 19.07
C CYS B 285 28.65 8.98 19.21
N LEU B 286 27.88 8.58 18.20
CA LEU B 286 27.19 7.30 18.27
C LEU B 286 28.08 6.13 17.89
N THR B 287 29.21 6.39 17.24
CA THR B 287 30.13 5.32 16.85
C THR B 287 31.55 5.51 17.38
N ASP B 288 31.81 6.53 18.20
CA ASP B 288 33.16 6.74 18.69
C ASP B 288 33.51 5.82 19.85
N HIS B 289 32.69 4.83 20.16
CA HIS B 289 33.00 3.94 21.26
C HIS B 289 32.43 2.57 20.90
N GLU B 290 33.05 1.53 21.45
CA GLU B 290 32.60 0.16 21.23
C GLU B 290 31.68 -0.30 22.34
N VAL B 291 30.76 -1.19 22.00
CA VAL B 291 29.86 -1.77 22.99
C VAL B 291 29.85 -3.29 22.83
N GLY B 292 29.81 -3.99 23.95
CA GLY B 292 29.81 -5.43 23.92
C GLY B 292 28.50 -6.02 23.48
N GLU B 293 28.52 -7.31 23.16
CA GLU B 293 27.30 -7.94 22.72
C GLU B 293 26.31 -8.15 23.84
N ASP B 294 26.77 -8.18 25.10
CA ASP B 294 25.86 -8.31 26.24
C ASP B 294 25.15 -7.00 26.59
N GLU B 295 25.29 -5.94 25.76
CA GLU B 295 24.64 -4.67 26.03
C GLU B 295 24.15 -4.00 24.74
N GLU B 296 23.96 -4.78 23.68
CA GLU B 296 23.54 -4.29 22.38
C GLU B 296 22.32 -5.08 21.92
N ALA B 297 21.29 -4.37 21.48
CA ALA B 297 19.96 -4.96 21.32
C ALA B 297 19.95 -6.06 20.26
N SER B 298 20.50 -5.80 19.07
CA SER B 298 20.44 -6.81 18.00
C SER B 298 21.19 -8.07 18.41
N SER B 299 22.19 -7.92 19.25
CA SER B 299 22.92 -9.07 19.76
C SER B 299 22.19 -9.74 20.92
N LEU B 300 21.44 -8.98 21.73
CA LEU B 300 20.65 -9.57 22.81
C LEU B 300 19.38 -10.22 22.29
N TYR B 301 18.85 -9.75 21.17
CA TYR B 301 17.59 -10.20 20.62
C TYR B 301 17.75 -10.46 19.13
N PRO B 302 18.52 -11.50 18.77
CA PRO B 302 18.75 -11.78 17.35
C PRO B 302 17.52 -12.26 16.61
N ASP B 303 16.45 -12.60 17.30
CA ASP B 303 15.22 -12.99 16.66
C ASP B 303 14.48 -11.82 16.04
N VAL B 304 14.88 -10.59 16.32
CA VAL B 304 14.29 -9.41 15.71
C VAL B 304 14.99 -9.16 14.38
N LYS B 305 14.26 -9.30 13.29
CA LYS B 305 14.77 -9.03 11.95
C LYS B 305 14.60 -7.54 11.71
N TYR B 306 15.56 -6.76 12.19
CA TYR B 306 15.42 -5.33 12.12
C TYR B 306 15.44 -4.84 10.67
N LYS B 307 14.71 -3.76 10.43
CA LYS B 307 14.63 -3.16 9.11
C LYS B 307 15.95 -2.49 8.76
N ARG B 308 16.52 -2.85 7.62
CA ARG B 308 17.72 -2.16 7.14
C ARG B 308 17.32 -0.88 6.43
N MET B 309 18.32 -0.04 6.15
CA MET B 309 17.98 1.27 5.59
C MET B 309 17.59 1.20 4.12
N ASP B 310 17.94 0.15 3.39
CA ASP B 310 17.40 0.02 2.05
C ASP B 310 15.92 -0.34 2.07
N ASP B 311 15.51 -1.26 2.94
CA ASP B 311 14.08 -1.51 3.09
C ASP B 311 13.35 -0.30 3.66
N TYR B 312 14.00 0.46 4.54
CA TYR B 312 13.34 1.64 5.08
C TYR B 312 13.06 2.62 3.98
N LEU B 313 14.05 2.88 3.14
CA LEU B 313 13.90 3.94 2.17
C LEU B 313 12.97 3.55 1.02
N ARG B 314 12.71 2.25 0.82
CA ARG B 314 11.82 1.87 -0.28
C ARG B 314 10.43 2.46 -0.12
N MET B 315 10.06 2.87 1.11
CA MET B 315 8.76 3.50 1.33
C MET B 315 8.67 4.89 0.71
N PHE B 316 9.79 5.56 0.51
CA PHE B 316 9.77 6.93 0.03
C PHE B 316 9.77 7.01 -1.49
N LEU B 317 9.86 5.88 -2.17
CA LEU B 317 9.87 5.87 -3.63
C LEU B 317 8.53 6.24 -4.23
N LYS C 9 -37.98 -7.73 21.52
CA LYS C 9 -37.93 -6.86 22.71
C LYS C 9 -37.13 -7.41 23.94
N THR C 10 -37.33 -8.65 24.39
CA THR C 10 -36.39 -9.21 25.36
C THR C 10 -35.11 -9.60 24.64
N ARG C 11 -33.98 -9.18 25.15
CA ARG C 11 -32.69 -9.44 24.54
C ARG C 11 -32.03 -10.61 25.26
N VAL C 12 -31.71 -11.67 24.50
CA VAL C 12 -31.19 -12.93 25.02
C VAL C 12 -29.82 -13.17 24.42
N LEU C 13 -28.88 -13.62 25.24
CA LEU C 13 -27.57 -14.09 24.80
C LEU C 13 -27.53 -15.59 24.97
N VAL C 14 -27.30 -16.32 23.87
CA VAL C 14 -27.15 -17.77 23.91
C VAL C 14 -25.65 -18.10 23.91
N VAL C 15 -25.20 -18.72 25.00
CA VAL C 15 -23.83 -19.18 25.17
C VAL C 15 -23.83 -20.69 24.92
N GLY C 16 -23.02 -21.15 23.96
CA GLY C 16 -23.08 -22.52 23.50
C GLY C 16 -23.97 -22.68 22.29
N ALA C 17 -23.88 -21.74 21.34
CA ALA C 17 -24.96 -21.57 20.39
C ALA C 17 -24.99 -22.64 19.30
N THR C 18 -23.86 -23.27 19.00
CA THR C 18 -23.78 -24.29 17.98
C THR C 18 -23.84 -25.70 18.55
N GLY C 19 -24.18 -25.83 19.82
CA GLY C 19 -24.31 -27.12 20.45
C GLY C 19 -25.64 -27.75 20.15
N TYR C 20 -25.76 -29.01 20.55
CA TYR C 20 -26.90 -29.82 20.16
C TYR C 20 -28.21 -29.17 20.57
N ILE C 21 -28.36 -28.87 21.86
CA ILE C 21 -29.56 -28.20 22.30
C ILE C 21 -29.45 -26.69 22.08
N GLY C 22 -28.24 -26.15 22.13
CA GLY C 22 -28.07 -24.71 21.97
C GLY C 22 -28.61 -24.17 20.66
N LYS C 23 -28.36 -24.88 19.55
CA LYS C 23 -28.74 -24.35 18.25
C LYS C 23 -30.26 -24.34 18.09
N ARG C 24 -30.93 -25.36 18.61
CA ARG C 24 -32.38 -25.31 18.67
C ARG C 24 -32.86 -24.20 19.57
N ILE C 25 -32.14 -23.92 20.66
CA ILE C 25 -32.56 -22.83 21.54
C ILE C 25 -32.43 -21.50 20.82
N VAL C 26 -31.29 -21.28 20.17
CA VAL C 26 -31.12 -20.11 19.34
C VAL C 26 -32.31 -19.93 18.42
N ARG C 27 -32.61 -20.95 17.62
CA ARG C 27 -33.66 -20.81 16.63
C ARG C 27 -35.01 -20.56 17.29
N ALA C 28 -35.23 -21.12 18.48
CA ALA C 28 -36.51 -20.94 19.14
C ALA C 28 -36.67 -19.52 19.69
N CYS C 29 -35.58 -18.93 20.15
CA CYS C 29 -35.64 -17.54 20.60
C CYS C 29 -35.99 -16.60 19.46
N LEU C 30 -35.41 -16.81 18.29
CA LEU C 30 -35.79 -16.03 17.13
C LEU C 30 -37.29 -16.14 16.88
N ALA C 31 -37.79 -17.37 16.76
CA ALA C 31 -39.20 -17.58 16.44
C ALA C 31 -40.10 -16.99 17.51
N GLU C 32 -39.73 -17.12 18.77
CA GLU C 32 -40.54 -16.52 19.81
C GLU C 32 -40.56 -15.00 19.68
N GLY C 33 -39.56 -14.43 19.03
CA GLY C 33 -39.47 -13.00 18.87
C GLY C 33 -38.44 -12.31 19.74
N HIS C 34 -37.57 -13.05 20.41
CA HIS C 34 -36.55 -12.39 21.19
C HIS C 34 -35.52 -11.76 20.27
N GLU C 35 -34.91 -10.68 20.74
CA GLU C 35 -33.74 -10.14 20.09
C GLU C 35 -32.57 -11.03 20.49
N THR C 36 -32.04 -11.80 19.56
CA THR C 36 -31.24 -12.96 19.89
C THR C 36 -29.79 -12.73 19.52
N TYR C 37 -28.92 -12.92 20.52
CA TYR C 37 -27.49 -12.76 20.41
C TYR C 37 -26.86 -14.09 20.69
N VAL C 38 -25.81 -14.42 19.95
CA VAL C 38 -25.15 -15.71 20.09
C VAL C 38 -23.68 -15.45 20.32
N LEU C 39 -23.10 -16.12 21.28
CA LEU C 39 -21.70 -15.91 21.58
C LEU C 39 -20.87 -16.71 20.59
N GLN C 40 -20.03 -16.04 19.82
CA GLN C 40 -19.12 -16.72 18.91
C GLN C 40 -17.69 -16.60 19.43
N ARG C 41 -17.09 -17.69 19.69
CA ARG C 41 -15.81 -17.75 20.34
C ARG C 41 -14.69 -17.82 19.31
N PRO C 42 -13.63 -17.03 19.47
CA PRO C 42 -12.52 -17.09 18.52
C PRO C 42 -11.91 -18.47 18.39
N GLU C 43 -12.07 -19.32 19.39
CA GLU C 43 -11.40 -20.61 19.38
C GLU C 43 -11.96 -21.57 18.36
N ILE C 44 -13.13 -21.29 17.80
CA ILE C 44 -13.72 -22.23 16.84
C ILE C 44 -13.20 -21.92 15.45
N GLY C 45 -11.87 -21.96 15.30
CA GLY C 45 -11.19 -21.57 14.09
C GLY C 45 -11.55 -22.34 12.83
N LEU C 46 -11.09 -23.58 12.72
CA LEU C 46 -11.30 -24.40 11.54
C LEU C 46 -12.51 -25.31 11.67
N GLU C 47 -13.46 -24.98 12.52
CA GLU C 47 -14.61 -25.84 12.72
C GLU C 47 -15.73 -25.36 11.82
N ILE C 48 -15.63 -25.79 10.56
CA ILE C 48 -16.50 -25.29 9.51
C ILE C 48 -17.98 -25.39 9.90
N GLU C 49 -18.37 -26.45 10.60
CA GLU C 49 -19.81 -26.61 10.86
C GLU C 49 -20.31 -25.58 11.85
N LYS C 50 -19.50 -25.24 12.84
CA LYS C 50 -19.87 -24.20 13.78
C LYS C 50 -19.91 -22.86 13.07
N VAL C 51 -18.84 -22.54 12.33
CA VAL C 51 -18.78 -21.29 11.59
C VAL C 51 -19.99 -21.15 10.69
N GLN C 52 -20.29 -22.19 9.91
CA GLN C 52 -21.39 -22.00 8.97
C GLN C 52 -22.72 -21.99 9.67
N LEU C 53 -22.77 -22.45 10.90
CA LEU C 53 -23.98 -22.34 11.68
C LEU C 53 -24.15 -20.94 12.23
N PHE C 54 -23.07 -20.32 12.72
CA PHE C 54 -23.15 -18.91 13.07
C PHE C 54 -23.59 -18.09 11.87
N LEU C 55 -23.09 -18.42 10.69
CA LEU C 55 -23.56 -17.70 9.52
C LEU C 55 -25.06 -17.90 9.30
N SER C 56 -25.58 -19.08 9.60
CA SER C 56 -27.01 -19.32 9.38
C SER C 56 -27.84 -18.56 10.39
N PHE C 57 -27.37 -18.50 11.64
CA PHE C 57 -28.04 -17.65 12.63
C PHE C 57 -28.05 -16.20 12.17
N LYS C 58 -26.90 -15.68 11.76
CA LYS C 58 -26.88 -14.28 11.32
C LYS C 58 -27.93 -14.04 10.26
N LYS C 59 -28.02 -14.93 9.28
CA LYS C 59 -28.98 -14.75 8.20
C LYS C 59 -30.41 -14.76 8.71
N LEU C 60 -30.70 -15.55 9.74
CA LEU C 60 -32.04 -15.55 10.29
C LEU C 60 -32.31 -14.36 11.20
N GLY C 61 -31.30 -13.58 11.54
CA GLY C 61 -31.54 -12.39 12.35
C GLY C 61 -30.81 -12.33 13.66
N ALA C 62 -29.97 -13.31 13.94
CA ALA C 62 -29.25 -13.32 15.21
C ALA C 62 -28.05 -12.39 15.14
N ARG C 63 -27.66 -11.86 16.29
CA ARG C 63 -26.54 -10.93 16.38
C ARG C 63 -25.32 -11.64 16.94
N ILE C 64 -24.28 -11.78 16.12
CA ILE C 64 -23.04 -12.36 16.58
C ILE C 64 -22.42 -11.47 17.65
N VAL C 65 -21.90 -12.09 18.70
CA VAL C 65 -21.19 -11.41 19.77
C VAL C 65 -19.88 -12.14 19.98
N GLU C 66 -18.77 -11.47 19.70
CA GLU C 66 -17.49 -12.12 19.87
C GLU C 66 -17.05 -12.08 21.33
N GLY C 67 -16.51 -13.20 21.80
CA GLY C 67 -16.15 -13.37 23.19
C GLY C 67 -15.51 -14.71 23.43
N SER C 68 -14.63 -14.78 24.42
CA SER C 68 -13.88 -15.98 24.75
C SER C 68 -14.00 -16.22 26.24
N PHE C 69 -14.07 -17.50 26.62
CA PHE C 69 -14.04 -17.82 28.05
C PHE C 69 -12.67 -17.63 28.64
N SER C 70 -11.66 -17.34 27.83
CA SER C 70 -10.34 -17.04 28.32
C SER C 70 -10.11 -15.54 28.49
N ASP C 71 -11.13 -14.73 28.21
CA ASP C 71 -11.04 -13.27 28.24
C ASP C 71 -12.22 -12.76 29.05
N HIS C 72 -11.97 -12.40 30.30
CA HIS C 72 -13.06 -12.10 31.22
C HIS C 72 -13.83 -10.86 30.77
N GLN C 73 -13.13 -9.78 30.41
CA GLN C 73 -13.81 -8.56 29.98
C GLN C 73 -14.62 -8.82 28.72
N SER C 74 -14.17 -9.75 27.91
CA SER C 74 -14.92 -10.20 26.74
C SER C 74 -16.31 -10.69 27.14
N LEU C 75 -16.38 -11.62 28.10
CA LEU C 75 -17.67 -12.13 28.55
C LEU C 75 -18.50 -11.03 29.22
N VAL C 76 -17.86 -10.17 30.00
CA VAL C 76 -18.58 -9.04 30.61
C VAL C 76 -19.20 -8.18 29.52
N SER C 77 -18.43 -7.83 28.50
CA SER C 77 -19.02 -7.11 27.39
C SER C 77 -20.19 -7.88 26.81
N ALA C 78 -19.99 -9.15 26.49
CA ALA C 78 -21.03 -9.91 25.82
C ALA C 78 -22.33 -9.88 26.63
N VAL C 79 -22.25 -10.09 27.94
CA VAL C 79 -23.46 -10.14 28.74
C VAL C 79 -23.98 -8.76 29.10
N LYS C 80 -23.23 -7.71 28.83
CA LYS C 80 -23.79 -6.39 29.06
C LYS C 80 -24.84 -6.02 28.04
N LEU C 81 -24.92 -6.76 26.94
CA LEU C 81 -25.79 -6.39 25.83
C LEU C 81 -27.20 -6.88 25.99
N VAL C 82 -27.46 -7.80 26.91
CA VAL C 82 -28.73 -8.50 26.89
C VAL C 82 -29.40 -8.38 28.24
N ASP C 83 -30.65 -8.84 28.28
CA ASP C 83 -31.46 -8.97 29.48
C ASP C 83 -31.39 -10.37 30.09
N VAL C 84 -31.17 -11.40 29.27
CA VAL C 84 -31.26 -12.79 29.69
C VAL C 84 -30.16 -13.57 29.02
N VAL C 85 -29.51 -14.43 29.78
CA VAL C 85 -28.46 -15.29 29.27
C VAL C 85 -28.90 -16.74 29.44
N VAL C 86 -28.80 -17.52 28.37
CA VAL C 86 -29.08 -18.96 28.38
C VAL C 86 -27.81 -19.66 28.01
N SER C 87 -27.41 -20.63 28.83
CA SER C 87 -26.22 -21.43 28.58
C SER C 87 -26.58 -22.86 28.25
N ALA C 88 -25.95 -23.37 27.20
CA ALA C 88 -26.10 -24.73 26.78
C ALA C 88 -24.74 -25.39 26.71
N MET C 89 -23.87 -25.02 27.62
CA MET C 89 -22.56 -25.64 27.76
C MET C 89 -22.67 -27.17 27.76
N SER C 90 -21.71 -27.83 27.12
CA SER C 90 -21.67 -29.28 27.06
C SER C 90 -21.68 -29.87 28.47
N GLY C 91 -22.11 -31.13 28.57
CA GLY C 91 -22.18 -31.84 29.84
C GLY C 91 -22.44 -33.33 29.72
N VAL C 92 -22.06 -33.90 28.59
CA VAL C 92 -22.05 -35.33 28.35
C VAL C 92 -20.60 -35.77 28.25
N HIS C 93 -20.27 -36.98 28.73
CA HIS C 93 -18.90 -37.45 28.82
C HIS C 93 -18.36 -38.00 27.50
N PHE C 94 -19.21 -38.45 26.58
CA PHE C 94 -18.71 -38.97 25.30
C PHE C 94 -18.63 -37.90 24.24
N ARG C 95 -19.42 -36.85 24.36
CA ARG C 95 -18.98 -35.54 23.88
C ARG C 95 -18.37 -34.85 25.10
N SER C 96 -18.12 -33.55 25.01
CA SER C 96 -17.45 -32.82 26.07
C SER C 96 -18.36 -32.64 27.30
N HIS C 97 -17.71 -32.46 28.45
CA HIS C 97 -18.38 -32.33 29.75
C HIS C 97 -17.84 -31.11 30.51
N ASN C 98 -18.05 -29.90 29.97
CA ASN C 98 -17.39 -28.69 30.46
C ASN C 98 -18.32 -27.79 31.27
N ILE C 99 -19.15 -28.36 32.13
CA ILE C 99 -20.14 -27.59 32.88
C ILE C 99 -19.48 -26.55 33.75
N LEU C 100 -18.30 -26.86 34.28
CA LEU C 100 -17.67 -25.97 35.24
C LEU C 100 -17.15 -24.70 34.59
N VAL C 101 -16.97 -24.71 33.27
CA VAL C 101 -16.53 -23.52 32.57
C VAL C 101 -17.55 -22.40 32.70
N GLN C 102 -18.81 -22.75 32.90
CA GLN C 102 -19.81 -21.72 33.15
C GLN C 102 -19.48 -20.85 34.35
N LEU C 103 -18.67 -21.34 35.29
CA LEU C 103 -18.36 -20.52 36.46
C LEU C 103 -17.87 -19.15 36.05
N LYS C 104 -17.02 -19.09 35.03
CA LYS C 104 -16.55 -17.80 34.53
C LYS C 104 -17.70 -16.95 34.05
N LEU C 105 -18.68 -17.56 33.41
CA LEU C 105 -19.81 -16.79 32.90
C LEU C 105 -20.60 -16.19 34.04
N VAL C 106 -20.73 -16.93 35.14
CA VAL C 106 -21.39 -16.39 36.33
C VAL C 106 -20.64 -15.18 36.85
N GLU C 107 -19.31 -15.29 36.96
CA GLU C 107 -18.52 -14.16 37.44
C GLU C 107 -18.71 -12.95 36.53
N ALA C 108 -18.70 -13.18 35.22
CA ALA C 108 -18.94 -12.08 34.28
C ALA C 108 -20.32 -11.50 34.46
N ILE C 109 -21.32 -12.35 34.64
CA ILE C 109 -22.65 -11.81 34.88
C ILE C 109 -22.63 -10.96 36.14
N LYS C 110 -21.94 -11.42 37.17
CA LYS C 110 -21.94 -10.69 38.43
C LYS C 110 -21.37 -9.29 38.24
N GLU C 111 -20.12 -9.20 37.78
CA GLU C 111 -19.55 -7.91 37.49
C GLU C 111 -20.49 -7.05 36.65
N ALA C 112 -21.10 -7.64 35.62
CA ALA C 112 -21.88 -6.83 34.68
C ALA C 112 -23.13 -6.27 35.33
N GLY C 113 -23.83 -7.07 36.11
CA GLY C 113 -24.95 -6.63 36.91
C GLY C 113 -26.21 -6.27 36.17
N ASN C 114 -26.23 -6.30 34.85
CA ASN C 114 -27.41 -5.91 34.11
C ASN C 114 -28.35 -7.05 33.84
N VAL C 115 -27.94 -8.29 34.09
CA VAL C 115 -28.69 -9.45 33.60
C VAL C 115 -29.90 -9.66 34.49
N LYS C 116 -31.04 -9.91 33.86
CA LYS C 116 -32.28 -10.10 34.61
C LYS C 116 -32.54 -11.56 34.95
N ARG C 117 -32.12 -12.48 34.10
CA ARG C 117 -32.27 -13.88 34.41
C ARG C 117 -31.14 -14.64 33.74
N PHE C 118 -30.70 -15.71 34.39
CA PHE C 118 -29.68 -16.59 33.85
C PHE C 118 -30.23 -18.00 33.81
N LEU C 119 -30.21 -18.63 32.63
CA LEU C 119 -30.55 -20.04 32.50
C LEU C 119 -29.28 -20.83 32.29
N PRO C 120 -28.80 -21.56 33.31
CA PRO C 120 -27.61 -22.39 33.13
C PRO C 120 -27.94 -23.66 32.35
N SER C 121 -26.88 -24.30 31.89
CA SER C 121 -26.98 -25.52 31.11
C SER C 121 -27.45 -26.62 32.04
N GLU C 122 -28.76 -26.83 32.05
CA GLU C 122 -29.37 -27.90 32.82
C GLU C 122 -29.96 -28.92 31.85
N PHE C 123 -31.26 -28.89 31.65
CA PHE C 123 -31.91 -29.59 30.55
C PHE C 123 -31.83 -31.11 30.68
N GLY C 124 -31.92 -31.63 31.90
CA GLY C 124 -31.84 -33.06 32.12
C GLY C 124 -32.35 -33.52 33.46
N MET C 125 -31.64 -34.42 34.13
CA MET C 125 -32.05 -34.83 35.46
C MET C 125 -31.85 -33.70 36.46
N ASP C 126 -32.77 -33.59 37.40
CA ASP C 126 -32.76 -32.49 38.37
C ASP C 126 -31.61 -32.65 39.37
N PRO C 127 -30.57 -31.81 39.32
CA PRO C 127 -29.33 -32.09 40.05
C PRO C 127 -29.52 -32.22 41.55
N PRO C 128 -30.24 -31.31 42.21
CA PRO C 128 -30.38 -31.43 43.66
C PRO C 128 -30.99 -32.74 44.11
N ARG C 129 -31.66 -33.47 43.23
CA ARG C 129 -32.26 -34.74 43.60
C ARG C 129 -31.38 -35.94 43.28
N MET C 130 -30.10 -35.70 42.94
CA MET C 130 -29.25 -36.73 42.36
C MET C 130 -28.01 -37.02 43.22
N GLY C 131 -27.99 -36.55 44.47
CA GLY C 131 -26.82 -36.72 45.31
C GLY C 131 -26.43 -38.15 45.60
N HIS C 132 -27.32 -39.11 45.35
CA HIS C 132 -26.99 -40.50 45.58
C HIS C 132 -26.33 -41.14 44.38
N ALA C 133 -26.30 -40.46 43.24
CA ALA C 133 -25.72 -41.01 42.03
C ALA C 133 -24.29 -41.51 42.28
N LEU C 134 -23.92 -42.65 41.52
CA LEU C 134 -22.62 -43.34 41.47
C LEU C 134 -21.71 -42.71 40.41
N PRO C 135 -20.44 -42.45 40.74
CA PRO C 135 -19.45 -41.93 39.81
C PRO C 135 -19.26 -42.86 38.63
N PRO C 136 -18.70 -42.34 37.52
CA PRO C 136 -18.31 -40.93 37.33
C PRO C 136 -19.45 -40.04 36.83
N GLY C 137 -20.60 -40.65 36.49
CA GLY C 137 -21.75 -39.89 36.04
C GLY C 137 -22.21 -38.86 37.05
N ARG C 138 -21.85 -39.06 38.31
CA ARG C 138 -22.14 -38.11 39.36
C ARG C 138 -21.60 -36.72 39.03
N GLU C 139 -20.45 -36.66 38.36
CA GLU C 139 -19.84 -35.38 38.06
C GLU C 139 -20.82 -34.44 37.36
N THR C 140 -21.69 -34.98 36.50
CA THR C 140 -22.63 -34.13 35.79
C THR C 140 -23.50 -33.38 36.78
N PHE C 141 -24.04 -34.07 37.76
CA PHE C 141 -24.94 -33.41 38.70
C PHE C 141 -24.16 -32.54 39.67
N ASP C 142 -23.03 -33.03 40.16
CA ASP C 142 -22.21 -32.24 41.06
C ASP C 142 -21.78 -30.93 40.41
N GLN C 143 -21.33 -30.99 39.16
CA GLN C 143 -20.89 -29.77 38.51
C GLN C 143 -22.06 -28.80 38.35
N LYS C 144 -23.23 -29.29 37.95
CA LYS C 144 -24.33 -28.36 37.79
C LYS C 144 -24.80 -27.80 39.12
N MET C 145 -24.60 -28.53 40.22
CA MET C 145 -24.91 -27.96 41.54
C MET C 145 -23.90 -26.90 41.91
N GLU C 146 -22.63 -27.12 41.62
CA GLU C 146 -21.64 -26.09 41.92
C GLU C 146 -21.96 -24.80 41.19
N VAL C 147 -22.40 -24.90 39.92
CA VAL C 147 -22.79 -23.73 39.16
C VAL C 147 -24.01 -23.09 39.77
N ARG C 148 -25.02 -23.91 40.08
CA ARG C 148 -26.17 -23.40 40.79
C ARG C 148 -25.76 -22.63 42.04
N GLN C 149 -24.78 -23.15 42.78
CA GLN C 149 -24.34 -22.48 44.01
C GLN C 149 -23.68 -21.13 43.69
N ALA C 150 -22.87 -21.07 42.65
CA ALA C 150 -22.27 -19.80 42.28
C ALA C 150 -23.33 -18.80 41.84
N ILE C 151 -24.27 -19.24 41.00
CA ILE C 151 -25.39 -18.39 40.61
C ILE C 151 -26.04 -17.80 41.85
N GLU C 152 -26.57 -18.66 42.71
CA GLU C 152 -27.29 -18.15 43.87
C GLU C 152 -26.38 -17.31 44.77
N ALA C 153 -25.12 -17.73 44.94
CA ALA C 153 -24.21 -16.94 45.77
C ALA C 153 -24.08 -15.51 45.26
N ALA C 154 -24.25 -15.30 43.97
CA ALA C 154 -24.10 -13.96 43.43
C ALA C 154 -25.42 -13.22 43.30
N GLY C 155 -26.54 -13.86 43.63
CA GLY C 155 -27.82 -13.20 43.51
C GLY C 155 -28.34 -13.07 42.09
N ILE C 156 -27.79 -13.84 41.16
CA ILE C 156 -28.29 -13.77 39.78
C ILE C 156 -29.63 -14.48 39.71
N PRO C 157 -30.67 -13.84 39.21
CA PRO C 157 -31.95 -14.54 39.07
C PRO C 157 -31.83 -15.60 38.00
N TYR C 158 -32.57 -16.69 38.21
CA TYR C 158 -32.32 -17.91 37.46
C TYR C 158 -33.62 -18.59 37.09
N THR C 159 -33.52 -19.51 36.16
CA THR C 159 -34.56 -20.49 35.88
C THR C 159 -33.86 -21.77 35.46
N TYR C 160 -34.22 -22.86 36.10
CA TYR C 160 -33.59 -24.15 35.85
C TYR C 160 -34.56 -25.00 35.05
N VAL C 161 -34.13 -25.48 33.90
CA VAL C 161 -34.99 -26.24 33.01
C VAL C 161 -34.51 -27.68 33.03
N VAL C 162 -35.36 -28.54 33.57
CA VAL C 162 -35.03 -29.92 33.91
C VAL C 162 -36.18 -30.81 33.47
N GLY C 163 -35.96 -32.13 33.49
CA GLY C 163 -37.03 -33.09 33.66
C GLY C 163 -37.19 -34.15 32.59
N ALA C 164 -36.68 -33.95 31.37
CA ALA C 164 -37.04 -34.84 30.28
C ALA C 164 -35.82 -35.44 29.60
N CYS C 165 -35.97 -36.67 29.12
CA CYS C 165 -34.97 -37.26 28.24
C CYS C 165 -35.07 -36.64 26.86
N PHE C 166 -33.94 -36.44 26.20
CA PHE C 166 -33.90 -35.94 24.83
C PHE C 166 -34.38 -37.05 23.91
N ALA C 167 -35.44 -36.78 23.15
CA ALA C 167 -36.05 -37.84 22.35
C ALA C 167 -35.03 -38.60 21.51
N ALA C 168 -34.04 -37.90 20.96
CA ALA C 168 -33.12 -38.55 20.05
C ALA C 168 -32.21 -39.55 20.77
N TYR C 169 -31.94 -39.33 22.05
CA TYR C 169 -31.04 -40.20 22.77
C TYR C 169 -31.74 -41.32 23.51
N PHE C 170 -33.07 -41.29 23.62
CA PHE C 170 -33.75 -42.24 24.49
C PHE C 170 -34.96 -42.88 23.85
N ALA C 171 -35.62 -42.17 22.94
CA ALA C 171 -36.88 -42.64 22.36
C ALA C 171 -36.78 -43.08 20.91
N GLY C 172 -35.88 -42.49 20.12
CA GLY C 172 -35.73 -42.96 18.75
C GLY C 172 -34.97 -44.25 18.64
N ASN C 173 -34.21 -44.60 19.66
CA ASN C 173 -33.51 -45.87 19.70
C ASN C 173 -34.21 -46.87 20.61
N LEU C 174 -35.40 -46.54 21.09
CA LEU C 174 -36.09 -47.38 22.05
C LEU C 174 -35.21 -47.63 23.27
N SER C 175 -34.41 -46.65 23.62
CA SER C 175 -33.60 -46.65 24.83
C SER C 175 -32.42 -47.60 24.75
N GLN C 176 -32.04 -48.07 23.58
CA GLN C 176 -30.85 -48.91 23.50
C GLN C 176 -29.62 -48.03 23.47
N MET C 177 -28.51 -48.53 23.97
CA MET C 177 -27.33 -47.69 24.05
C MET C 177 -26.43 -47.90 22.85
N VAL C 178 -25.61 -46.89 22.57
CA VAL C 178 -24.68 -46.95 21.45
C VAL C 178 -25.43 -47.26 20.15
N THR C 179 -26.67 -46.80 20.08
CA THR C 179 -27.37 -46.71 18.80
C THR C 179 -28.34 -45.56 18.90
N LEU C 180 -28.60 -44.96 17.76
CA LEU C 180 -29.54 -43.86 17.69
C LEU C 180 -30.73 -44.19 16.82
N LEU C 181 -30.79 -45.40 16.29
CA LEU C 181 -31.82 -45.94 15.43
C LEU C 181 -32.58 -47.06 16.13
N PRO C 182 -33.83 -47.31 15.76
CA PRO C 182 -34.56 -48.42 16.36
C PRO C 182 -33.98 -49.74 15.93
N PRO C 183 -34.01 -50.74 16.78
CA PRO C 183 -33.55 -52.07 16.37
C PRO C 183 -34.67 -52.77 15.63
N LYS C 184 -34.30 -53.61 14.67
CA LYS C 184 -35.29 -54.15 13.78
C LYS C 184 -35.62 -55.62 14.04
N GLU C 185 -35.02 -56.24 15.06
CA GLU C 185 -35.51 -57.54 15.50
C GLU C 185 -35.56 -57.64 17.03
N LYS C 186 -34.46 -57.37 17.71
CA LYS C 186 -34.31 -57.63 19.14
C LYS C 186 -34.13 -56.33 19.92
N VAL C 187 -34.72 -56.26 21.11
CA VAL C 187 -34.64 -55.07 21.95
C VAL C 187 -34.45 -55.48 23.41
N ASN C 188 -33.62 -54.73 24.13
CA ASN C 188 -33.36 -54.97 25.54
C ASN C 188 -34.29 -54.12 26.40
N ILE C 189 -35.07 -54.76 27.27
CA ILE C 189 -35.92 -54.03 28.19
C ILE C 189 -35.21 -53.96 29.52
N TYR C 190 -35.26 -52.80 30.16
CA TYR C 190 -34.57 -52.60 31.43
C TYR C 190 -35.50 -53.00 32.56
N GLY C 191 -35.04 -53.91 33.42
CA GLY C 191 -35.93 -54.47 34.43
C GLY C 191 -37.18 -55.04 33.80
N ASP C 192 -38.31 -54.79 34.43
CA ASP C 192 -39.60 -55.14 33.86
C ASP C 192 -40.06 -54.18 32.79
N GLY C 193 -39.38 -53.06 32.62
CA GLY C 193 -39.88 -52.07 31.67
C GLY C 193 -41.13 -51.36 32.13
N ASN C 194 -41.37 -51.26 33.43
CA ASN C 194 -42.59 -50.65 33.96
C ASN C 194 -42.30 -49.38 34.77
N VAL C 195 -41.10 -48.82 34.64
CA VAL C 195 -40.76 -47.56 35.29
C VAL C 195 -41.08 -46.42 34.33
N LYS C 196 -41.78 -45.42 34.84
CA LYS C 196 -42.14 -44.28 34.02
C LYS C 196 -40.91 -43.43 33.70
N VAL C 197 -40.72 -43.14 32.41
CA VAL C 197 -39.70 -42.22 31.93
C VAL C 197 -40.38 -41.05 31.23
N VAL C 198 -39.73 -39.89 31.25
CA VAL C 198 -40.23 -38.66 30.64
C VAL C 198 -39.46 -38.41 29.36
N PHE C 199 -40.19 -38.26 28.25
CA PHE C 199 -39.61 -38.07 26.93
C PHE C 199 -40.06 -36.74 26.35
N ALA C 200 -39.13 -36.00 25.74
CA ALA C 200 -39.48 -34.75 25.10
C ALA C 200 -38.65 -34.56 23.84
N ASP C 201 -39.33 -34.23 22.73
CA ASP C 201 -38.61 -33.80 21.53
C ASP C 201 -37.82 -32.53 21.84
N GLU C 202 -36.54 -32.54 21.47
CA GLU C 202 -35.66 -31.43 21.80
C GLU C 202 -36.11 -30.12 21.18
N ASP C 203 -36.87 -30.15 20.10
CA ASP C 203 -37.46 -28.91 19.61
C ASP C 203 -38.45 -28.35 20.61
N ASP C 204 -39.21 -29.23 21.28
CA ASP C 204 -40.12 -28.77 22.32
C ASP C 204 -39.36 -28.25 23.53
N ILE C 205 -38.31 -28.98 23.94
CA ILE C 205 -37.47 -28.47 25.03
C ILE C 205 -37.05 -27.04 24.72
N ALA C 206 -36.56 -26.81 23.50
CA ALA C 206 -36.10 -25.48 23.14
C ALA C 206 -37.25 -24.48 23.11
N LYS C 207 -38.34 -24.84 22.42
CA LYS C 207 -39.54 -24.02 22.45
C LYS C 207 -39.94 -23.65 23.87
N TYR C 208 -39.99 -24.62 24.78
CA TYR C 208 -40.33 -24.32 26.16
C TYR C 208 -39.34 -23.34 26.79
N THR C 209 -38.06 -23.50 26.49
CA THR C 209 -37.03 -22.61 27.01
C THR C 209 -37.24 -21.19 26.54
N ALA C 210 -37.55 -21.02 25.27
CA ALA C 210 -37.69 -19.68 24.72
C ALA C 210 -38.86 -18.95 25.35
N LYS C 211 -39.88 -19.68 25.80
CA LYS C 211 -41.03 -19.04 26.43
C LYS C 211 -40.84 -18.80 27.92
N THR C 212 -39.99 -19.56 28.58
CA THR C 212 -39.90 -19.41 30.02
C THR C 212 -38.91 -18.33 30.42
N LEU C 213 -37.90 -18.06 29.60
CA LEU C 213 -36.82 -17.19 30.02
C LEU C 213 -37.28 -15.78 30.36
N ASN C 214 -38.49 -15.41 29.98
CA ASN C 214 -39.04 -14.16 30.49
C ASN C 214 -40.49 -14.33 30.92
N ASP C 215 -40.81 -15.50 31.49
CA ASP C 215 -42.07 -15.72 32.16
C ASP C 215 -41.93 -15.31 33.61
N PRO C 216 -42.65 -14.30 34.09
CA PRO C 216 -42.56 -13.95 35.51
C PRO C 216 -42.90 -15.12 36.41
N ARG C 217 -43.72 -16.06 35.91
CA ARG C 217 -44.14 -17.16 36.76
C ARG C 217 -42.99 -18.10 37.12
N THR C 218 -41.85 -18.01 36.41
CA THR C 218 -40.77 -18.97 36.57
C THR C 218 -39.45 -18.31 36.97
N LEU C 219 -39.52 -17.07 37.45
CA LEU C 219 -38.34 -16.39 37.94
C LEU C 219 -37.89 -17.05 39.24
N ASN C 220 -36.63 -17.45 39.28
CA ASN C 220 -36.08 -18.13 40.45
C ASN C 220 -36.83 -19.42 40.73
N LYS C 221 -37.21 -20.12 39.67
CA LYS C 221 -37.91 -21.39 39.77
C LYS C 221 -37.20 -22.43 38.93
N THR C 222 -37.50 -23.67 39.25
CA THR C 222 -37.16 -24.82 38.45
C THR C 222 -38.36 -25.14 37.57
N VAL C 223 -38.19 -25.11 36.26
CA VAL C 223 -39.26 -25.51 35.35
C VAL C 223 -39.09 -26.98 35.00
N ASN C 224 -40.11 -27.77 35.23
CA ASN C 224 -40.10 -29.17 34.83
C ASN C 224 -40.71 -29.30 33.44
N ILE C 225 -40.04 -30.05 32.58
CA ILE C 225 -40.60 -30.37 31.28
C ILE C 225 -41.11 -31.80 31.39
N ARG C 226 -42.41 -31.95 31.62
CA ARG C 226 -43.04 -33.26 31.83
C ARG C 226 -44.38 -33.32 31.10
N PRO C 227 -44.35 -33.39 29.78
CA PRO C 227 -45.60 -33.41 29.02
C PRO C 227 -46.35 -34.71 29.29
N PRO C 228 -47.60 -34.61 29.71
CA PRO C 228 -48.28 -35.79 30.27
C PRO C 228 -48.33 -36.99 29.35
N ASP C 229 -48.62 -36.80 28.06
CA ASP C 229 -48.70 -37.93 27.16
C ASP C 229 -47.33 -38.55 26.88
N ASN C 230 -46.25 -37.93 27.32
CA ASN C 230 -44.93 -38.47 27.05
C ASN C 230 -44.32 -39.14 28.26
N VAL C 231 -45.09 -39.34 29.32
CA VAL C 231 -44.63 -40.13 30.45
C VAL C 231 -44.92 -41.59 30.12
N LEU C 232 -43.88 -42.32 29.72
CA LEU C 232 -44.02 -43.68 29.24
C LEU C 232 -42.96 -44.56 29.88
N THR C 233 -43.34 -45.77 30.21
CA THR C 233 -42.39 -46.83 30.52
C THR C 233 -41.66 -47.25 29.25
N GLN C 234 -40.54 -47.95 29.41
CA GLN C 234 -39.81 -48.36 28.21
C GLN C 234 -40.65 -49.31 27.38
N LEU C 235 -41.45 -50.14 28.05
CA LEU C 235 -42.25 -51.10 27.31
C LEU C 235 -43.35 -50.41 26.53
N GLU C 236 -44.00 -49.42 27.15
CA GLU C 236 -44.95 -48.59 26.43
C GLU C 236 -44.33 -47.99 25.17
N LEU C 237 -43.09 -47.49 25.30
CA LEU C 237 -42.42 -46.94 24.12
C LEU C 237 -42.15 -48.03 23.11
N VAL C 238 -41.61 -49.17 23.54
CA VAL C 238 -41.44 -50.24 22.58
C VAL C 238 -42.76 -50.58 21.92
N GLN C 239 -43.86 -50.45 22.66
CA GLN C 239 -45.15 -50.87 22.12
C GLN C 239 -45.65 -49.90 21.06
N ILE C 240 -45.27 -48.64 21.14
CA ILE C 240 -45.64 -47.71 20.09
C ILE C 240 -44.95 -48.07 18.79
N TRP C 241 -43.66 -48.41 18.86
CA TRP C 241 -42.94 -48.78 17.65
C TRP C 241 -43.57 -49.99 16.99
N GLU C 242 -43.81 -51.03 17.76
CA GLU C 242 -44.38 -52.23 17.19
C GLU C 242 -45.73 -51.94 16.55
N LYS C 243 -46.50 -51.03 17.13
CA LYS C 243 -47.80 -50.68 16.56
C LYS C 243 -47.65 -49.90 15.27
N LEU C 244 -46.62 -49.07 15.13
CA LEU C 244 -46.42 -48.36 13.88
C LEU C 244 -45.82 -49.27 12.81
N THR C 245 -45.03 -50.26 13.21
CA THR C 245 -44.40 -51.15 12.25
C THR C 245 -45.20 -52.41 11.96
N GLY C 246 -46.10 -52.81 12.87
CA GLY C 246 -46.81 -54.06 12.72
C GLY C 246 -45.99 -55.30 12.98
N LYS C 247 -44.80 -55.16 13.53
CA LYS C 247 -43.95 -56.30 13.82
C LYS C 247 -43.61 -56.25 15.30
N GLU C 248 -43.60 -57.41 15.95
CA GLU C 248 -43.29 -57.50 17.35
C GLU C 248 -41.82 -57.83 17.51
N LEU C 249 -41.14 -57.11 18.40
CA LEU C 249 -39.74 -57.33 18.67
C LEU C 249 -39.55 -58.40 19.73
N GLU C 250 -38.45 -59.12 19.61
CA GLU C 250 -38.01 -60.04 20.65
C GLU C 250 -37.40 -59.26 21.81
N LYS C 251 -38.03 -59.31 22.97
CA LYS C 251 -37.58 -58.61 24.15
C LYS C 251 -36.79 -59.53 25.06
N THR C 252 -35.71 -59.00 25.62
CA THR C 252 -34.93 -59.63 26.69
C THR C 252 -34.93 -58.69 27.88
N ASN C 253 -35.20 -59.21 29.05
CA ASN C 253 -35.22 -58.35 30.22
C ASN C 253 -33.86 -58.37 30.89
N ILE C 254 -33.43 -57.20 31.33
CA ILE C 254 -32.12 -57.04 31.94
C ILE C 254 -32.35 -56.63 33.38
N ALA C 255 -31.78 -57.39 34.29
CA ALA C 255 -31.88 -57.06 35.69
C ALA C 255 -30.81 -56.04 36.05
N ALA C 256 -31.11 -55.22 37.04
CA ALA C 256 -30.18 -54.21 37.48
C ALA C 256 -28.76 -54.76 37.64
N GLN C 257 -28.63 -55.93 38.30
CA GLN C 257 -27.30 -56.47 38.55
C GLN C 257 -26.55 -56.73 37.24
N ASP C 258 -27.28 -57.10 36.20
CA ASP C 258 -26.66 -57.45 34.92
C ASP C 258 -26.35 -56.20 34.09
N PHE C 259 -27.22 -55.20 34.17
CA PHE C 259 -26.96 -53.94 33.48
C PHE C 259 -25.69 -53.29 34.01
N LEU C 260 -25.47 -53.34 35.31
CA LEU C 260 -24.32 -52.72 35.93
C LEU C 260 -23.10 -53.63 35.99
N ALA C 261 -23.19 -54.85 35.47
CA ALA C 261 -22.13 -55.83 35.69
C ALA C 261 -20.81 -55.40 35.07
N ASN C 262 -19.73 -55.50 35.86
CA ASN C 262 -18.39 -55.23 35.37
C ASN C 262 -18.24 -53.77 34.97
N ILE C 263 -19.07 -52.91 35.56
CA ILE C 263 -19.06 -51.50 35.17
C ILE C 263 -17.72 -50.87 35.49
N GLU C 264 -17.09 -51.27 36.59
CA GLU C 264 -15.80 -50.72 36.92
C GLU C 264 -14.72 -51.05 35.92
N GLN C 265 -15.02 -51.75 34.82
CA GLN C 265 -14.01 -52.10 33.83
C GLN C 265 -14.20 -51.39 32.52
N MET C 266 -15.26 -50.60 32.38
CA MET C 266 -15.47 -49.91 31.12
C MET C 266 -14.81 -48.53 31.18
N GLU C 267 -14.72 -47.90 30.01
CA GLU C 267 -14.21 -46.54 29.94
C GLU C 267 -15.16 -45.57 30.61
N ILE C 268 -14.60 -44.61 31.34
CA ILE C 268 -15.32 -43.60 32.11
C ILE C 268 -16.54 -43.07 31.37
N PRO C 269 -16.43 -42.67 30.11
CA PRO C 269 -17.62 -42.13 29.44
C PRO C 269 -18.74 -43.15 29.37
N HIS C 270 -18.41 -44.44 29.22
CA HIS C 270 -19.48 -45.41 29.22
C HIS C 270 -20.00 -45.66 30.64
N GLN C 271 -19.14 -45.56 31.65
CA GLN C 271 -19.62 -45.69 33.02
C GLN C 271 -20.63 -44.60 33.31
N ALA C 272 -20.38 -43.38 32.84
CA ALA C 272 -21.29 -42.27 33.08
C ALA C 272 -22.63 -42.52 32.41
N GLY C 273 -22.61 -43.08 31.21
CA GLY C 273 -23.86 -43.30 30.50
C GLY C 273 -24.69 -44.42 31.11
N ILE C 274 -24.04 -45.54 31.47
CA ILE C 274 -24.74 -46.60 32.17
C ILE C 274 -25.33 -46.08 33.47
N GLY C 275 -24.57 -45.26 34.19
CA GLY C 275 -25.08 -44.69 35.42
C GLY C 275 -26.27 -43.77 35.20
N HIS C 276 -26.29 -43.03 34.08
CA HIS C 276 -27.45 -42.18 33.83
C HIS C 276 -28.66 -43.00 33.46
N PHE C 277 -28.48 -44.02 32.63
CA PHE C 277 -29.59 -44.87 32.27
C PHE C 277 -30.16 -45.56 33.50
N TYR C 278 -29.29 -45.94 34.43
CA TYR C 278 -29.74 -46.65 35.64
C TYR C 278 -30.68 -45.79 36.45
N HIS C 279 -30.28 -44.55 36.71
CA HIS C 279 -31.17 -43.63 37.41
C HIS C 279 -32.48 -43.45 36.64
N ILE C 280 -32.43 -43.32 35.32
CA ILE C 280 -33.66 -43.08 34.59
C ILE C 280 -34.53 -44.33 34.57
N PHE C 281 -33.99 -45.45 34.13
CA PHE C 281 -34.81 -46.60 33.83
C PHE C 281 -34.97 -47.58 34.97
N TYR C 282 -34.11 -47.57 35.97
CA TYR C 282 -34.29 -48.47 37.10
C TYR C 282 -34.84 -47.75 38.32
N GLU C 283 -34.22 -46.65 38.73
CA GLU C 283 -34.74 -45.91 39.86
C GLU C 283 -35.93 -45.04 39.49
N GLY C 284 -36.14 -44.75 38.22
CA GLY C 284 -37.19 -43.85 37.80
C GLY C 284 -37.09 -42.43 38.34
N CYS C 285 -35.90 -41.84 38.31
CA CYS C 285 -35.66 -40.50 38.87
C CYS C 285 -36.47 -39.39 38.19
N LEU C 286 -36.96 -39.60 36.97
CA LEU C 286 -37.68 -38.52 36.30
C LEU C 286 -39.15 -38.48 36.64
N THR C 287 -39.68 -39.57 37.20
CA THR C 287 -41.06 -39.63 37.63
C THR C 287 -41.24 -40.03 39.07
N ASP C 288 -40.18 -40.31 39.80
CA ASP C 288 -40.32 -40.78 41.19
C ASP C 288 -40.77 -39.71 42.13
N HIS C 289 -41.40 -38.64 41.63
CA HIS C 289 -41.79 -37.52 42.46
C HIS C 289 -42.74 -36.64 41.64
N GLU C 290 -43.58 -35.91 42.36
CA GLU C 290 -44.61 -35.06 41.76
C GLU C 290 -44.14 -33.61 41.63
N VAL C 291 -44.73 -32.90 40.67
CA VAL C 291 -44.46 -31.47 40.49
C VAL C 291 -45.76 -30.77 40.16
N GLY C 292 -45.95 -29.59 40.71
CA GLY C 292 -47.18 -28.87 40.47
C GLY C 292 -47.31 -28.39 39.03
N GLU C 293 -48.57 -28.21 38.61
CA GLU C 293 -48.83 -27.60 37.30
C GLU C 293 -48.19 -26.23 37.18
N ASP C 294 -48.04 -25.52 38.29
CA ASP C 294 -47.46 -24.19 38.22
C ASP C 294 -45.94 -24.23 38.10
N GLU C 295 -45.36 -25.40 37.82
CA GLU C 295 -43.92 -25.49 37.63
C GLU C 295 -43.61 -26.56 36.58
N GLU C 296 -44.53 -26.87 35.70
CA GLU C 296 -44.33 -27.82 34.63
C GLU C 296 -44.63 -27.14 33.31
N ALA C 297 -43.80 -27.40 32.31
CA ALA C 297 -43.79 -26.60 31.09
C ALA C 297 -45.08 -26.74 30.31
N SER C 298 -45.54 -27.96 30.10
CA SER C 298 -46.71 -28.18 29.27
C SER C 298 -47.96 -27.51 29.84
N SER C 299 -48.02 -27.33 31.15
CA SER C 299 -49.15 -26.62 31.71
C SER C 299 -48.93 -25.11 31.65
N LEU C 300 -47.71 -24.66 31.89
CA LEU C 300 -47.42 -23.24 31.84
C LEU C 300 -47.54 -22.68 30.42
N TYR C 301 -47.41 -23.53 29.42
CA TYR C 301 -47.35 -23.09 28.03
C TYR C 301 -48.23 -24.03 27.24
N PRO C 302 -49.54 -23.93 27.44
CA PRO C 302 -50.44 -24.91 26.83
C PRO C 302 -50.58 -24.72 25.34
N ASP C 303 -50.27 -23.54 24.81
CA ASP C 303 -50.30 -23.35 23.36
C ASP C 303 -49.28 -24.22 22.65
N VAL C 304 -48.20 -24.63 23.33
CA VAL C 304 -47.24 -25.53 22.72
C VAL C 304 -47.88 -26.88 22.55
N LYS C 305 -48.16 -27.28 21.32
CA LYS C 305 -48.68 -28.61 21.08
C LYS C 305 -47.47 -29.53 20.96
N TYR C 306 -46.99 -30.03 22.10
CA TYR C 306 -45.74 -30.77 22.07
C TYR C 306 -45.89 -32.03 21.24
N LYS C 307 -44.77 -32.55 20.77
CA LYS C 307 -44.79 -33.74 19.93
C LYS C 307 -44.85 -35.01 20.78
N ARG C 308 -45.83 -35.84 20.52
CA ARG C 308 -45.95 -37.15 21.12
C ARG C 308 -44.93 -38.11 20.50
N MET C 309 -44.68 -39.21 21.20
CA MET C 309 -43.59 -40.08 20.78
C MET C 309 -43.99 -41.03 19.67
N ASP C 310 -45.29 -41.20 19.40
CA ASP C 310 -45.66 -41.90 18.17
C ASP C 310 -45.38 -41.04 16.96
N ASP C 311 -45.79 -39.77 17.00
CA ASP C 311 -45.35 -38.86 15.97
C ASP C 311 -43.83 -38.87 15.85
N TYR C 312 -43.12 -38.70 16.97
CA TYR C 312 -41.66 -38.63 16.89
C TYR C 312 -41.08 -39.86 16.20
N LEU C 313 -41.67 -41.02 16.44
CA LEU C 313 -41.09 -42.27 15.95
C LEU C 313 -41.42 -42.53 14.49
N ARG C 314 -42.54 -42.00 13.98
CA ARG C 314 -42.86 -42.18 12.57
C ARG C 314 -41.65 -41.89 11.70
N MET C 315 -41.01 -40.73 11.90
CA MET C 315 -39.97 -40.33 10.96
C MET C 315 -38.87 -41.37 10.82
N PHE C 316 -38.82 -42.36 11.70
CA PHE C 316 -37.79 -43.38 11.56
C PHE C 316 -38.22 -44.54 10.70
N LEU C 317 -39.47 -44.56 10.26
CA LEU C 317 -39.99 -45.69 9.48
C LEU C 317 -39.14 -46.01 8.24
N LYS D 9 -35.91 -39.59 -12.28
CA LYS D 9 -35.77 -40.70 -13.22
C LYS D 9 -34.33 -41.18 -13.43
N THR D 10 -33.32 -40.34 -13.24
CA THR D 10 -31.96 -40.85 -13.05
C THR D 10 -31.79 -41.13 -11.57
N ARG D 11 -31.40 -42.35 -11.24
CA ARG D 11 -31.26 -42.79 -9.86
C ARG D 11 -29.80 -42.67 -9.46
N VAL D 12 -29.55 -41.95 -8.37
CA VAL D 12 -28.19 -41.65 -7.94
C VAL D 12 -28.00 -42.12 -6.51
N LEU D 13 -26.85 -42.73 -6.27
CA LEU D 13 -26.40 -43.10 -4.93
C LEU D 13 -25.27 -42.17 -4.54
N VAL D 14 -25.46 -41.43 -3.45
CA VAL D 14 -24.41 -40.62 -2.86
C VAL D 14 -23.75 -41.44 -1.75
N VAL D 15 -22.47 -41.68 -1.90
CA VAL D 15 -21.68 -42.38 -0.91
C VAL D 15 -20.78 -41.34 -0.28
N GLY D 16 -21.02 -41.08 1.00
CA GLY D 16 -20.42 -39.95 1.68
C GLY D 16 -21.45 -38.85 1.84
N ALA D 17 -22.68 -39.25 2.14
CA ALA D 17 -23.83 -38.36 2.05
C ALA D 17 -23.90 -37.33 3.16
N THR D 18 -23.19 -37.55 4.26
CA THR D 18 -23.18 -36.59 5.34
C THR D 18 -21.91 -35.78 5.38
N GLY D 19 -21.03 -35.96 4.42
CA GLY D 19 -19.81 -35.18 4.39
C GLY D 19 -20.05 -33.73 4.02
N TYR D 20 -18.98 -32.95 4.09
CA TYR D 20 -19.08 -31.53 3.81
C TYR D 20 -19.69 -31.28 2.43
N ILE D 21 -19.00 -31.72 1.37
CA ILE D 21 -19.53 -31.49 0.02
C ILE D 21 -20.62 -32.50 -0.31
N GLY D 22 -20.53 -33.71 0.25
CA GLY D 22 -21.52 -34.74 -0.02
C GLY D 22 -22.92 -34.34 0.41
N LYS D 23 -23.07 -33.73 1.58
CA LYS D 23 -24.41 -33.36 1.99
C LYS D 23 -25.01 -32.35 1.04
N ARG D 24 -24.17 -31.51 0.45
CA ARG D 24 -24.64 -30.57 -0.56
C ARG D 24 -24.95 -31.29 -1.86
N ILE D 25 -24.08 -32.20 -2.28
CA ILE D 25 -24.41 -33.03 -3.43
C ILE D 25 -25.74 -33.75 -3.23
N VAL D 26 -26.02 -34.23 -2.01
CA VAL D 26 -27.29 -34.91 -1.80
C VAL D 26 -28.45 -33.98 -2.13
N ARG D 27 -28.41 -32.76 -1.61
CA ARG D 27 -29.54 -31.86 -1.78
C ARG D 27 -29.64 -31.37 -3.21
N ALA D 28 -28.49 -31.19 -3.88
CA ALA D 28 -28.48 -30.78 -5.27
C ALA D 28 -29.15 -31.82 -6.15
N CYS D 29 -28.85 -33.10 -5.92
CA CYS D 29 -29.49 -34.16 -6.69
C CYS D 29 -30.99 -34.14 -6.49
N LEU D 30 -31.45 -33.93 -5.26
CA LEU D 30 -32.88 -33.84 -5.03
C LEU D 30 -33.47 -32.62 -5.72
N ALA D 31 -32.78 -31.49 -5.68
CA ALA D 31 -33.29 -30.28 -6.33
C ALA D 31 -33.34 -30.45 -7.83
N GLU D 32 -32.36 -31.13 -8.40
CA GLU D 32 -32.31 -31.41 -9.81
C GLU D 32 -33.39 -32.37 -10.26
N GLY D 33 -34.10 -33.03 -9.34
CA GLY D 33 -35.11 -34.00 -9.69
C GLY D 33 -34.65 -35.44 -9.81
N HIS D 34 -33.42 -35.76 -9.41
CA HIS D 34 -32.98 -37.14 -9.44
C HIS D 34 -33.67 -37.94 -8.34
N GLU D 35 -33.93 -39.22 -8.61
CA GLU D 35 -34.26 -40.15 -7.55
C GLU D 35 -32.95 -40.44 -6.83
N THR D 36 -32.87 -40.04 -5.58
CA THR D 36 -31.59 -39.91 -4.88
C THR D 36 -31.50 -40.92 -3.75
N TYR D 37 -30.43 -41.71 -3.78
CA TYR D 37 -30.17 -42.71 -2.77
C TYR D 37 -28.93 -42.31 -1.98
N VAL D 38 -28.92 -42.65 -0.69
CA VAL D 38 -27.85 -42.26 0.21
C VAL D 38 -27.43 -43.46 1.02
N LEU D 39 -26.14 -43.75 1.02
CA LEU D 39 -25.59 -44.85 1.80
C LEU D 39 -25.50 -44.48 3.28
N GLN D 40 -26.27 -45.16 4.12
CA GLN D 40 -26.16 -44.97 5.56
C GLN D 40 -25.36 -46.13 6.13
N ARG D 41 -24.33 -45.84 6.69
CA ARG D 41 -23.54 -46.94 7.18
C ARG D 41 -23.84 -47.21 8.65
N PRO D 42 -23.74 -48.46 9.08
CA PRO D 42 -24.08 -48.78 10.48
C PRO D 42 -23.07 -48.24 11.49
N GLU D 43 -21.84 -47.95 11.06
CA GLU D 43 -20.80 -47.47 11.96
C GLU D 43 -21.07 -46.07 12.52
N ILE D 44 -22.03 -45.34 12.00
CA ILE D 44 -22.23 -43.98 12.48
C ILE D 44 -23.22 -44.00 13.62
N GLY D 45 -23.08 -44.99 14.50
CA GLY D 45 -24.18 -45.33 15.39
C GLY D 45 -24.54 -44.23 16.35
N LEU D 46 -23.54 -43.64 17.01
CA LEU D 46 -23.77 -42.60 18.01
C LEU D 46 -23.48 -41.21 17.51
N GLU D 47 -23.11 -41.05 16.24
CA GLU D 47 -22.85 -39.72 15.68
C GLU D 47 -24.19 -39.08 15.34
N ILE D 48 -24.72 -38.33 16.30
CA ILE D 48 -26.09 -37.84 16.23
C ILE D 48 -26.29 -36.92 15.03
N GLU D 49 -25.29 -36.10 14.69
CA GLU D 49 -25.48 -35.17 13.58
C GLU D 49 -25.63 -35.91 12.26
N LYS D 50 -24.86 -36.98 12.05
CA LYS D 50 -25.03 -37.80 10.85
C LYS D 50 -26.41 -38.45 10.83
N VAL D 51 -26.81 -39.04 11.95
CA VAL D 51 -28.11 -39.69 12.03
C VAL D 51 -29.21 -38.71 11.66
N GLN D 52 -29.16 -37.51 12.22
CA GLN D 52 -30.26 -36.61 11.96
C GLN D 52 -30.18 -36.02 10.57
N LEU D 53 -29.02 -36.07 9.93
CA LEU D 53 -28.95 -35.68 8.53
C LEU D 53 -29.71 -36.68 7.67
N PHE D 54 -29.45 -37.97 7.88
CA PHE D 54 -30.18 -38.98 7.15
C PHE D 54 -31.68 -38.82 7.35
N LEU D 55 -32.10 -38.52 8.56
CA LEU D 55 -33.53 -38.32 8.76
C LEU D 55 -34.01 -37.11 7.95
N SER D 56 -33.21 -36.07 7.85
CA SER D 56 -33.64 -34.92 7.06
C SER D 56 -33.61 -35.25 5.58
N PHE D 57 -32.56 -35.92 5.11
CA PHE D 57 -32.55 -36.40 3.73
C PHE D 57 -33.80 -37.19 3.43
N LYS D 58 -34.09 -38.18 4.26
CA LYS D 58 -35.28 -38.98 4.05
C LYS D 58 -36.51 -38.10 3.93
N LYS D 59 -36.56 -37.03 4.71
CA LYS D 59 -37.75 -36.18 4.71
C LYS D 59 -37.82 -35.32 3.46
N LEU D 60 -36.71 -35.13 2.75
CA LEU D 60 -36.71 -34.45 1.47
C LEU D 60 -36.95 -35.39 0.29
N GLY D 61 -37.12 -36.68 0.55
CA GLY D 61 -37.32 -37.64 -0.51
C GLY D 61 -36.15 -38.56 -0.81
N ALA D 62 -35.02 -38.39 -0.17
CA ALA D 62 -33.94 -39.35 -0.36
C ALA D 62 -34.28 -40.71 0.24
N ARG D 63 -33.78 -41.76 -0.40
CA ARG D 63 -34.03 -43.12 0.03
C ARG D 63 -32.79 -43.65 0.71
N ILE D 64 -32.99 -44.26 1.88
CA ILE D 64 -31.90 -44.79 2.68
C ILE D 64 -31.53 -46.17 2.17
N VAL D 65 -30.25 -46.40 1.97
CA VAL D 65 -29.71 -47.69 1.58
C VAL D 65 -28.63 -48.00 2.59
N GLU D 66 -28.85 -49.03 3.40
CA GLU D 66 -27.85 -49.46 4.38
C GLU D 66 -26.79 -50.31 3.71
N GLY D 67 -25.54 -50.02 4.04
CA GLY D 67 -24.42 -50.79 3.53
C GLY D 67 -23.15 -50.34 4.22
N SER D 68 -22.11 -51.14 4.04
CA SER D 68 -20.87 -50.92 4.78
C SER D 68 -19.70 -51.31 3.92
N PHE D 69 -18.64 -50.50 3.98
CA PHE D 69 -17.45 -50.85 3.23
C PHE D 69 -16.81 -52.13 3.72
N SER D 70 -17.23 -52.64 4.88
CA SER D 70 -16.70 -53.90 5.38
C SER D 70 -17.36 -55.12 4.75
N ASP D 71 -18.52 -54.93 4.12
CA ASP D 71 -19.37 -56.01 3.63
C ASP D 71 -19.54 -55.83 2.12
N HIS D 72 -18.53 -56.29 1.38
CA HIS D 72 -18.51 -56.19 -0.07
C HIS D 72 -19.90 -56.32 -0.67
N GLN D 73 -20.67 -57.29 -0.23
CA GLN D 73 -21.93 -57.47 -0.93
C GLN D 73 -23.00 -56.49 -0.46
N SER D 74 -22.79 -55.79 0.64
CA SER D 74 -23.66 -54.66 0.95
C SER D 74 -23.47 -53.53 -0.06
N LEU D 75 -22.23 -53.35 -0.53
CA LEU D 75 -21.97 -52.29 -1.48
C LEU D 75 -22.55 -52.63 -2.84
N VAL D 76 -22.44 -53.90 -3.23
CA VAL D 76 -22.96 -54.31 -4.53
C VAL D 76 -24.47 -54.16 -4.58
N SER D 77 -25.16 -54.56 -3.52
CA SER D 77 -26.60 -54.37 -3.49
C SER D 77 -26.95 -52.90 -3.50
N ALA D 78 -26.17 -52.08 -2.81
CA ALA D 78 -26.43 -50.65 -2.85
C ALA D 78 -26.28 -50.12 -4.27
N VAL D 79 -25.14 -50.41 -4.92
CA VAL D 79 -24.97 -49.82 -6.24
C VAL D 79 -25.86 -50.49 -7.26
N LYS D 80 -26.27 -51.74 -7.06
CA LYS D 80 -27.20 -52.33 -8.01
C LYS D 80 -28.51 -51.56 -8.11
N LEU D 81 -28.85 -50.77 -7.12
CA LEU D 81 -30.11 -50.06 -7.16
C LEU D 81 -30.13 -48.85 -8.08
N VAL D 82 -28.99 -48.45 -8.64
CA VAL D 82 -28.89 -47.11 -9.22
C VAL D 82 -28.20 -47.15 -10.57
N ASP D 83 -28.33 -46.03 -11.30
CA ASP D 83 -27.62 -45.73 -12.54
C ASP D 83 -26.30 -45.01 -12.31
N VAL D 84 -26.24 -44.10 -11.35
CA VAL D 84 -25.09 -43.25 -11.14
C VAL D 84 -24.68 -43.31 -9.67
N VAL D 85 -23.39 -43.48 -9.42
CA VAL D 85 -22.81 -43.46 -8.08
C VAL D 85 -21.91 -42.24 -7.98
N VAL D 86 -22.20 -41.37 -7.03
CA VAL D 86 -21.34 -40.24 -6.73
C VAL D 86 -20.74 -40.44 -5.34
N SER D 87 -19.41 -40.38 -5.25
CA SER D 87 -18.65 -40.54 -4.02
C SER D 87 -18.05 -39.23 -3.57
N ALA D 88 -18.24 -38.90 -2.30
CA ALA D 88 -17.63 -37.72 -1.72
C ALA D 88 -16.73 -38.11 -0.56
N MET D 89 -15.94 -39.17 -0.75
CA MET D 89 -15.10 -39.69 0.31
C MET D 89 -14.16 -38.63 0.83
N SER D 90 -13.87 -38.70 2.13
CA SER D 90 -13.08 -37.69 2.82
C SER D 90 -11.72 -37.55 2.17
N GLY D 91 -11.14 -36.35 2.27
CA GLY D 91 -9.92 -36.07 1.55
C GLY D 91 -8.96 -35.06 2.13
N VAL D 92 -9.26 -34.53 3.32
CA VAL D 92 -8.46 -33.47 3.95
C VAL D 92 -7.78 -34.02 5.19
N HIS D 93 -6.46 -33.80 5.25
CA HIS D 93 -5.64 -34.40 6.31
C HIS D 93 -6.11 -33.98 7.71
N PHE D 94 -6.53 -32.72 7.89
CA PHE D 94 -6.97 -32.30 9.22
C PHE D 94 -8.39 -32.76 9.57
N ARG D 95 -9.12 -33.35 8.61
CA ARG D 95 -10.36 -34.04 8.91
C ARG D 95 -10.15 -35.54 8.81
N SER D 96 -9.85 -36.04 7.62
CA SER D 96 -9.94 -37.46 7.34
C SER D 96 -9.50 -37.64 5.90
N HIS D 97 -8.76 -38.69 5.61
CA HIS D 97 -8.11 -38.81 4.32
C HIS D 97 -8.22 -40.25 3.84
N ASN D 98 -9.45 -40.70 3.66
CA ASN D 98 -9.74 -42.09 3.35
C ASN D 98 -10.14 -42.26 1.89
N ILE D 99 -9.45 -41.54 1.01
CA ILE D 99 -9.76 -41.63 -0.42
C ILE D 99 -9.61 -43.06 -0.92
N LEU D 100 -8.65 -43.81 -0.38
CA LEU D 100 -8.40 -45.14 -0.90
C LEU D 100 -9.47 -46.15 -0.51
N VAL D 101 -10.32 -45.83 0.46
CA VAL D 101 -11.43 -46.71 0.76
C VAL D 101 -12.36 -46.85 -0.43
N GLN D 102 -12.35 -45.87 -1.34
CA GLN D 102 -13.17 -45.96 -2.53
C GLN D 102 -12.88 -47.20 -3.34
N LEU D 103 -11.69 -47.79 -3.21
CA LEU D 103 -11.38 -48.95 -4.05
C LEU D 103 -12.39 -50.05 -3.84
N LYS D 104 -12.90 -50.19 -2.62
CA LYS D 104 -13.93 -51.17 -2.36
C LYS D 104 -15.25 -50.79 -3.01
N LEU D 105 -15.52 -49.50 -3.15
CA LEU D 105 -16.68 -49.09 -3.91
C LEU D 105 -16.51 -49.41 -5.40
N VAL D 106 -15.27 -49.34 -5.90
CA VAL D 106 -15.00 -49.62 -7.31
C VAL D 106 -15.21 -51.10 -7.60
N GLU D 107 -14.48 -51.97 -6.89
CA GLU D 107 -14.67 -53.40 -7.08
C GLU D 107 -16.14 -53.78 -6.95
N ALA D 108 -16.85 -53.14 -6.03
CA ALA D 108 -18.27 -53.42 -5.91
C ALA D 108 -19.04 -52.98 -7.14
N ILE D 109 -18.60 -51.92 -7.82
CA ILE D 109 -19.30 -51.48 -9.01
C ILE D 109 -18.93 -52.34 -10.21
N LYS D 110 -17.65 -52.68 -10.33
CA LYS D 110 -17.22 -53.65 -11.34
C LYS D 110 -18.07 -54.90 -11.30
N GLU D 111 -18.19 -55.51 -10.11
CA GLU D 111 -18.96 -56.73 -10.02
C GLU D 111 -20.44 -56.50 -10.32
N ALA D 112 -20.97 -55.35 -9.94
CA ALA D 112 -22.40 -55.10 -10.16
C ALA D 112 -22.73 -55.02 -11.64
N GLY D 113 -21.94 -54.28 -12.39
CA GLY D 113 -22.10 -54.18 -13.83
C GLY D 113 -23.17 -53.22 -14.33
N ASN D 114 -24.00 -52.67 -13.46
CA ASN D 114 -25.15 -51.88 -13.89
C ASN D 114 -24.92 -50.37 -13.87
N VAL D 115 -23.79 -49.90 -13.37
CA VAL D 115 -23.62 -48.48 -13.12
C VAL D 115 -23.18 -47.81 -14.41
N LYS D 116 -24.00 -46.89 -14.91
CA LYS D 116 -23.69 -46.16 -16.13
C LYS D 116 -22.61 -45.10 -15.94
N ARG D 117 -22.43 -44.58 -14.72
CA ARG D 117 -21.38 -43.61 -14.51
C ARG D 117 -21.03 -43.51 -13.04
N PHE D 118 -19.75 -43.31 -12.77
CA PHE D 118 -19.23 -43.15 -11.43
C PHE D 118 -18.48 -41.84 -11.33
N LEU D 119 -18.83 -41.03 -10.34
CA LEU D 119 -18.12 -39.80 -10.04
C LEU D 119 -17.33 -39.99 -8.77
N PRO D 120 -16.02 -40.19 -8.85
CA PRO D 120 -15.22 -40.39 -7.64
C PRO D 120 -15.05 -39.10 -6.84
N SER D 121 -14.46 -39.25 -5.67
CA SER D 121 -14.24 -38.11 -4.78
C SER D 121 -13.07 -37.29 -5.31
N GLU D 122 -13.37 -36.27 -6.10
CA GLU D 122 -12.34 -35.39 -6.63
C GLU D 122 -12.54 -33.98 -6.07
N PHE D 123 -13.20 -33.10 -6.82
CA PHE D 123 -13.70 -31.81 -6.35
C PHE D 123 -12.60 -30.87 -5.89
N GLY D 124 -11.40 -30.99 -6.44
CA GLY D 124 -10.30 -30.14 -6.03
C GLY D 124 -9.25 -29.95 -7.10
N MET D 125 -7.99 -29.95 -6.74
CA MET D 125 -6.95 -29.85 -7.74
C MET D 125 -6.99 -31.06 -8.67
N ASP D 126 -6.65 -30.83 -9.94
CA ASP D 126 -6.65 -31.86 -10.98
C ASP D 126 -5.48 -32.81 -10.77
N PRO D 127 -5.72 -34.07 -10.42
CA PRO D 127 -4.67 -34.92 -9.88
C PRO D 127 -3.60 -35.24 -10.89
N PRO D 128 -3.95 -35.57 -12.14
CA PRO D 128 -2.91 -35.87 -13.13
C PRO D 128 -1.96 -34.72 -13.38
N ARG D 129 -2.34 -33.50 -13.01
CA ARG D 129 -1.47 -32.35 -13.19
C ARG D 129 -0.55 -32.11 -12.01
N MET D 130 -0.71 -32.88 -10.93
CA MET D 130 -0.04 -32.59 -9.68
C MET D 130 1.17 -33.47 -9.44
N GLY D 131 1.71 -34.10 -10.50
CA GLY D 131 2.73 -35.11 -10.34
C GLY D 131 3.98 -34.65 -9.62
N HIS D 132 4.11 -33.35 -9.39
CA HIS D 132 5.30 -32.77 -8.76
C HIS D 132 5.00 -32.16 -7.40
N ALA D 133 3.83 -32.44 -6.84
CA ALA D 133 3.39 -31.81 -5.61
C ALA D 133 4.24 -32.28 -4.41
N LEU D 134 4.26 -31.44 -3.38
CA LEU D 134 5.12 -31.68 -2.23
C LEU D 134 4.58 -32.79 -1.34
N PRO D 135 5.44 -33.69 -0.84
CA PRO D 135 5.04 -34.58 0.26
C PRO D 135 4.85 -33.74 1.50
N PRO D 136 3.84 -34.02 2.33
CA PRO D 136 2.81 -35.07 2.27
C PRO D 136 1.55 -34.71 1.46
N GLY D 137 1.38 -33.43 1.12
CA GLY D 137 0.21 -32.99 0.39
C GLY D 137 -0.08 -33.78 -0.85
N ARG D 138 0.95 -34.38 -1.47
CA ARG D 138 0.72 -35.12 -2.70
C ARG D 138 -0.01 -36.43 -2.45
N GLU D 139 0.05 -36.99 -1.23
CA GLU D 139 -0.77 -38.16 -0.95
C GLU D 139 -2.18 -37.98 -1.46
N THR D 140 -2.70 -36.75 -1.39
CA THR D 140 -4.06 -36.54 -1.89
C THR D 140 -4.17 -36.92 -3.37
N PHE D 141 -3.31 -36.37 -4.19
CA PHE D 141 -3.42 -36.59 -5.61
C PHE D 141 -2.96 -37.99 -6.00
N ASP D 142 -1.93 -38.52 -5.33
CA ASP D 142 -1.53 -39.90 -5.60
C ASP D 142 -2.68 -40.86 -5.37
N GLN D 143 -3.43 -40.67 -4.28
CA GLN D 143 -4.52 -41.59 -3.96
C GLN D 143 -5.70 -41.40 -4.90
N LYS D 144 -6.04 -40.16 -5.24
CA LYS D 144 -7.08 -39.96 -6.24
C LYS D 144 -6.67 -40.52 -7.60
N MET D 145 -5.38 -40.49 -7.92
CA MET D 145 -4.91 -41.15 -9.14
C MET D 145 -5.12 -42.66 -9.06
N GLU D 146 -4.76 -43.27 -7.93
CA GLU D 146 -4.94 -44.71 -7.78
C GLU D 146 -6.41 -45.09 -7.99
N VAL D 147 -7.33 -44.27 -7.48
CA VAL D 147 -8.76 -44.52 -7.68
C VAL D 147 -9.12 -44.44 -9.15
N ARG D 148 -8.54 -43.48 -9.86
CA ARG D 148 -8.87 -43.30 -11.27
C ARG D 148 -8.48 -44.52 -12.09
N GLN D 149 -7.26 -45.01 -11.90
CA GLN D 149 -6.79 -46.16 -12.67
C GLN D 149 -7.65 -47.40 -12.42
N ALA D 150 -8.11 -47.59 -11.18
CA ALA D 150 -9.00 -48.70 -10.91
C ALA D 150 -10.30 -48.57 -11.69
N ILE D 151 -10.84 -47.35 -11.76
CA ILE D 151 -12.07 -47.11 -12.51
C ILE D 151 -11.86 -47.49 -13.97
N GLU D 152 -10.80 -46.96 -14.55
CA GLU D 152 -10.53 -47.19 -15.96
C GLU D 152 -10.14 -48.65 -16.20
N ALA D 153 -9.22 -49.18 -15.40
CA ALA D 153 -8.92 -50.61 -15.47
C ALA D 153 -10.19 -51.44 -15.39
N ALA D 154 -11.19 -50.97 -14.64
CA ALA D 154 -12.45 -51.68 -14.56
C ALA D 154 -13.38 -51.36 -15.70
N GLY D 155 -13.04 -50.37 -16.52
CA GLY D 155 -13.92 -49.95 -17.58
C GLY D 155 -15.14 -49.19 -17.11
N ILE D 156 -15.12 -48.68 -15.89
CA ILE D 156 -16.28 -47.93 -15.41
C ILE D 156 -16.32 -46.57 -16.09
N PRO D 157 -17.48 -46.11 -16.57
CA PRO D 157 -17.58 -44.74 -17.08
C PRO D 157 -17.59 -43.74 -15.94
N TYR D 158 -17.06 -42.55 -16.23
CA TYR D 158 -16.67 -41.63 -15.17
C TYR D 158 -16.84 -40.19 -15.62
N THR D 159 -16.99 -39.31 -14.63
CA THR D 159 -16.77 -37.89 -14.79
C THR D 159 -15.96 -37.43 -13.60
N TYR D 160 -14.90 -36.68 -13.87
CA TYR D 160 -14.04 -36.12 -12.84
C TYR D 160 -14.33 -34.65 -12.74
N VAL D 161 -14.95 -34.25 -11.63
CA VAL D 161 -15.23 -32.85 -11.33
C VAL D 161 -14.06 -32.25 -10.58
N VAL D 162 -13.44 -31.22 -11.15
CA VAL D 162 -12.21 -30.65 -10.64
C VAL D 162 -12.20 -29.13 -10.86
N GLY D 163 -11.29 -28.46 -10.15
CA GLY D 163 -10.78 -27.17 -10.57
C GLY D 163 -10.98 -26.00 -9.63
N ALA D 164 -11.91 -26.04 -8.69
CA ALA D 164 -12.25 -24.85 -7.91
C ALA D 164 -11.92 -25.02 -6.45
N CYS D 165 -11.36 -23.97 -5.85
CA CYS D 165 -11.27 -23.87 -4.39
C CYS D 165 -12.65 -23.72 -3.80
N PHE D 166 -12.98 -24.57 -2.82
CA PHE D 166 -14.19 -24.41 -2.04
C PHE D 166 -14.20 -23.02 -1.40
N ALA D 167 -15.31 -22.31 -1.57
CA ALA D 167 -15.32 -20.91 -1.13
C ALA D 167 -15.19 -20.77 0.39
N ALA D 168 -15.61 -21.78 1.14
CA ALA D 168 -15.56 -21.63 2.59
C ALA D 168 -14.13 -21.67 3.08
N TYR D 169 -13.26 -22.39 2.40
CA TYR D 169 -11.90 -22.61 2.88
C TYR D 169 -10.89 -21.65 2.31
N PHE D 170 -11.22 -20.93 1.23
CA PHE D 170 -10.26 -20.07 0.55
C PHE D 170 -10.75 -18.65 0.28
N ALA D 171 -12.05 -18.37 0.31
CA ALA D 171 -12.54 -17.04 -0.01
C ALA D 171 -13.07 -16.30 1.20
N GLY D 172 -13.95 -16.92 1.98
CA GLY D 172 -14.52 -16.29 3.13
C GLY D 172 -13.52 -15.96 4.22
N ASN D 173 -12.29 -16.43 4.10
CA ASN D 173 -11.22 -16.12 5.02
C ASN D 173 -10.10 -15.31 4.36
N LEU D 174 -10.36 -14.79 3.16
CA LEU D 174 -9.36 -14.11 2.35
C LEU D 174 -8.10 -14.95 2.23
N SER D 175 -8.26 -16.27 2.25
CA SER D 175 -7.18 -17.21 1.99
C SER D 175 -6.18 -17.30 3.12
N GLN D 176 -6.55 -16.88 4.31
CA GLN D 176 -5.71 -17.07 5.49
C GLN D 176 -5.92 -18.48 6.05
N MET D 177 -4.84 -19.15 6.40
CA MET D 177 -4.95 -20.50 6.92
C MET D 177 -5.44 -20.50 8.36
N VAL D 178 -5.93 -21.66 8.80
CA VAL D 178 -6.27 -21.84 10.20
C VAL D 178 -7.25 -20.75 10.63
N THR D 179 -8.12 -20.33 9.72
CA THR D 179 -9.29 -19.55 10.09
C THR D 179 -10.27 -19.63 8.93
N LEU D 180 -11.53 -19.37 9.23
CA LEU D 180 -12.58 -19.45 8.23
C LEU D 180 -13.33 -18.15 8.08
N LEU D 181 -12.97 -17.15 8.82
CA LEU D 181 -13.59 -15.84 8.88
C LEU D 181 -12.64 -14.80 8.30
N PRO D 182 -13.16 -13.67 7.80
CA PRO D 182 -12.27 -12.64 7.30
C PRO D 182 -11.54 -11.96 8.44
N PRO D 183 -10.30 -11.54 8.23
CA PRO D 183 -9.54 -10.92 9.30
C PRO D 183 -10.00 -9.50 9.54
N LYS D 184 -9.71 -8.98 10.72
CA LYS D 184 -10.24 -7.68 11.09
C LYS D 184 -9.37 -6.53 10.62
N GLU D 185 -8.04 -6.67 10.70
CA GLU D 185 -7.18 -5.52 10.45
C GLU D 185 -6.06 -5.84 9.48
N LYS D 186 -5.57 -7.07 9.51
CA LYS D 186 -4.35 -7.47 8.83
C LYS D 186 -4.63 -8.63 7.92
N VAL D 187 -3.82 -8.78 6.87
CA VAL D 187 -3.94 -9.93 6.00
C VAL D 187 -2.58 -10.23 5.39
N ASN D 188 -2.23 -11.50 5.35
CA ASN D 188 -1.05 -11.92 4.62
C ASN D 188 -1.43 -12.13 3.16
N ILE D 189 -0.64 -11.57 2.26
CA ILE D 189 -0.82 -11.76 0.83
C ILE D 189 0.30 -12.68 0.38
N TYR D 190 -0.04 -13.72 -0.36
CA TYR D 190 0.97 -14.68 -0.78
C TYR D 190 1.62 -14.22 -2.06
N GLY D 191 2.95 -14.11 -2.05
CA GLY D 191 3.70 -13.51 -3.11
C GLY D 191 3.29 -12.07 -3.27
N ASP D 192 3.27 -11.60 -4.51
CA ASP D 192 2.72 -10.27 -4.77
C ASP D 192 1.21 -10.26 -4.76
N GLY D 193 0.57 -11.43 -4.69
CA GLY D 193 -0.87 -11.47 -4.65
C GLY D 193 -1.51 -11.42 -6.02
N ASN D 194 -0.75 -11.73 -7.06
CA ASN D 194 -1.24 -11.53 -8.41
C ASN D 194 -1.38 -12.82 -9.20
N VAL D 195 -1.48 -13.94 -8.51
CA VAL D 195 -1.72 -15.24 -9.11
C VAL D 195 -3.22 -15.52 -9.12
N LYS D 196 -3.74 -15.92 -10.27
CA LYS D 196 -5.17 -16.15 -10.39
C LYS D 196 -5.52 -17.47 -9.77
N VAL D 197 -6.59 -17.46 -8.95
CA VAL D 197 -7.13 -18.63 -8.28
C VAL D 197 -8.58 -18.80 -8.69
N VAL D 198 -9.08 -20.03 -8.62
CA VAL D 198 -10.48 -20.32 -8.95
C VAL D 198 -11.24 -20.51 -7.65
N PHE D 199 -12.30 -19.74 -7.45
CA PHE D 199 -13.16 -19.84 -6.30
C PHE D 199 -14.55 -20.28 -6.74
N ALA D 200 -15.19 -21.13 -5.95
CA ALA D 200 -16.56 -21.53 -6.26
C ALA D 200 -17.33 -21.82 -4.99
N ASP D 201 -18.46 -21.16 -4.82
CA ASP D 201 -19.39 -21.54 -3.79
C ASP D 201 -19.68 -23.04 -3.87
N GLU D 202 -19.57 -23.71 -2.72
CA GLU D 202 -19.74 -25.15 -2.68
C GLU D 202 -21.15 -25.58 -3.07
N ASP D 203 -22.15 -24.73 -2.85
CA ASP D 203 -23.49 -25.03 -3.38
C ASP D 203 -23.51 -25.05 -4.90
N ASP D 204 -22.72 -24.18 -5.54
CA ASP D 204 -22.62 -24.22 -7.00
C ASP D 204 -21.87 -25.46 -7.46
N ILE D 205 -20.81 -25.83 -6.77
CA ILE D 205 -20.08 -27.04 -7.12
C ILE D 205 -21.02 -28.24 -7.15
N ALA D 206 -21.85 -28.36 -6.13
CA ALA D 206 -22.76 -29.50 -6.07
C ALA D 206 -23.84 -29.39 -7.12
N LYS D 207 -24.31 -28.18 -7.40
CA LYS D 207 -25.32 -28.02 -8.44
C LYS D 207 -24.74 -28.39 -9.81
N TYR D 208 -23.48 -28.04 -10.07
CA TYR D 208 -22.82 -28.50 -11.28
C TYR D 208 -22.67 -30.02 -11.29
N THR D 209 -22.32 -30.61 -10.14
CA THR D 209 -22.19 -32.05 -10.07
C THR D 209 -23.50 -32.74 -10.36
N ALA D 210 -24.59 -32.30 -9.75
CA ALA D 210 -25.88 -32.90 -10.03
C ALA D 210 -26.24 -32.79 -11.50
N LYS D 211 -25.90 -31.67 -12.14
CA LYS D 211 -26.27 -31.46 -13.54
C LYS D 211 -25.39 -32.23 -14.50
N THR D 212 -24.16 -32.53 -14.12
CA THR D 212 -23.24 -33.16 -15.04
C THR D 212 -23.35 -34.66 -15.05
N LEU D 213 -23.79 -35.28 -13.94
CA LEU D 213 -23.80 -36.73 -13.90
C LEU D 213 -24.77 -37.33 -14.91
N ASN D 214 -25.58 -36.50 -15.55
CA ASN D 214 -26.60 -36.86 -16.53
C ASN D 214 -26.17 -36.60 -17.97
N ASP D 215 -25.15 -35.79 -18.17
CA ASP D 215 -24.89 -35.12 -19.44
C ASP D 215 -24.03 -35.99 -20.33
N PRO D 216 -24.51 -36.40 -21.50
CA PRO D 216 -23.61 -37.09 -22.44
C PRO D 216 -22.36 -36.31 -22.73
N ARG D 217 -22.44 -34.99 -22.69
CA ARG D 217 -21.30 -34.19 -23.08
C ARG D 217 -20.10 -34.43 -22.19
N THR D 218 -20.29 -35.04 -21.03
CA THR D 218 -19.22 -35.20 -20.06
C THR D 218 -19.00 -36.66 -19.67
N LEU D 219 -19.49 -37.60 -20.48
CA LEU D 219 -19.23 -39.01 -20.24
C LEU D 219 -17.76 -39.30 -20.47
N ASN D 220 -17.10 -39.91 -19.49
CA ASN D 220 -15.66 -40.16 -19.57
C ASN D 220 -14.89 -38.88 -19.86
N LYS D 221 -15.28 -37.79 -19.22
CA LYS D 221 -14.60 -36.52 -19.38
C LYS D 221 -14.17 -36.00 -18.01
N THR D 222 -13.30 -35.01 -18.04
CA THR D 222 -13.00 -34.19 -16.88
C THR D 222 -13.78 -32.89 -17.04
N VAL D 223 -14.55 -32.51 -16.01
CA VAL D 223 -15.28 -31.26 -16.01
C VAL D 223 -14.57 -30.30 -15.06
N ASN D 224 -14.08 -29.20 -15.61
CA ASN D 224 -13.54 -28.14 -14.78
C ASN D 224 -14.65 -27.23 -14.31
N ILE D 225 -14.61 -26.86 -13.05
CA ILE D 225 -15.42 -25.77 -12.54
C ILE D 225 -14.53 -24.55 -12.54
N ARG D 226 -14.74 -23.63 -13.46
CA ARG D 226 -13.94 -22.40 -13.52
C ARG D 226 -14.83 -21.25 -13.90
N PRO D 227 -15.77 -20.88 -13.05
CA PRO D 227 -16.65 -19.79 -13.38
C PRO D 227 -15.84 -18.53 -13.63
N PRO D 228 -15.96 -17.96 -14.83
CA PRO D 228 -15.04 -16.87 -15.23
C PRO D 228 -14.96 -15.72 -14.25
N ASP D 229 -16.09 -15.25 -13.73
CA ASP D 229 -16.06 -14.13 -12.81
C ASP D 229 -15.41 -14.48 -11.49
N ASN D 230 -15.19 -15.76 -11.20
CA ASN D 230 -14.62 -16.16 -9.92
C ASN D 230 -13.17 -16.56 -10.05
N VAL D 231 -12.55 -16.22 -11.18
CA VAL D 231 -11.11 -16.38 -11.38
C VAL D 231 -10.47 -15.10 -10.86
N LEU D 232 -9.94 -15.13 -9.65
CA LEU D 232 -9.56 -13.93 -8.93
C LEU D 232 -8.18 -14.10 -8.34
N THR D 233 -7.38 -13.04 -8.36
CA THR D 233 -6.16 -13.07 -7.56
C THR D 233 -6.50 -12.83 -6.10
N GLN D 234 -5.62 -13.30 -5.21
CA GLN D 234 -5.84 -13.08 -3.78
C GLN D 234 -6.04 -11.60 -3.49
N LEU D 235 -5.26 -10.74 -4.14
CA LEU D 235 -5.43 -9.30 -3.96
C LEU D 235 -6.77 -8.81 -4.51
N GLU D 236 -7.21 -9.36 -5.63
CA GLU D 236 -8.56 -9.02 -6.10
C GLU D 236 -9.63 -9.47 -5.11
N LEU D 237 -9.51 -10.68 -4.55
CA LEU D 237 -10.45 -11.11 -3.52
C LEU D 237 -10.41 -10.18 -2.32
N VAL D 238 -9.21 -9.84 -1.86
CA VAL D 238 -9.10 -8.92 -0.74
C VAL D 238 -9.75 -7.59 -1.08
N GLN D 239 -9.58 -7.11 -2.31
CA GLN D 239 -10.14 -5.81 -2.69
C GLN D 239 -11.65 -5.88 -2.74
N ILE D 240 -12.22 -7.03 -3.09
CA ILE D 240 -13.65 -7.22 -2.95
C ILE D 240 -14.07 -7.04 -1.50
N TRP D 241 -13.32 -7.61 -0.57
CA TRP D 241 -13.74 -7.49 0.82
C TRP D 241 -13.58 -6.04 1.31
N GLU D 242 -12.54 -5.34 0.87
CA GLU D 242 -12.34 -3.97 1.30
C GLU D 242 -13.43 -3.04 0.78
N LYS D 243 -14.01 -3.35 -0.37
CA LYS D 243 -15.14 -2.54 -0.84
C LYS D 243 -16.40 -2.82 -0.02
N LEU D 244 -16.68 -4.08 0.29
CA LEU D 244 -17.89 -4.35 1.04
C LEU D 244 -17.84 -3.69 2.40
N THR D 245 -16.68 -3.62 3.02
CA THR D 245 -16.59 -3.08 4.36
C THR D 245 -16.27 -1.61 4.37
N GLY D 246 -15.76 -1.08 3.27
CA GLY D 246 -15.23 0.25 3.25
C GLY D 246 -13.97 0.44 4.06
N LYS D 247 -13.26 -0.64 4.39
CA LYS D 247 -12.09 -0.56 5.27
C LYS D 247 -10.88 -1.17 4.58
N GLU D 248 -9.73 -0.54 4.74
CA GLU D 248 -8.49 -0.96 4.09
C GLU D 248 -7.68 -1.83 5.03
N LEU D 249 -7.28 -3.00 4.57
CA LEU D 249 -6.50 -3.91 5.39
C LEU D 249 -5.00 -3.65 5.26
N GLU D 250 -4.29 -3.71 6.37
CA GLU D 250 -2.85 -3.71 6.32
C GLU D 250 -2.38 -5.04 5.74
N LYS D 251 -1.53 -4.97 4.73
CA LYS D 251 -1.16 -6.12 3.94
C LYS D 251 0.32 -6.41 4.12
N THR D 252 0.64 -7.69 4.26
CA THR D 252 2.01 -8.15 4.31
C THR D 252 2.18 -9.23 3.26
N ASN D 253 3.12 -9.02 2.35
CA ASN D 253 3.45 -10.04 1.38
C ASN D 253 4.39 -11.04 2.00
N ILE D 254 4.14 -12.32 1.73
CA ILE D 254 4.93 -13.42 2.26
C ILE D 254 5.65 -14.06 1.09
N ALA D 255 6.97 -14.03 1.10
CA ALA D 255 7.72 -14.61 -0.01
C ALA D 255 7.71 -16.13 0.09
N ALA D 256 7.74 -16.79 -1.08
CA ALA D 256 7.58 -18.23 -1.12
C ALA D 256 8.48 -18.93 -0.10
N GLN D 257 9.73 -18.50 0.00
CA GLN D 257 10.67 -19.07 0.94
C GLN D 257 10.21 -18.93 2.38
N ASP D 258 9.47 -17.88 2.69
CA ASP D 258 9.03 -17.72 4.06
C ASP D 258 7.76 -18.50 4.32
N PHE D 259 6.90 -18.65 3.31
CA PHE D 259 5.70 -19.44 3.51
C PHE D 259 6.04 -20.88 3.86
N LEU D 260 7.05 -21.42 3.20
CA LEU D 260 7.45 -22.82 3.29
C LEU D 260 8.47 -23.09 4.39
N ALA D 261 8.95 -22.08 5.11
CA ALA D 261 10.09 -22.28 5.98
C ALA D 261 9.79 -23.23 7.14
N ASN D 262 10.69 -24.18 7.36
CA ASN D 262 10.56 -25.16 8.45
C ASN D 262 9.27 -25.95 8.31
N ILE D 263 8.77 -26.07 7.09
CA ILE D 263 7.60 -26.90 6.86
C ILE D 263 7.80 -28.28 7.48
N GLU D 264 8.97 -28.87 7.26
CA GLU D 264 9.20 -30.24 7.66
C GLU D 264 9.12 -30.43 9.17
N GLN D 265 8.98 -29.37 9.96
CA GLN D 265 8.87 -29.47 11.41
C GLN D 265 7.44 -29.31 11.90
N MET D 266 6.45 -29.64 11.11
CA MET D 266 5.08 -29.30 11.50
C MET D 266 4.19 -30.51 11.43
N GLU D 267 3.04 -30.41 12.11
CA GLU D 267 2.12 -31.54 12.14
C GLU D 267 1.77 -31.92 10.72
N ILE D 268 1.62 -33.23 10.47
CA ILE D 268 1.42 -33.71 9.10
C ILE D 268 0.28 -32.96 8.42
N PRO D 269 -0.92 -32.88 9.00
CA PRO D 269 -2.01 -32.11 8.37
C PRO D 269 -1.64 -30.70 7.96
N HIS D 270 -0.72 -30.08 8.68
CA HIS D 270 -0.37 -28.72 8.32
C HIS D 270 0.65 -28.70 7.19
N GLN D 271 1.58 -29.65 7.18
CA GLN D 271 2.46 -29.75 6.00
C GLN D 271 1.64 -29.92 4.74
N ALA D 272 0.54 -30.68 4.82
CA ALA D 272 -0.29 -30.89 3.65
C ALA D 272 -0.98 -29.60 3.25
N GLY D 273 -1.69 -28.96 4.18
CA GLY D 273 -2.31 -27.69 3.87
C GLY D 273 -1.33 -26.68 3.29
N ILE D 274 -0.18 -26.52 3.94
CA ILE D 274 0.77 -25.53 3.44
C ILE D 274 1.21 -25.90 2.02
N GLY D 275 1.44 -27.19 1.78
CA GLY D 275 1.80 -27.61 0.43
C GLY D 275 0.72 -27.30 -0.61
N HIS D 276 -0.55 -27.53 -0.25
CA HIS D 276 -1.64 -27.24 -1.18
C HIS D 276 -1.78 -25.74 -1.42
N PHE D 277 -1.69 -24.92 -0.37
CA PHE D 277 -1.74 -23.49 -0.56
C PHE D 277 -0.63 -23.03 -1.51
N TYR D 278 0.57 -23.59 -1.35
CA TYR D 278 1.68 -23.21 -2.22
C TYR D 278 1.34 -23.43 -3.67
N HIS D 279 0.79 -24.59 -4.01
CA HIS D 279 0.49 -24.86 -5.41
C HIS D 279 -0.58 -23.93 -5.96
N ILE D 280 -1.51 -23.50 -5.11
CA ILE D 280 -2.63 -22.69 -5.58
C ILE D 280 -2.23 -21.23 -5.71
N PHE D 281 -1.59 -20.67 -4.69
CA PHE D 281 -1.36 -19.24 -4.59
C PHE D 281 0.00 -18.81 -5.07
N TYR D 282 1.01 -19.66 -5.02
CA TYR D 282 2.31 -19.33 -5.59
C TYR D 282 2.53 -19.93 -6.97
N GLU D 283 2.16 -21.18 -7.20
CA GLU D 283 2.40 -21.76 -8.52
C GLU D 283 1.24 -21.54 -9.49
N GLY D 284 0.09 -21.09 -9.01
CA GLY D 284 -1.05 -20.90 -9.89
C GLY D 284 -1.63 -22.14 -10.53
N CYS D 285 -1.56 -23.29 -9.84
CA CYS D 285 -1.89 -24.55 -10.50
C CYS D 285 -3.33 -24.63 -10.97
N LEU D 286 -4.24 -23.84 -10.41
CA LEU D 286 -5.61 -23.87 -10.86
C LEU D 286 -5.85 -23.04 -12.13
N THR D 287 -4.90 -22.20 -12.53
CA THR D 287 -5.10 -21.36 -13.70
C THR D 287 -3.92 -21.39 -14.67
N ASP D 288 -2.93 -22.26 -14.48
CA ASP D 288 -1.76 -22.31 -15.34
C ASP D 288 -1.97 -23.12 -16.61
N HIS D 289 -3.21 -23.28 -17.04
CA HIS D 289 -3.54 -24.07 -18.20
C HIS D 289 -4.96 -23.70 -18.58
N GLU D 290 -5.28 -23.80 -19.85
CA GLU D 290 -6.59 -23.42 -20.34
C GLU D 290 -7.49 -24.64 -20.44
N VAL D 291 -8.79 -24.40 -20.42
CA VAL D 291 -9.76 -25.45 -20.67
C VAL D 291 -10.79 -24.93 -21.65
N GLY D 292 -11.22 -25.79 -22.57
CA GLY D 292 -12.22 -25.40 -23.53
C GLY D 292 -13.58 -25.19 -22.89
N GLU D 293 -14.46 -24.51 -23.63
CA GLU D 293 -15.81 -24.30 -23.11
C GLU D 293 -16.54 -25.63 -22.92
N ASP D 294 -16.16 -26.66 -23.65
CA ASP D 294 -16.90 -27.92 -23.66
C ASP D 294 -16.50 -28.84 -22.52
N GLU D 295 -15.54 -28.42 -21.71
CA GLU D 295 -15.13 -29.16 -20.52
C GLU D 295 -15.18 -28.27 -19.29
N GLU D 296 -16.01 -27.21 -19.31
CA GLU D 296 -16.06 -26.26 -18.21
C GLU D 296 -17.49 -26.02 -17.75
N ALA D 297 -17.72 -26.18 -16.45
CA ALA D 297 -19.07 -26.26 -15.91
C ALA D 297 -19.91 -25.05 -16.30
N SER D 298 -19.43 -23.83 -16.04
CA SER D 298 -20.30 -22.67 -16.24
C SER D 298 -20.68 -22.48 -17.69
N SER D 299 -19.85 -22.98 -18.61
CA SER D 299 -20.20 -22.97 -20.03
C SER D 299 -21.17 -24.08 -20.39
N LEU D 300 -21.00 -25.27 -19.79
CA LEU D 300 -21.88 -26.40 -20.11
C LEU D 300 -23.27 -26.25 -19.52
N TYR D 301 -23.41 -25.48 -18.44
CA TYR D 301 -24.66 -25.33 -17.73
C TYR D 301 -24.86 -23.87 -17.42
N PRO D 302 -25.08 -23.04 -18.45
CA PRO D 302 -25.28 -21.60 -18.21
C PRO D 302 -26.54 -21.29 -17.43
N ASP D 303 -27.45 -22.25 -17.27
CA ASP D 303 -28.61 -22.06 -16.42
C ASP D 303 -28.22 -21.79 -14.98
N VAL D 304 -27.05 -22.20 -14.56
CA VAL D 304 -26.59 -22.04 -13.17
C VAL D 304 -26.11 -20.61 -12.96
N LYS D 305 -26.88 -19.82 -12.23
CA LYS D 305 -26.49 -18.47 -11.85
C LYS D 305 -25.53 -18.58 -10.68
N TYR D 306 -24.26 -18.80 -11.00
CA TYR D 306 -23.33 -19.12 -9.93
C TYR D 306 -23.03 -17.88 -9.10
N LYS D 307 -22.79 -18.10 -7.82
CA LYS D 307 -22.55 -17.00 -6.90
C LYS D 307 -21.13 -16.45 -7.06
N ARG D 308 -21.05 -15.14 -7.22
CA ARG D 308 -19.77 -14.48 -7.32
C ARG D 308 -19.18 -14.28 -5.94
N MET D 309 -17.87 -14.08 -5.89
CA MET D 309 -17.25 -13.91 -4.59
C MET D 309 -17.75 -12.67 -3.86
N ASP D 310 -18.18 -11.64 -4.57
CA ASP D 310 -18.66 -10.51 -3.80
C ASP D 310 -19.99 -10.82 -3.13
N ASP D 311 -20.84 -11.64 -3.74
CA ASP D 311 -22.01 -12.06 -3.01
C ASP D 311 -21.68 -13.09 -1.95
N TYR D 312 -20.63 -13.89 -2.15
CA TYR D 312 -20.27 -14.86 -1.14
C TYR D 312 -19.87 -14.15 0.15
N LEU D 313 -18.92 -13.24 0.03
CA LEU D 313 -18.40 -12.54 1.20
C LEU D 313 -19.46 -11.74 1.93
N ARG D 314 -20.56 -11.41 1.26
CA ARG D 314 -21.58 -10.61 1.90
C ARG D 314 -22.20 -11.28 3.12
N MET D 315 -22.16 -12.61 3.20
CA MET D 315 -22.67 -13.29 4.38
C MET D 315 -21.86 -12.96 5.63
N PHE D 316 -20.59 -12.62 5.48
CA PHE D 316 -19.72 -12.38 6.61
C PHE D 316 -19.80 -10.95 7.12
N LEU D 317 -20.68 -10.13 6.55
CA LEU D 317 -20.83 -8.79 7.06
C LEU D 317 -21.67 -8.74 8.33
N LYS E 9 32.03 -1.47 -6.06
CA LYS E 9 33.04 -2.52 -6.12
C LYS E 9 33.31 -3.04 -7.52
N THR E 10 32.29 -3.29 -8.35
CA THR E 10 32.59 -3.58 -9.74
C THR E 10 33.15 -2.34 -10.42
N ARG E 11 34.36 -2.45 -10.96
CA ARG E 11 34.96 -1.39 -11.75
C ARG E 11 34.50 -1.53 -13.19
N VAL E 12 33.81 -0.51 -13.71
CA VAL E 12 33.33 -0.46 -15.08
C VAL E 12 34.01 0.67 -15.84
N LEU E 13 34.39 0.37 -17.08
CA LEU E 13 34.86 1.36 -18.03
C LEU E 13 33.77 1.53 -19.08
N VAL E 14 33.27 2.74 -19.22
CA VAL E 14 32.29 3.07 -20.25
C VAL E 14 33.04 3.68 -21.42
N VAL E 15 32.93 3.06 -22.59
CA VAL E 15 33.51 3.57 -23.82
C VAL E 15 32.37 4.08 -24.68
N GLY E 16 32.41 5.37 -25.03
CA GLY E 16 31.27 6.02 -25.63
C GLY E 16 30.44 6.73 -24.58
N ALA E 17 31.13 7.41 -23.66
CA ALA E 17 30.50 7.96 -22.48
C ALA E 17 29.61 9.17 -22.76
N THR E 18 29.92 9.96 -23.79
CA THR E 18 29.14 11.15 -24.09
C THR E 18 28.05 10.92 -25.13
N GLY E 19 27.87 9.68 -25.57
CA GLY E 19 26.83 9.38 -26.54
C GLY E 19 25.44 9.45 -25.95
N TYR E 20 24.46 9.29 -26.83
CA TYR E 20 23.07 9.39 -26.40
C TYR E 20 22.74 8.39 -25.30
N ILE E 21 23.00 7.09 -25.55
CA ILE E 21 22.73 6.09 -24.52
C ILE E 21 23.91 5.94 -23.58
N GLY E 22 25.09 6.36 -23.99
CA GLY E 22 26.27 6.18 -23.16
C GLY E 22 26.24 7.01 -21.89
N LYS E 23 25.89 8.29 -22.00
CA LYS E 23 25.88 9.14 -20.84
C LYS E 23 24.86 8.67 -19.81
N ARG E 24 23.74 8.14 -20.28
CA ARG E 24 22.79 7.51 -19.38
C ARG E 24 23.42 6.30 -18.70
N ILE E 25 24.09 5.45 -19.49
CA ILE E 25 24.76 4.30 -18.89
C ILE E 25 25.76 4.74 -17.85
N VAL E 26 26.49 5.82 -18.12
CA VAL E 26 27.43 6.34 -17.14
C VAL E 26 26.70 6.65 -15.84
N ARG E 27 25.58 7.35 -15.94
CA ARG E 27 24.90 7.80 -14.75
C ARG E 27 24.27 6.63 -14.04
N ALA E 28 23.74 5.68 -14.80
CA ALA E 28 23.22 4.48 -14.24
C ALA E 28 24.29 3.73 -13.46
N CYS E 29 25.48 3.60 -14.03
CA CYS E 29 26.49 2.85 -13.32
C CYS E 29 26.91 3.56 -12.03
N LEU E 30 26.93 4.88 -12.04
CA LEU E 30 27.21 5.60 -10.81
C LEU E 30 26.16 5.28 -9.78
N ALA E 31 24.90 5.59 -10.10
CA ALA E 31 23.82 5.42 -9.13
C ALA E 31 23.78 4.00 -8.59
N GLU E 32 24.07 3.02 -9.44
CA GLU E 32 23.97 1.64 -9.03
C GLU E 32 25.08 1.25 -8.07
N GLY E 33 26.10 2.08 -7.93
CA GLY E 33 27.19 1.84 -7.02
C GLY E 33 28.44 1.26 -7.63
N HIS E 34 28.54 1.18 -8.96
CA HIS E 34 29.78 0.76 -9.59
C HIS E 34 30.84 1.84 -9.44
N GLU E 35 32.09 1.42 -9.41
CA GLU E 35 33.21 2.35 -9.53
C GLU E 35 33.38 2.64 -11.01
N THR E 36 32.90 3.79 -11.46
CA THR E 36 32.68 4.04 -12.88
C THR E 36 33.82 4.86 -13.47
N TYR E 37 34.45 4.30 -14.51
CA TYR E 37 35.44 4.99 -15.31
C TYR E 37 34.86 5.29 -16.69
N VAL E 38 35.28 6.40 -17.27
CA VAL E 38 34.81 6.81 -18.58
C VAL E 38 36.03 7.11 -19.44
N LEU E 39 36.03 6.62 -20.67
CA LEU E 39 37.11 6.92 -21.58
C LEU E 39 36.92 8.30 -22.19
N GLN E 40 37.92 9.15 -22.05
CA GLN E 40 37.92 10.51 -22.60
C GLN E 40 39.00 10.59 -23.67
N ARG E 41 38.60 10.63 -24.91
CA ARG E 41 39.53 10.63 -26.03
C ARG E 41 40.06 12.04 -26.29
N PRO E 42 41.38 12.19 -26.51
CA PRO E 42 41.93 13.55 -26.72
C PRO E 42 41.43 14.22 -28.00
N GLU E 43 40.87 13.46 -28.93
CA GLU E 43 40.37 14.06 -30.15
C GLU E 43 39.14 14.93 -29.94
N ILE E 44 38.56 15.02 -28.75
CA ILE E 44 37.29 15.73 -28.64
C ILE E 44 37.49 17.24 -28.65
N GLY E 45 38.69 17.71 -28.34
CA GLY E 45 39.07 19.06 -28.67
C GLY E 45 38.08 20.14 -28.28
N LEU E 46 37.49 20.78 -29.29
CA LEU E 46 36.60 21.92 -29.09
C LEU E 46 35.13 21.51 -29.04
N GLU E 47 34.86 20.24 -28.79
CA GLU E 47 33.49 19.76 -28.70
C GLU E 47 33.02 20.04 -27.28
N ILE E 48 32.41 21.22 -27.08
CA ILE E 48 32.21 21.70 -25.73
C ILE E 48 31.18 20.85 -25.00
N GLU E 49 30.15 20.37 -25.70
CA GLU E 49 29.13 19.59 -25.03
C GLU E 49 29.70 18.29 -24.45
N LYS E 50 30.63 17.65 -25.16
CA LYS E 50 31.29 16.47 -24.61
C LYS E 50 32.20 16.84 -23.45
N VAL E 51 33.02 17.88 -23.60
CA VAL E 51 33.95 18.21 -22.52
C VAL E 51 33.17 18.41 -21.22
N GLN E 52 32.08 19.16 -21.29
CA GLN E 52 31.41 19.53 -20.08
C GLN E 52 30.62 18.37 -19.51
N LEU E 53 30.17 17.46 -20.38
CA LEU E 53 29.62 16.20 -19.89
C LEU E 53 30.67 15.42 -19.11
N PHE E 54 31.90 15.38 -19.60
CA PHE E 54 32.95 14.71 -18.86
C PHE E 54 33.17 15.38 -17.52
N LEU E 55 33.22 16.71 -17.48
CA LEU E 55 33.37 17.36 -16.20
C LEU E 55 32.19 17.06 -15.28
N SER E 56 30.99 16.96 -15.83
CA SER E 56 29.84 16.66 -14.98
C SER E 56 29.92 15.23 -14.43
N PHE E 57 30.36 14.28 -15.26
CA PHE E 57 30.62 12.94 -14.75
C PHE E 57 31.59 13.00 -13.58
N LYS E 58 32.71 13.69 -13.77
CA LYS E 58 33.68 13.84 -12.69
C LYS E 58 33.01 14.33 -11.42
N LYS E 59 32.18 15.37 -11.52
CA LYS E 59 31.52 15.87 -10.33
C LYS E 59 30.76 14.76 -9.63
N LEU E 60 30.05 13.95 -10.40
CA LEU E 60 29.25 12.88 -9.80
C LEU E 60 30.09 11.69 -9.33
N GLY E 61 31.41 11.71 -9.55
CA GLY E 61 32.27 10.63 -9.06
C GLY E 61 32.87 9.73 -10.11
N ALA E 62 32.61 9.95 -11.39
CA ALA E 62 33.25 9.14 -12.40
C ALA E 62 34.74 9.43 -12.48
N ARG E 63 35.50 8.45 -12.94
CA ARG E 63 36.92 8.60 -13.11
C ARG E 63 37.27 8.74 -14.58
N ILE E 64 38.05 9.77 -14.89
CA ILE E 64 38.42 10.08 -16.27
C ILE E 64 39.61 9.23 -16.65
N VAL E 65 39.45 8.43 -17.70
CA VAL E 65 40.54 7.65 -18.27
C VAL E 65 40.78 8.20 -19.66
N GLU E 66 41.94 8.81 -19.86
CA GLU E 66 42.35 9.25 -21.18
C GLU E 66 42.82 8.05 -21.98
N GLY E 67 42.49 8.05 -23.26
CA GLY E 67 42.90 7.00 -24.16
C GLY E 67 42.33 7.31 -25.53
N SER E 68 42.88 6.63 -26.53
CA SER E 68 42.51 6.90 -27.91
C SER E 68 42.49 5.62 -28.73
N PHE E 69 41.47 5.47 -29.56
CA PHE E 69 41.42 4.30 -30.44
C PHE E 69 42.53 4.29 -31.48
N SER E 70 43.25 5.39 -31.67
CA SER E 70 44.45 5.39 -32.49
C SER E 70 45.69 5.17 -31.67
N ASP E 71 45.56 4.47 -30.55
CA ASP E 71 46.70 4.24 -29.66
C ASP E 71 46.42 2.93 -28.93
N HIS E 72 46.75 1.83 -29.60
CA HIS E 72 46.45 0.52 -29.03
C HIS E 72 46.87 0.43 -27.57
N GLN E 73 48.08 0.90 -27.26
CA GLN E 73 48.55 0.83 -25.88
C GLN E 73 47.59 1.55 -24.94
N SER E 74 47.11 2.73 -25.35
CA SER E 74 46.23 3.48 -24.46
C SER E 74 44.96 2.71 -24.15
N LEU E 75 44.45 1.94 -25.11
CA LEU E 75 43.25 1.16 -24.81
C LEU E 75 43.56 -0.04 -23.91
N VAL E 76 44.82 -0.48 -23.88
CA VAL E 76 45.20 -1.57 -22.99
C VAL E 76 45.26 -1.07 -21.55
N SER E 77 45.88 0.09 -21.33
CA SER E 77 45.93 0.62 -19.97
C SER E 77 44.54 0.94 -19.46
N ALA E 78 43.65 1.41 -20.33
CA ALA E 78 42.30 1.73 -19.89
C ALA E 78 41.58 0.47 -19.43
N VAL E 79 41.57 -0.56 -20.26
CA VAL E 79 40.79 -1.72 -19.90
C VAL E 79 41.52 -2.50 -18.82
N LYS E 80 42.73 -2.06 -18.45
CA LYS E 80 43.42 -2.71 -17.35
C LYS E 80 42.88 -2.28 -16.00
N LEU E 81 42.19 -1.15 -15.96
CA LEU E 81 41.81 -0.55 -14.71
C LEU E 81 40.51 -1.11 -14.14
N VAL E 82 39.82 -2.00 -14.86
CA VAL E 82 38.43 -2.27 -14.54
C VAL E 82 38.10 -3.75 -14.69
N ASP E 83 36.95 -4.12 -14.16
CA ASP E 83 36.45 -5.48 -14.24
C ASP E 83 35.53 -5.65 -15.44
N VAL E 84 34.70 -4.66 -15.75
CA VAL E 84 33.78 -4.74 -16.87
C VAL E 84 33.97 -3.53 -17.79
N VAL E 85 33.87 -3.77 -19.09
CA VAL E 85 33.87 -2.72 -20.09
C VAL E 85 32.50 -2.70 -20.75
N VAL E 86 31.94 -1.51 -20.90
CA VAL E 86 30.68 -1.33 -21.58
C VAL E 86 30.87 -0.30 -22.68
N SER E 87 30.43 -0.64 -23.89
CA SER E 87 30.63 0.18 -25.07
C SER E 87 29.29 0.66 -25.58
N ALA E 88 29.15 1.96 -25.71
CA ALA E 88 28.00 2.59 -26.33
C ALA E 88 28.44 3.26 -27.63
N MET E 89 29.34 2.58 -28.32
CA MET E 89 29.81 2.98 -29.64
C MET E 89 28.62 3.27 -30.56
N SER E 90 28.78 4.31 -31.38
CA SER E 90 27.72 4.78 -32.24
C SER E 90 27.36 3.76 -33.30
N GLY E 91 26.11 3.77 -33.77
CA GLY E 91 25.64 2.77 -34.73
C GLY E 91 24.52 3.17 -35.66
N VAL E 92 24.10 4.43 -35.62
CA VAL E 92 22.99 4.93 -36.43
C VAL E 92 23.56 5.83 -37.52
N HIS E 93 23.02 5.67 -38.73
CA HIS E 93 23.62 6.19 -39.96
C HIS E 93 23.51 7.72 -40.09
N PHE E 94 22.46 8.33 -39.57
CA PHE E 94 22.36 9.79 -39.66
C PHE E 94 23.08 10.50 -38.52
N ARG E 95 23.45 9.78 -37.47
CA ARG E 95 24.65 10.11 -36.72
C ARG E 95 25.75 9.25 -37.32
N SER E 96 26.90 9.17 -36.68
CA SER E 96 27.93 8.32 -37.26
C SER E 96 27.60 6.84 -37.01
N HIS E 97 28.40 5.96 -37.61
CA HIS E 97 28.09 4.53 -37.66
C HIS E 97 29.36 3.69 -37.53
N ASN E 98 30.04 3.82 -36.39
CA ASN E 98 31.39 3.29 -36.28
C ASN E 98 31.46 2.09 -35.36
N ILE E 99 30.62 1.08 -35.61
CA ILE E 99 30.59 -0.10 -34.78
C ILE E 99 31.87 -0.91 -34.90
N LEU E 100 32.50 -0.89 -36.07
CA LEU E 100 33.63 -1.77 -36.27
C LEU E 100 34.86 -1.29 -35.53
N VAL E 101 34.90 -0.02 -35.14
CA VAL E 101 36.00 0.47 -34.33
C VAL E 101 36.06 -0.25 -33.00
N GLN E 102 35.00 -0.97 -32.64
CA GLN E 102 35.05 -1.78 -31.43
C GLN E 102 36.06 -2.91 -31.55
N LEU E 103 36.29 -3.41 -32.77
CA LEU E 103 37.33 -4.43 -32.97
C LEU E 103 38.63 -4.00 -32.30
N LYS E 104 39.00 -2.73 -32.45
CA LYS E 104 40.22 -2.27 -31.78
C LYS E 104 40.11 -2.40 -30.27
N LEU E 105 38.88 -2.34 -29.73
CA LEU E 105 38.68 -2.47 -28.30
C LEU E 105 38.70 -3.94 -27.90
N VAL E 106 38.00 -4.78 -28.66
CA VAL E 106 38.10 -6.21 -28.46
C VAL E 106 39.56 -6.63 -28.43
N GLU E 107 40.34 -6.15 -29.39
CA GLU E 107 41.76 -6.52 -29.42
C GLU E 107 42.45 -6.10 -28.15
N ALA E 108 42.16 -4.88 -27.66
CA ALA E 108 42.79 -4.42 -26.42
C ALA E 108 42.37 -5.27 -25.25
N ILE E 109 41.09 -5.64 -25.19
CA ILE E 109 40.62 -6.41 -24.05
C ILE E 109 41.37 -7.72 -23.96
N LYS E 110 41.83 -8.24 -25.08
CA LYS E 110 42.43 -9.57 -25.09
C LYS E 110 43.92 -9.58 -24.76
N GLU E 111 44.66 -8.55 -25.15
CA GLU E 111 46.03 -8.42 -24.66
C GLU E 111 46.07 -8.24 -23.15
N ALA E 112 45.05 -7.57 -22.58
CA ALA E 112 45.07 -7.32 -21.15
C ALA E 112 44.58 -8.52 -20.35
N GLY E 113 43.49 -9.14 -20.80
CA GLY E 113 43.04 -10.38 -20.19
C GLY E 113 42.39 -10.23 -18.83
N ASN E 114 42.45 -9.06 -18.21
CA ASN E 114 41.90 -8.92 -16.87
C ASN E 114 40.39 -8.69 -16.86
N VAL E 115 39.75 -8.58 -18.01
CA VAL E 115 38.37 -8.12 -18.07
C VAL E 115 37.45 -9.32 -17.82
N LYS E 116 36.57 -9.20 -16.83
CA LYS E 116 35.65 -10.29 -16.54
C LYS E 116 34.43 -10.32 -17.44
N ARG E 117 34.05 -9.20 -18.05
CA ARG E 117 32.91 -9.18 -18.95
C ARG E 117 32.96 -7.95 -19.85
N PHE E 118 32.40 -8.09 -21.05
CA PHE E 118 32.34 -7.01 -22.03
C PHE E 118 30.92 -6.87 -22.53
N LEU E 119 30.43 -5.63 -22.54
CA LEU E 119 29.13 -5.33 -23.13
C LEU E 119 29.37 -4.50 -24.38
N PRO E 120 29.11 -5.04 -25.57
CA PRO E 120 29.31 -4.26 -26.79
C PRO E 120 28.07 -3.44 -27.11
N SER E 121 28.26 -2.48 -28.01
CA SER E 121 27.20 -1.56 -28.39
C SER E 121 26.12 -2.31 -29.15
N GLU E 122 25.13 -2.81 -28.43
CA GLU E 122 24.03 -3.49 -29.08
C GLU E 122 22.78 -2.66 -28.89
N PHE E 123 22.06 -2.89 -27.81
CA PHE E 123 20.99 -2.00 -27.35
C PHE E 123 19.87 -1.83 -28.38
N GLY E 124 19.71 -2.79 -29.28
CA GLY E 124 18.65 -2.63 -30.27
C GLY E 124 18.09 -3.91 -30.84
N MET E 125 17.80 -3.91 -32.14
CA MET E 125 17.37 -5.14 -32.81
C MET E 125 18.40 -6.25 -32.60
N ASP E 126 17.91 -7.47 -32.49
CA ASP E 126 18.78 -8.63 -32.29
C ASP E 126 19.58 -8.91 -33.55
N PRO E 127 20.90 -8.77 -33.53
CA PRO E 127 21.70 -8.97 -34.74
C PRO E 127 21.42 -10.31 -35.40
N PRO E 128 21.67 -11.43 -34.71
CA PRO E 128 21.73 -12.72 -35.40
C PRO E 128 20.44 -13.09 -36.09
N ARG E 129 19.32 -12.44 -35.75
CA ARG E 129 18.05 -12.73 -36.40
C ARG E 129 17.81 -11.87 -37.64
N MET E 130 18.76 -11.00 -37.99
CA MET E 130 18.61 -10.08 -39.10
C MET E 130 19.32 -10.57 -40.35
N GLY E 131 19.35 -11.88 -40.59
CA GLY E 131 19.99 -12.40 -41.78
C GLY E 131 19.37 -11.88 -43.07
N HIS E 132 18.06 -11.61 -43.05
CA HIS E 132 17.32 -11.17 -44.25
C HIS E 132 16.53 -9.87 -44.01
N LEU E 134 18.27 -6.54 -44.92
CA LEU E 134 17.86 -5.66 -46.01
C LEU E 134 18.73 -4.40 -46.08
N PRO E 135 19.62 -4.34 -47.08
CA PRO E 135 20.59 -3.24 -47.25
C PRO E 135 19.92 -1.88 -47.47
N PRO E 136 20.64 -0.78 -47.13
CA PRO E 136 21.91 -0.83 -46.39
C PRO E 136 21.74 -0.90 -44.87
N GLY E 137 20.50 -0.89 -44.39
CA GLY E 137 20.29 -1.04 -42.96
C GLY E 137 20.90 -2.31 -42.43
N ARG E 138 21.19 -3.25 -43.32
CA ARG E 138 21.81 -4.50 -42.94
C ARG E 138 23.20 -4.29 -42.37
N GLU E 139 23.86 -3.19 -42.76
CA GLU E 139 25.22 -2.94 -42.30
C GLU E 139 25.30 -3.00 -40.79
N THR E 140 24.28 -2.48 -40.11
CA THR E 140 24.29 -2.38 -38.66
C THR E 140 24.41 -3.76 -38.02
N PHE E 141 23.78 -4.77 -38.61
CA PHE E 141 23.71 -6.07 -37.97
C PHE E 141 24.97 -6.88 -38.21
N ASP E 142 25.49 -6.89 -39.43
CA ASP E 142 26.70 -7.64 -39.67
C ASP E 142 27.87 -7.05 -38.92
N GLN E 143 27.93 -5.72 -38.88
CA GLN E 143 28.99 -5.07 -38.13
C GLN E 143 28.92 -5.45 -36.66
N LYS E 144 27.72 -5.50 -36.09
CA LYS E 144 27.60 -5.97 -34.71
C LYS E 144 27.94 -7.44 -34.59
N MET E 145 27.55 -8.22 -35.60
CA MET E 145 27.90 -9.64 -35.65
C MET E 145 29.40 -9.84 -35.83
N GLU E 146 30.04 -9.04 -36.69
CA GLU E 146 31.49 -9.14 -36.78
C GLU E 146 32.12 -8.85 -35.42
N VAL E 147 31.45 -8.06 -34.58
CA VAL E 147 32.02 -7.74 -33.29
C VAL E 147 31.72 -8.85 -32.29
N ARG E 148 30.47 -9.31 -32.27
CA ARG E 148 30.19 -10.53 -31.52
C ARG E 148 31.21 -11.61 -31.85
N GLN E 149 31.63 -11.69 -33.11
CA GLN E 149 32.56 -12.74 -33.51
C GLN E 149 33.95 -12.53 -32.93
N ALA E 150 34.46 -11.29 -32.94
CA ALA E 150 35.78 -11.07 -32.34
C ALA E 150 35.75 -11.34 -30.83
N ILE E 151 34.68 -10.92 -30.15
CA ILE E 151 34.53 -11.20 -28.72
C ILE E 151 34.64 -12.70 -28.47
N GLU E 152 33.78 -13.48 -29.13
CA GLU E 152 33.66 -14.89 -28.83
C GLU E 152 34.91 -15.66 -29.27
N ALA E 153 35.49 -15.30 -30.42
CA ALA E 153 36.77 -15.87 -30.82
C ALA E 153 37.81 -15.72 -29.73
N ALA E 154 37.98 -14.49 -29.23
CA ALA E 154 39.05 -14.19 -28.29
C ALA E 154 38.80 -14.70 -26.87
N GLY E 155 37.64 -15.30 -26.60
CA GLY E 155 37.34 -15.84 -25.28
C GLY E 155 36.82 -14.87 -24.25
N ILE E 156 36.41 -13.66 -24.67
CA ILE E 156 35.96 -12.59 -23.78
C ILE E 156 34.53 -12.82 -23.35
N PRO E 157 34.25 -13.04 -22.07
CA PRO E 157 32.87 -13.23 -21.65
C PRO E 157 32.05 -12.01 -22.05
N TYR E 158 30.74 -12.18 -22.14
CA TYR E 158 29.97 -11.15 -22.80
C TYR E 158 28.56 -11.05 -22.23
N THR E 159 27.91 -9.91 -22.51
CA THR E 159 26.46 -9.80 -22.41
C THR E 159 25.98 -8.91 -23.53
N TYR E 160 24.83 -9.27 -24.10
CA TYR E 160 24.27 -8.60 -25.26
C TYR E 160 22.94 -8.04 -24.83
N VAL E 161 22.84 -6.73 -24.73
CA VAL E 161 21.58 -6.08 -24.37
C VAL E 161 20.88 -5.75 -25.67
N VAL E 162 19.67 -6.28 -25.83
CA VAL E 162 18.90 -6.18 -27.06
C VAL E 162 17.43 -6.12 -26.69
N GLY E 163 16.59 -5.80 -27.66
CA GLY E 163 15.18 -6.03 -27.54
C GLY E 163 14.19 -4.91 -27.74
N ALA E 164 14.58 -3.66 -27.48
CA ALA E 164 13.61 -2.58 -27.38
C ALA E 164 13.96 -1.39 -28.26
N CYS E 165 12.93 -0.66 -28.68
CA CYS E 165 13.08 0.64 -29.32
C CYS E 165 13.32 1.71 -28.26
N PHE E 166 14.32 2.58 -28.49
CA PHE E 166 14.47 3.75 -27.65
C PHE E 166 13.20 4.58 -27.78
N ALA E 167 12.67 5.03 -26.65
CA ALA E 167 11.37 5.69 -26.68
C ALA E 167 11.43 7.02 -27.41
N ALA E 168 12.56 7.72 -27.35
CA ALA E 168 12.62 9.02 -28.00
C ALA E 168 12.51 8.90 -29.51
N TYR E 169 13.03 7.83 -30.09
CA TYR E 169 13.07 7.69 -31.54
C TYR E 169 11.87 6.96 -32.11
N PHE E 170 11.04 6.34 -31.28
CA PHE E 170 9.96 5.51 -31.78
C PHE E 170 8.62 5.72 -31.10
N ALA E 171 8.57 6.25 -29.88
CA ALA E 171 7.33 6.47 -29.14
C ALA E 171 6.94 7.93 -29.08
N GLY E 172 7.88 8.83 -28.81
CA GLY E 172 7.53 10.23 -28.65
C GLY E 172 6.99 10.87 -29.91
N ASN E 173 7.20 10.22 -31.06
CA ASN E 173 6.77 10.70 -32.37
C ASN E 173 5.71 9.80 -32.98
N LEU E 174 5.04 8.99 -32.16
CA LEU E 174 4.08 8.03 -32.67
C LEU E 174 4.68 7.25 -33.85
N SER E 175 6.00 7.10 -33.84
CA SER E 175 6.73 6.29 -34.79
C SER E 175 6.79 6.89 -36.20
N GLN E 176 6.55 8.18 -36.33
CA GLN E 176 6.70 8.84 -37.62
C GLN E 176 8.18 9.13 -37.88
N MET E 177 8.65 8.85 -39.09
CA MET E 177 10.06 9.07 -39.37
C MET E 177 10.41 10.56 -39.45
N VAL E 178 9.44 11.41 -39.73
CA VAL E 178 9.74 12.81 -40.03
C VAL E 178 10.52 13.46 -38.88
N THR E 179 10.10 13.21 -37.63
CA THR E 179 10.35 14.14 -36.55
C THR E 179 10.56 13.38 -35.25
N LEU E 180 10.63 14.13 -34.15
CA LEU E 180 10.74 13.55 -32.81
C LEU E 180 9.66 14.07 -31.88
N LEU E 181 8.65 14.76 -32.40
CA LEU E 181 7.53 15.23 -31.62
C LEU E 181 6.23 14.67 -32.18
N PRO E 182 5.18 14.63 -31.38
CA PRO E 182 3.94 14.04 -31.86
C PRO E 182 3.37 14.88 -32.98
N PRO E 183 2.93 14.24 -34.06
CA PRO E 183 2.27 14.99 -35.14
C PRO E 183 1.05 15.67 -34.58
N LYS E 184 0.59 16.72 -35.25
CA LYS E 184 -0.52 17.42 -34.62
C LYS E 184 -1.87 16.88 -35.07
N GLU E 185 -2.09 16.74 -36.37
CA GLU E 185 -3.42 16.33 -36.82
C GLU E 185 -3.43 14.99 -37.55
N LYS E 186 -2.34 14.60 -38.20
CA LYS E 186 -2.33 13.41 -39.04
C LYS E 186 -1.17 12.52 -38.65
N VAL E 187 -1.38 11.22 -38.79
CA VAL E 187 -0.35 10.24 -38.50
C VAL E 187 -0.43 9.17 -39.58
N ASN E 188 0.71 8.62 -39.94
CA ASN E 188 0.75 7.50 -40.86
C ASN E 188 0.94 6.22 -40.08
N ILE E 189 0.05 5.25 -40.28
CA ILE E 189 0.16 3.93 -39.67
C ILE E 189 0.81 2.99 -40.66
N TYR E 190 1.76 2.19 -40.21
CA TYR E 190 2.51 1.30 -41.10
C TYR E 190 1.75 -0.01 -41.23
N GLY E 191 1.24 -0.28 -42.42
CA GLY E 191 0.44 -1.47 -42.55
C GLY E 191 -0.88 -1.27 -41.84
N ASP E 192 -1.38 -2.34 -41.24
CA ASP E 192 -2.62 -2.23 -40.50
C ASP E 192 -2.42 -1.71 -39.09
N GLY E 193 -1.17 -1.57 -38.65
CA GLY E 193 -0.93 -0.94 -37.38
C GLY E 193 -1.17 -1.86 -36.21
N ASN E 194 -1.12 -3.16 -36.44
CA ASN E 194 -1.36 -4.19 -35.43
C ASN E 194 -0.16 -5.13 -35.35
N VAL E 195 1.02 -4.64 -35.67
CA VAL E 195 2.23 -5.39 -35.36
C VAL E 195 2.71 -4.91 -34.00
N LYS E 196 3.20 -5.84 -33.20
CA LYS E 196 3.58 -5.54 -31.84
C LYS E 196 5.06 -5.19 -31.78
N VAL E 197 5.37 -4.12 -31.04
CA VAL E 197 6.70 -3.53 -30.97
C VAL E 197 7.06 -3.34 -29.51
N VAL E 198 8.33 -3.52 -29.19
CA VAL E 198 8.85 -3.28 -27.85
C VAL E 198 9.40 -1.86 -27.77
N PHE E 199 8.75 -1.02 -26.97
CA PHE E 199 9.19 0.32 -26.60
C PHE E 199 9.81 0.31 -25.20
N ALA E 200 10.68 1.29 -24.92
CA ALA E 200 11.38 1.35 -23.64
C ALA E 200 12.09 2.67 -23.40
N ASP E 201 11.71 3.38 -22.34
CA ASP E 201 12.46 4.55 -21.91
C ASP E 201 13.93 4.20 -21.83
N GLU E 202 14.77 5.09 -22.35
CA GLU E 202 16.18 4.76 -22.41
C GLU E 202 16.84 4.87 -21.05
N ASP E 203 16.24 5.61 -20.13
CA ASP E 203 16.73 5.58 -18.76
C ASP E 203 16.63 4.17 -18.17
N ASP E 204 15.55 3.46 -18.49
CA ASP E 204 15.45 2.08 -18.02
C ASP E 204 16.44 1.19 -18.74
N ILE E 205 16.54 1.32 -20.06
CA ILE E 205 17.58 0.57 -20.77
C ILE E 205 18.89 0.72 -20.05
N ALA E 206 19.21 1.96 -19.66
CA ALA E 206 20.48 2.20 -19.02
C ALA E 206 20.53 1.56 -17.65
N LYS E 207 19.46 1.69 -16.88
CA LYS E 207 19.41 1.04 -15.58
C LYS E 207 19.53 -0.48 -15.71
N TYR E 208 18.75 -1.07 -16.61
CA TYR E 208 18.89 -2.50 -16.88
C TYR E 208 20.34 -2.86 -17.18
N THR E 209 21.04 -1.99 -17.89
CA THR E 209 22.39 -2.32 -18.29
C THR E 209 23.33 -2.29 -17.09
N ALA E 210 23.18 -1.30 -16.21
CA ALA E 210 24.03 -1.22 -15.04
C ALA E 210 23.78 -2.40 -14.09
N LYS E 211 22.54 -2.86 -14.00
CA LYS E 211 22.23 -3.98 -13.13
C LYS E 211 22.61 -5.32 -13.73
N THR E 212 22.68 -5.44 -15.05
CA THR E 212 22.97 -6.75 -15.60
C THR E 212 24.45 -7.02 -15.75
N LEU E 213 25.28 -5.98 -15.77
CA LEU E 213 26.68 -6.16 -16.16
C LEU E 213 27.51 -6.90 -15.12
N ASN E 214 26.99 -7.15 -13.92
CA ASN E 214 27.64 -8.07 -12.98
C ASN E 214 26.62 -8.99 -12.35
N ASP E 215 25.53 -9.27 -13.06
CA ASP E 215 24.62 -10.34 -12.69
C ASP E 215 25.25 -11.67 -13.09
N PRO E 216 25.39 -12.63 -12.17
CA PRO E 216 25.87 -13.94 -12.60
C PRO E 216 24.93 -14.58 -13.58
N ARG E 217 23.63 -14.26 -13.47
CA ARG E 217 22.62 -14.90 -14.31
C ARG E 217 22.78 -14.57 -15.78
N THR E 218 23.32 -13.39 -16.12
CA THR E 218 23.32 -12.96 -17.51
C THR E 218 24.70 -13.08 -18.14
N LEU E 219 25.61 -13.83 -17.52
CA LEU E 219 26.94 -14.00 -18.09
C LEU E 219 26.87 -14.90 -19.31
N ASN E 220 27.56 -14.49 -20.38
CA ASN E 220 27.57 -15.21 -21.66
C ASN E 220 26.17 -15.42 -22.22
N LYS E 221 25.25 -14.48 -21.98
CA LYS E 221 23.86 -14.59 -22.37
C LYS E 221 23.40 -13.33 -23.12
N THR E 222 22.23 -13.44 -23.75
CA THR E 222 21.51 -12.31 -24.30
C THR E 222 20.40 -11.93 -23.33
N VAL E 223 20.34 -10.65 -22.96
CA VAL E 223 19.25 -10.14 -22.15
C VAL E 223 18.33 -9.35 -23.06
N ASN E 224 17.03 -9.57 -22.92
CA ASN E 224 16.03 -8.93 -23.74
C ASN E 224 15.30 -7.88 -22.91
N ILE E 225 15.35 -6.63 -23.35
CA ILE E 225 14.57 -5.60 -22.70
C ILE E 225 13.18 -5.60 -23.31
N ARG E 226 12.29 -6.40 -22.75
CA ARG E 226 10.92 -6.51 -23.26
C ARG E 226 9.96 -6.35 -22.09
N PRO E 227 9.83 -5.13 -21.57
CA PRO E 227 8.89 -4.86 -20.50
C PRO E 227 7.47 -5.13 -20.97
N PRO E 228 6.76 -6.04 -20.31
CA PRO E 228 5.49 -6.51 -20.86
C PRO E 228 4.46 -5.42 -21.10
N ASP E 229 4.41 -4.38 -20.27
CA ASP E 229 3.38 -3.35 -20.43
C ASP E 229 3.67 -2.38 -21.55
N ASN E 230 4.83 -2.50 -22.19
CA ASN E 230 5.20 -1.62 -23.29
C ASN E 230 5.29 -2.37 -24.61
N VAL E 231 4.85 -3.63 -24.64
CA VAL E 231 4.72 -4.36 -25.89
C VAL E 231 3.45 -3.83 -26.55
N LEU E 232 3.62 -2.97 -27.54
CA LEU E 232 2.51 -2.24 -28.12
C LEU E 232 2.59 -2.28 -29.64
N THR E 233 1.44 -2.08 -30.27
CA THR E 233 1.34 -1.87 -31.70
C THR E 233 1.24 -0.38 -31.96
N GLN E 234 1.68 0.04 -33.14
CA GLN E 234 1.68 1.46 -33.45
C GLN E 234 0.31 2.06 -33.23
N LEU E 235 -0.76 1.29 -33.46
CA LEU E 235 -2.08 1.87 -33.30
C LEU E 235 -2.42 2.00 -31.82
N GLU E 236 -2.00 1.02 -31.01
CA GLU E 236 -2.07 1.16 -29.56
C GLU E 236 -1.31 2.39 -29.08
N LEU E 237 -0.03 2.48 -29.43
CA LEU E 237 0.72 3.69 -29.07
C LEU E 237 -0.04 4.93 -29.48
N VAL E 238 -0.58 4.96 -30.71
CA VAL E 238 -1.36 6.14 -31.12
C VAL E 238 -2.59 6.29 -30.21
N GLN E 239 -3.21 5.17 -29.86
CA GLN E 239 -4.41 5.24 -29.02
C GLN E 239 -4.10 5.78 -27.63
N ILE E 240 -2.92 5.49 -27.09
CA ILE E 240 -2.46 6.17 -25.88
C ILE E 240 -2.45 7.68 -26.07
N TRP E 241 -1.82 8.16 -27.14
CA TRP E 241 -1.70 9.60 -27.32
C TRP E 241 -3.06 10.26 -27.35
N GLU E 242 -4.02 9.66 -28.07
CA GLU E 242 -5.32 10.31 -28.24
C GLU E 242 -6.08 10.38 -26.92
N LYS E 243 -6.00 9.31 -26.13
CA LYS E 243 -6.56 9.39 -24.79
C LYS E 243 -5.97 10.57 -24.04
N LEU E 244 -4.65 10.76 -24.16
CA LEU E 244 -3.99 11.82 -23.42
C LEU E 244 -4.40 13.20 -23.94
N THR E 245 -4.53 13.34 -25.25
CA THR E 245 -4.83 14.64 -25.84
C THR E 245 -6.32 14.91 -25.94
N GLY E 246 -7.14 13.87 -25.89
CA GLY E 246 -8.55 13.97 -26.11
C GLY E 246 -8.96 14.03 -27.55
N LYS E 247 -8.07 14.48 -28.44
CA LYS E 247 -8.37 14.63 -29.85
C LYS E 247 -7.98 13.38 -30.62
N GLU E 248 -8.75 13.09 -31.65
CA GLU E 248 -8.41 11.97 -32.52
C GLU E 248 -7.48 12.43 -33.62
N LEU E 249 -6.70 11.48 -34.14
CA LEU E 249 -5.76 11.73 -35.22
C LEU E 249 -6.26 11.07 -36.50
N GLU E 250 -6.07 11.79 -37.61
CA GLU E 250 -6.42 11.30 -38.93
C GLU E 250 -5.34 10.31 -39.38
N LYS E 251 -5.69 9.03 -39.45
CA LYS E 251 -4.73 7.99 -39.76
C LYS E 251 -4.76 7.63 -41.25
N THR E 252 -3.61 7.24 -41.76
CA THR E 252 -3.45 6.83 -43.15
C THR E 252 -2.61 5.58 -43.15
N ASN E 253 -3.17 4.48 -43.64
CA ASN E 253 -2.43 3.25 -43.66
C ASN E 253 -1.48 3.23 -44.84
N ILE E 254 -0.29 2.67 -44.64
CA ILE E 254 0.78 2.71 -45.63
C ILE E 254 1.22 1.29 -45.89
N ALA E 255 0.86 0.77 -47.06
CA ALA E 255 1.24 -0.59 -47.43
C ALA E 255 2.75 -0.74 -47.58
N ALA E 256 3.24 -1.94 -47.28
CA ALA E 256 4.67 -2.19 -47.39
C ALA E 256 5.23 -1.69 -48.73
N GLN E 257 4.56 -2.02 -49.83
CA GLN E 257 5.14 -1.68 -51.11
C GLN E 257 5.22 -0.17 -51.30
N ASP E 258 4.28 0.59 -50.73
CA ASP E 258 4.36 2.04 -50.80
C ASP E 258 5.43 2.59 -49.88
N PHE E 259 5.65 1.92 -48.75
CA PHE E 259 6.65 2.38 -47.80
C PHE E 259 8.05 2.22 -48.36
N LEU E 260 8.29 1.13 -49.09
CA LEU E 260 9.60 0.80 -49.58
C LEU E 260 9.84 1.30 -51.01
N ALA E 261 8.92 2.06 -51.56
CA ALA E 261 9.00 2.41 -52.97
C ALA E 261 10.19 3.31 -53.24
N ASN E 262 10.94 3.01 -54.29
CA ASN E 262 12.04 3.87 -54.70
C ASN E 262 13.12 3.96 -53.63
N ILE E 263 13.16 2.98 -52.74
CA ILE E 263 14.16 3.02 -51.68
C ILE E 263 15.55 3.10 -52.28
N GLU E 264 15.77 2.40 -53.39
CA GLU E 264 17.10 2.28 -53.97
C GLU E 264 17.68 3.62 -54.39
N GLN E 265 16.85 4.66 -54.49
CA GLN E 265 17.29 5.97 -54.94
C GLN E 265 17.45 6.97 -53.80
N MET E 266 17.25 6.55 -52.56
CA MET E 266 17.36 7.47 -51.45
C MET E 266 18.78 7.46 -50.90
N GLU E 267 19.12 8.52 -50.16
CA GLU E 267 20.45 8.57 -49.55
C GLU E 267 20.64 7.36 -48.64
N ILE E 268 21.87 6.87 -48.59
CA ILE E 268 22.09 5.56 -47.98
C ILE E 268 21.75 5.54 -46.49
N PRO E 269 21.95 6.61 -45.73
CA PRO E 269 21.44 6.61 -44.35
C PRO E 269 19.94 6.40 -44.27
N HIS E 270 19.17 7.21 -45.00
CA HIS E 270 17.73 7.10 -44.93
C HIS E 270 17.26 5.73 -45.39
N GLN E 271 17.97 5.13 -46.34
CA GLN E 271 17.65 3.75 -46.72
C GLN E 271 17.78 2.81 -45.53
N ALA E 272 18.75 3.06 -44.65
CA ALA E 272 18.96 2.15 -43.53
C ALA E 272 17.88 2.29 -42.49
N GLY E 273 17.43 3.52 -42.22
CA GLY E 273 16.35 3.70 -41.27
C GLY E 273 15.05 3.14 -41.78
N ILE E 274 14.76 3.36 -43.06
CA ILE E 274 13.59 2.76 -43.67
C ILE E 274 13.65 1.25 -43.53
N GLY E 275 14.82 0.66 -43.78
CA GLY E 275 14.98 -0.76 -43.56
C GLY E 275 14.70 -1.15 -42.12
N HIS E 276 15.12 -0.32 -41.17
CA HIS E 276 14.87 -0.63 -39.78
C HIS E 276 13.40 -0.47 -39.44
N PHE E 277 12.78 0.62 -39.86
CA PHE E 277 11.37 0.72 -39.57
C PHE E 277 10.58 -0.41 -40.19
N TYR E 278 11.07 -0.97 -41.30
CA TYR E 278 10.32 -2.03 -41.95
C TYR E 278 10.39 -3.31 -41.14
N HIS E 279 11.57 -3.63 -40.62
CA HIS E 279 11.75 -4.85 -39.84
C HIS E 279 10.94 -4.84 -38.55
N ILE E 280 10.73 -3.66 -37.97
CA ILE E 280 10.03 -3.54 -36.70
C ILE E 280 8.52 -3.50 -36.91
N PHE E 281 8.05 -2.62 -37.78
CA PHE E 281 6.62 -2.36 -37.87
C PHE E 281 5.91 -3.18 -38.92
N TYR E 282 6.61 -3.67 -39.92
CA TYR E 282 5.99 -4.53 -40.90
C TYR E 282 6.29 -5.99 -40.67
N GLU E 283 7.49 -6.32 -40.21
CA GLU E 283 7.89 -7.71 -40.00
C GLU E 283 7.85 -8.13 -38.54
N GLY E 284 7.66 -7.19 -37.62
CA GLY E 284 7.55 -7.50 -36.20
C GLY E 284 8.75 -8.23 -35.65
N CYS E 285 9.95 -7.86 -36.07
CA CYS E 285 11.15 -8.59 -35.68
C CYS E 285 11.44 -8.49 -34.18
N LEU E 286 10.84 -7.52 -33.49
CA LEU E 286 11.03 -7.36 -32.05
C LEU E 286 10.10 -8.25 -31.24
N THR E 287 9.00 -8.70 -31.83
CA THR E 287 8.02 -9.50 -31.11
C THR E 287 7.69 -10.78 -31.87
N ASP E 288 8.56 -11.20 -32.77
CA ASP E 288 8.35 -12.35 -33.62
C ASP E 288 8.89 -13.62 -32.99
N HIS E 289 9.25 -13.57 -31.71
CA HIS E 289 9.76 -14.77 -31.03
C HIS E 289 9.53 -14.62 -29.53
N GLU E 290 9.50 -15.77 -28.86
CA GLU E 290 9.28 -15.82 -27.42
C GLU E 290 10.61 -15.74 -26.70
N VAL E 291 10.57 -15.27 -25.47
CA VAL E 291 11.79 -15.14 -24.68
C VAL E 291 11.47 -15.56 -23.26
N GLY E 292 12.39 -16.30 -22.65
CA GLY E 292 12.17 -16.74 -21.30
C GLY E 292 12.23 -15.59 -20.31
N GLU E 293 11.69 -15.84 -19.12
CA GLU E 293 11.87 -14.88 -18.04
C GLU E 293 13.32 -14.85 -17.59
N ASP E 294 14.01 -15.97 -17.69
CA ASP E 294 15.42 -16.01 -17.32
C ASP E 294 16.32 -15.31 -18.34
N GLU E 295 15.73 -14.68 -19.36
CA GLU E 295 16.49 -13.93 -20.36
C GLU E 295 15.80 -12.61 -20.69
N GLU E 296 14.99 -12.08 -19.77
CA GLU E 296 14.23 -10.87 -20.01
C GLU E 296 14.41 -9.89 -18.86
N ALA E 297 14.79 -8.65 -19.19
CA ALA E 297 15.25 -7.71 -18.18
C ALA E 297 14.17 -7.45 -17.14
N SER E 298 12.95 -7.18 -17.58
CA SER E 298 11.94 -6.70 -16.65
C SER E 298 11.53 -7.74 -15.61
N SER E 299 11.86 -9.01 -15.81
CA SER E 299 11.63 -10.00 -14.76
C SER E 299 12.90 -10.33 -14.00
N LEU E 300 14.05 -10.33 -14.68
CA LEU E 300 15.34 -10.42 -14.01
C LEU E 300 15.54 -9.32 -12.98
N TYR E 301 14.93 -8.17 -13.19
CA TYR E 301 15.19 -6.98 -12.36
C TYR E 301 13.85 -6.33 -12.07
N PRO E 302 13.02 -6.98 -11.26
CA PRO E 302 11.66 -6.48 -11.07
C PRO E 302 11.61 -5.23 -10.20
N ASP E 303 12.69 -4.91 -9.47
CA ASP E 303 12.70 -3.67 -8.71
C ASP E 303 12.62 -2.45 -9.62
N VAL E 304 12.91 -2.59 -10.91
CA VAL E 304 12.90 -1.46 -11.85
C VAL E 304 11.47 -1.18 -12.27
N LYS E 305 10.89 -0.12 -11.72
CA LYS E 305 9.56 0.29 -12.14
C LYS E 305 9.73 1.06 -13.43
N TYR E 306 9.84 0.30 -14.52
CA TYR E 306 10.08 0.89 -15.83
C TYR E 306 8.90 1.75 -16.26
N LYS E 307 9.20 2.76 -17.05
CA LYS E 307 8.18 3.74 -17.43
C LYS E 307 7.36 3.25 -18.61
N ARG E 308 6.04 3.39 -18.50
CA ARG E 308 5.10 3.00 -19.55
C ARG E 308 4.92 4.16 -20.51
N MET E 309 4.43 3.84 -21.71
CA MET E 309 4.39 4.86 -22.74
C MET E 309 3.37 5.94 -22.44
N ASP E 310 2.36 5.64 -21.62
CA ASP E 310 1.41 6.68 -21.23
C ASP E 310 2.08 7.70 -20.32
N ASP E 311 3.02 7.26 -19.48
CA ASP E 311 3.82 8.20 -18.72
C ASP E 311 4.82 8.94 -19.62
N TYR E 312 5.53 8.19 -20.49
CA TYR E 312 6.47 8.84 -21.41
C TYR E 312 5.78 9.92 -22.25
N LEU E 313 4.73 9.54 -22.96
CA LEU E 313 4.06 10.47 -23.86
C LEU E 313 3.55 11.69 -23.11
N ARG E 314 3.27 11.54 -21.83
CA ARG E 314 2.74 12.66 -21.06
C ARG E 314 3.67 13.86 -21.09
N MET E 315 4.98 13.63 -21.19
CA MET E 315 5.93 14.74 -21.22
C MET E 315 5.77 15.64 -22.44
N PHE E 316 4.95 15.25 -23.42
CA PHE E 316 4.87 16.00 -24.65
C PHE E 316 3.60 16.84 -24.75
N LEU E 317 2.66 16.68 -23.83
CA LEU E 317 1.42 17.45 -23.90
C LEU E 317 1.65 18.93 -23.83
N LYS F 9 6.25 37.80 -14.19
CA LYS F 9 5.29 38.69 -14.84
C LYS F 9 5.86 39.44 -16.05
N THR F 10 7.18 39.51 -16.19
CA THR F 10 7.77 39.90 -17.48
C THR F 10 7.78 38.67 -18.38
N ARG F 11 7.26 38.82 -19.60
CA ARG F 11 7.23 37.73 -20.58
C ARG F 11 8.41 37.89 -21.53
N VAL F 12 9.28 36.88 -21.56
CA VAL F 12 10.49 36.90 -22.37
C VAL F 12 10.44 35.75 -23.37
N LEU F 13 10.78 36.05 -24.62
CA LEU F 13 10.99 35.02 -25.63
C LEU F 13 12.49 34.90 -25.92
N VAL F 14 13.03 33.71 -25.66
CA VAL F 14 14.41 33.39 -26.02
C VAL F 14 14.40 32.79 -27.41
N VAL F 15 15.19 33.36 -28.31
CA VAL F 15 15.36 32.85 -29.67
C VAL F 15 16.77 32.29 -29.75
N GLY F 16 16.88 31.00 -30.04
CA GLY F 16 18.15 30.32 -29.91
C GLY F 16 18.23 29.58 -28.58
N ALA F 17 17.09 29.03 -28.16
CA ALA F 17 16.97 28.53 -26.81
C ALA F 17 17.86 27.33 -26.50
N THR F 18 18.30 26.58 -27.50
CA THR F 18 19.07 25.38 -27.23
C THR F 18 20.54 25.55 -27.49
N GLY F 19 21.02 26.78 -27.58
CA GLY F 19 22.42 27.03 -27.89
C GLY F 19 23.25 27.09 -26.63
N TYR F 20 24.54 27.35 -26.83
CA TYR F 20 25.46 27.31 -25.70
C TYR F 20 25.12 28.36 -24.66
N ILE F 21 25.16 29.64 -25.04
CA ILE F 21 24.80 30.64 -24.05
C ILE F 21 23.29 30.68 -23.88
N GLY F 22 22.53 30.32 -24.91
CA GLY F 22 21.09 30.53 -24.89
C GLY F 22 20.39 29.66 -23.87
N LYS F 23 20.75 28.38 -23.80
CA LYS F 23 20.10 27.50 -22.84
C LYS F 23 20.40 27.94 -21.41
N ARG F 24 21.61 28.38 -21.14
CA ARG F 24 21.86 29.02 -19.86
C ARG F 24 20.97 30.25 -19.68
N ILE F 25 20.86 31.09 -20.72
CA ILE F 25 19.93 32.20 -20.67
C ILE F 25 18.51 31.69 -20.36
N VAL F 26 18.03 30.72 -21.14
CA VAL F 26 16.69 30.20 -20.87
C VAL F 26 16.53 29.91 -19.39
N ARG F 27 17.47 29.15 -18.82
CA ARG F 27 17.31 28.72 -17.43
C ARG F 27 17.41 29.89 -16.48
N ALA F 28 18.30 30.85 -16.75
CA ALA F 28 18.39 31.99 -15.85
C ALA F 28 17.07 32.75 -15.82
N CYS F 29 16.44 32.94 -16.97
CA CYS F 29 15.15 33.63 -16.98
C CYS F 29 14.14 32.97 -16.06
N LEU F 30 14.03 31.65 -16.12
CA LEU F 30 13.11 30.98 -15.22
C LEU F 30 13.54 31.13 -13.77
N ALA F 31 14.84 31.10 -13.50
CA ALA F 31 15.28 31.27 -12.12
C ALA F 31 14.97 32.67 -11.62
N GLU F 32 14.92 33.65 -12.51
CA GLU F 32 14.62 35.02 -12.12
C GLU F 32 13.12 35.29 -12.08
N GLY F 33 12.29 34.30 -12.33
CA GLY F 33 10.84 34.46 -12.30
C GLY F 33 10.20 35.15 -13.48
N HIS F 34 10.94 35.40 -14.57
CA HIS F 34 10.27 35.78 -15.82
C HIS F 34 9.34 34.67 -16.28
N GLU F 35 8.28 35.05 -16.98
CA GLU F 35 7.53 34.06 -17.75
C GLU F 35 8.31 33.84 -19.03
N THR F 36 8.85 32.65 -19.19
CA THR F 36 9.83 32.38 -20.23
C THR F 36 9.20 31.58 -21.35
N TYR F 37 9.33 32.09 -22.57
CA TYR F 37 8.94 31.40 -23.79
C TYR F 37 10.20 31.08 -24.59
N VAL F 38 10.19 29.93 -25.26
CA VAL F 38 11.31 29.47 -26.05
C VAL F 38 10.81 29.19 -27.46
N LEU F 39 11.50 29.75 -28.45
CA LEU F 39 11.19 29.52 -29.86
C LEU F 39 11.67 28.14 -30.27
N GLN F 40 10.74 27.25 -30.58
CA GLN F 40 11.03 25.90 -31.04
C GLN F 40 10.77 25.81 -32.53
N ARG F 41 11.75 25.67 -33.24
CA ARG F 41 11.72 25.75 -34.70
C ARG F 41 11.48 24.37 -35.30
N PRO F 42 10.63 24.24 -36.30
CA PRO F 42 10.33 22.91 -36.83
C PRO F 42 11.52 22.24 -37.48
N GLU F 43 12.54 22.99 -37.90
CA GLU F 43 13.62 22.39 -38.66
C GLU F 43 14.62 21.63 -37.82
N ILE F 44 14.70 21.90 -36.52
CA ILE F 44 15.38 21.00 -35.60
C ILE F 44 14.46 19.81 -35.43
N GLY F 45 14.72 18.74 -36.18
CA GLY F 45 13.68 17.76 -36.44
C GLY F 45 14.07 16.36 -36.04
N LEU F 46 15.29 15.96 -36.36
CA LEU F 46 15.89 14.72 -35.91
C LEU F 46 17.05 14.99 -34.96
N GLU F 47 17.13 16.21 -34.42
CA GLU F 47 18.19 16.62 -33.50
C GLU F 47 17.73 16.38 -32.07
N ILE F 48 18.06 15.19 -31.56
CA ILE F 48 17.50 14.67 -30.34
C ILE F 48 17.91 15.52 -29.15
N GLU F 49 19.13 16.05 -29.15
CA GLU F 49 19.53 16.83 -27.99
C GLU F 49 18.72 18.11 -27.90
N LYS F 50 18.37 18.71 -29.03
CA LYS F 50 17.55 19.92 -28.99
C LYS F 50 16.13 19.61 -28.55
N VAL F 51 15.54 18.54 -29.10
CA VAL F 51 14.17 18.21 -28.73
C VAL F 51 14.07 17.97 -27.24
N GLN F 52 15.00 17.18 -26.69
CA GLN F 52 14.90 16.84 -25.27
C GLN F 52 15.23 18.02 -24.37
N LEU F 53 15.99 19.00 -24.88
CA LEU F 53 16.15 20.23 -24.12
C LEU F 53 14.84 21.02 -24.05
N PHE F 54 14.12 21.10 -25.16
CA PHE F 54 12.81 21.73 -25.11
C PHE F 54 11.91 21.00 -24.13
N LEU F 55 11.94 19.68 -24.13
CA LEU F 55 11.18 18.93 -23.13
C LEU F 55 11.55 19.40 -21.74
N SER F 56 12.85 19.40 -21.43
CA SER F 56 13.26 19.75 -20.07
C SER F 56 13.02 21.24 -19.77
N PHE F 57 13.07 22.13 -20.76
CA PHE F 57 12.58 23.48 -20.55
C PHE F 57 11.12 23.46 -20.11
N LYS F 58 10.29 22.71 -20.84
CA LYS F 58 8.86 22.69 -20.51
C LYS F 58 8.65 22.23 -19.08
N LYS F 59 9.35 21.17 -18.68
CA LYS F 59 9.22 20.66 -17.32
C LYS F 59 9.72 21.66 -16.27
N LEU F 60 10.46 22.70 -16.67
CA LEU F 60 10.89 23.74 -15.74
C LEU F 60 9.96 24.93 -15.72
N GLY F 61 8.92 24.92 -16.53
CA GLY F 61 7.98 26.03 -16.55
C GLY F 61 8.02 26.89 -17.78
N ALA F 62 8.99 26.69 -18.67
CA ALA F 62 9.06 27.48 -19.88
C ALA F 62 7.89 27.13 -20.80
N ARG F 63 7.51 28.10 -21.64
CA ARG F 63 6.39 27.94 -22.55
C ARG F 63 6.90 27.78 -23.97
N ILE F 64 6.57 26.64 -24.59
CA ILE F 64 6.95 26.39 -25.98
C ILE F 64 6.24 27.36 -26.89
N VAL F 65 6.93 27.80 -27.95
CA VAL F 65 6.36 28.67 -28.97
C VAL F 65 6.94 28.24 -30.31
N GLU F 66 6.07 27.79 -31.21
CA GLU F 66 6.52 27.28 -32.50
C GLU F 66 6.61 28.39 -33.52
N GLY F 67 7.77 28.51 -34.16
CA GLY F 67 7.97 29.44 -35.25
C GLY F 67 9.11 28.97 -36.11
N SER F 68 9.22 29.58 -37.28
CA SER F 68 10.27 29.29 -38.24
C SER F 68 10.81 30.61 -38.78
N PHE F 69 12.10 30.63 -39.10
CA PHE F 69 12.71 31.80 -39.71
C PHE F 69 12.43 31.86 -41.21
N SER F 70 11.79 30.84 -41.75
CA SER F 70 11.28 30.84 -43.11
C SER F 70 9.78 31.14 -43.14
N ASP F 71 9.25 31.76 -42.10
CA ASP F 71 7.84 32.08 -41.98
C ASP F 71 7.70 33.38 -41.19
N HIS F 72 7.77 34.50 -41.92
CA HIS F 72 7.75 35.82 -41.29
C HIS F 72 6.66 35.96 -40.24
N GLN F 73 5.46 35.49 -40.56
CA GLN F 73 4.35 35.73 -39.66
C GLN F 73 4.38 34.80 -38.47
N SER F 74 5.04 33.65 -38.58
CA SER F 74 5.20 32.80 -37.41
C SER F 74 6.08 33.48 -36.38
N LEU F 75 7.16 34.12 -36.82
CA LEU F 75 7.92 34.97 -35.91
C LEU F 75 7.01 36.03 -35.31
N VAL F 76 6.29 36.76 -36.17
CA VAL F 76 5.42 37.84 -35.69
C VAL F 76 4.50 37.33 -34.60
N SER F 77 3.87 36.17 -34.82
CA SER F 77 3.03 35.61 -33.77
C SER F 77 3.84 35.34 -32.52
N ALA F 78 5.09 34.90 -32.66
CA ALA F 78 5.91 34.62 -31.50
C ALA F 78 6.18 35.90 -30.72
N VAL F 79 6.86 36.86 -31.34
CA VAL F 79 7.21 38.10 -30.65
C VAL F 79 5.97 38.79 -30.10
N LYS F 80 4.83 38.61 -30.76
CA LYS F 80 3.64 39.31 -30.27
C LYS F 80 3.18 38.82 -28.91
N LEU F 81 3.77 37.76 -28.37
CA LEU F 81 3.31 37.20 -27.11
C LEU F 81 4.03 37.74 -25.88
N VAL F 82 5.09 38.53 -26.08
CA VAL F 82 6.10 38.74 -25.04
C VAL F 82 6.40 40.23 -24.93
N ASP F 83 7.06 40.60 -23.84
CA ASP F 83 7.54 41.96 -23.63
C ASP F 83 8.98 42.16 -24.04
N VAL F 84 9.82 41.13 -23.88
CA VAL F 84 11.24 41.20 -24.18
C VAL F 84 11.58 40.04 -25.10
N VAL F 85 12.55 40.26 -25.98
CA VAL F 85 13.05 39.21 -26.84
C VAL F 85 14.57 39.19 -26.68
N VAL F 86 15.10 38.03 -26.32
CA VAL F 86 16.54 37.82 -26.23
C VAL F 86 16.92 36.84 -27.34
N SER F 87 17.95 37.21 -28.09
CA SER F 87 18.46 36.38 -29.17
C SER F 87 19.85 35.86 -28.81
N ALA F 88 20.02 34.55 -28.88
CA ALA F 88 21.33 33.94 -28.67
C ALA F 88 21.78 33.23 -29.94
N MET F 89 21.61 33.91 -31.08
CA MET F 89 21.93 33.34 -32.37
C MET F 89 23.41 33.02 -32.46
N SER F 90 23.74 31.98 -33.22
CA SER F 90 25.10 31.51 -33.30
C SER F 90 26.01 32.60 -33.87
N GLY F 91 27.29 32.54 -33.51
CA GLY F 91 28.27 33.51 -33.97
C GLY F 91 29.73 33.10 -33.89
N VAL F 92 30.00 31.82 -34.08
CA VAL F 92 31.35 31.31 -34.02
C VAL F 92 31.60 30.49 -35.27
N HIS F 93 32.71 30.79 -35.95
CA HIS F 93 32.95 30.18 -37.24
C HIS F 93 33.04 28.67 -37.15
N PHE F 94 33.72 28.14 -36.12
CA PHE F 94 33.91 26.70 -36.08
C PHE F 94 32.66 25.94 -35.63
N ARG F 95 31.61 26.63 -35.17
CA ARG F 95 30.28 26.04 -35.03
C ARG F 95 29.42 26.50 -36.20
N SER F 96 28.88 27.71 -36.12
CA SER F 96 27.85 28.25 -36.99
C SER F 96 27.90 29.77 -36.82
N HIS F 97 27.64 30.51 -37.90
CA HIS F 97 27.87 31.97 -37.85
C HIS F 97 26.73 32.67 -38.58
N ASN F 98 25.57 32.76 -37.93
CA ASN F 98 24.36 33.17 -38.61
C ASN F 98 23.77 34.40 -37.99
N ILE F 99 24.64 35.33 -37.60
CA ILE F 99 24.19 36.58 -36.98
C ILE F 99 23.12 37.27 -37.84
N LEU F 100 23.39 37.43 -39.13
CA LEU F 100 22.48 38.16 -40.03
C LEU F 100 21.08 37.57 -40.07
N VAL F 101 20.91 36.27 -39.80
CA VAL F 101 19.57 35.73 -39.72
C VAL F 101 18.70 36.52 -38.77
N GLN F 102 19.29 37.26 -37.83
CA GLN F 102 18.48 38.08 -36.93
C GLN F 102 17.78 39.23 -37.64
N LEU F 103 18.32 39.67 -38.79
CA LEU F 103 17.62 40.67 -39.58
C LEU F 103 16.15 40.29 -39.77
N LYS F 104 15.87 39.01 -40.01
CA LYS F 104 14.48 38.60 -40.13
C LYS F 104 13.74 38.78 -38.81
N LEU F 105 14.41 38.52 -37.69
CA LEU F 105 13.74 38.66 -36.41
C LEU F 105 13.52 40.12 -36.07
N VAL F 106 14.44 41.00 -36.49
CA VAL F 106 14.19 42.42 -36.36
C VAL F 106 12.93 42.81 -37.12
N GLU F 107 12.86 42.48 -38.41
CA GLU F 107 11.70 42.84 -39.23
C GLU F 107 10.40 42.46 -38.54
N ALA F 108 10.36 41.29 -37.91
CA ALA F 108 9.14 40.86 -37.22
C ALA F 108 8.83 41.73 -36.02
N ILE F 109 9.84 42.06 -35.22
CA ILE F 109 9.61 42.93 -34.07
C ILE F 109 9.08 44.28 -34.55
N LYS F 110 9.71 44.86 -35.57
CA LYS F 110 9.22 46.09 -36.19
C LYS F 110 7.73 46.00 -36.48
N GLU F 111 7.31 44.95 -37.21
CA GLU F 111 5.91 44.75 -37.53
C GLU F 111 5.05 44.47 -36.29
N ALA F 112 5.62 43.91 -35.23
CA ALA F 112 4.80 43.59 -34.08
C ALA F 112 4.50 44.82 -33.26
N GLY F 113 5.43 45.76 -33.20
CA GLY F 113 5.22 47.00 -32.50
C GLY F 113 5.01 46.86 -31.01
N ASN F 114 4.89 45.64 -30.51
CA ASN F 114 4.57 45.47 -29.10
C ASN F 114 5.78 45.16 -28.22
N VAL F 115 6.99 45.10 -28.79
CA VAL F 115 8.16 44.63 -28.06
C VAL F 115 8.75 45.79 -27.28
N LYS F 116 8.81 45.64 -25.97
CA LYS F 116 9.36 46.69 -25.12
C LYS F 116 10.89 46.77 -25.17
N ARG F 117 11.58 45.71 -25.60
CA ARG F 117 13.03 45.71 -25.61
C ARG F 117 13.55 44.42 -26.23
N PHE F 118 14.62 44.54 -27.00
CA PHE F 118 15.23 43.41 -27.70
C PHE F 118 16.71 43.37 -27.37
N LEU F 119 17.20 42.20 -26.96
CA LEU F 119 18.62 41.97 -26.70
C LEU F 119 19.16 41.08 -27.81
N PRO F 120 19.92 41.61 -28.77
CA PRO F 120 20.44 40.77 -29.85
C PRO F 120 21.57 39.87 -29.37
N SER F 121 21.98 38.96 -30.25
CA SER F 121 23.08 38.08 -29.94
C SER F 121 24.40 38.80 -29.95
N GLU F 122 24.76 39.40 -28.81
CA GLU F 122 26.01 40.10 -28.62
C GLU F 122 27.00 39.25 -27.82
N PHE F 123 27.05 39.45 -26.51
CA PHE F 123 27.68 38.56 -25.55
C PHE F 123 29.16 38.32 -25.79
N GLY F 124 29.87 39.30 -26.31
CA GLY F 124 31.29 39.16 -26.56
C GLY F 124 32.00 40.48 -26.63
N MET F 125 33.03 40.53 -27.48
CA MET F 125 33.71 41.79 -27.77
C MET F 125 32.72 42.83 -28.30
N ASP F 126 32.98 44.10 -27.97
CA ASP F 126 32.12 45.24 -28.31
C ASP F 126 32.29 45.64 -29.78
N PRO F 127 31.30 45.38 -30.62
CA PRO F 127 31.50 45.44 -32.08
C PRO F 127 31.95 46.82 -32.54
N PRO F 128 31.23 47.88 -32.18
CA PRO F 128 31.64 49.22 -32.58
C PRO F 128 33.09 49.51 -32.28
N ARG F 129 33.69 48.84 -31.30
CA ARG F 129 35.07 49.10 -30.96
C ARG F 129 36.04 48.23 -31.74
N MET F 130 35.56 47.43 -32.67
CA MET F 130 36.44 46.50 -33.38
C MET F 130 36.70 46.92 -34.80
N GLY F 131 36.49 48.20 -35.11
CA GLY F 131 36.53 48.65 -36.49
C GLY F 131 37.78 48.21 -37.23
N HIS F 132 38.88 48.01 -36.51
CA HIS F 132 40.16 47.71 -37.12
C HIS F 132 40.47 46.22 -37.14
N ALA F 133 39.47 45.37 -36.92
CA ALA F 133 39.72 43.96 -36.66
C ALA F 133 40.22 43.22 -37.90
N LEU F 134 40.84 42.07 -37.64
CA LEU F 134 41.42 41.21 -38.67
C LEU F 134 40.33 40.39 -39.36
N PRO F 135 40.32 40.34 -40.69
CA PRO F 135 39.46 39.36 -41.37
C PRO F 135 40.16 38.02 -41.30
N PRO F 136 39.43 36.89 -41.36
CA PRO F 136 37.98 36.77 -41.46
C PRO F 136 37.28 36.90 -40.12
N GLY F 137 38.06 37.04 -39.04
CA GLY F 137 37.49 37.19 -37.72
C GLY F 137 36.55 38.36 -37.60
N ARG F 138 36.74 39.38 -38.43
CA ARG F 138 36.01 40.62 -38.24
C ARG F 138 34.54 40.48 -38.66
N GLU F 139 34.20 39.44 -39.42
CA GLU F 139 32.82 39.25 -39.84
C GLU F 139 31.88 39.24 -38.65
N THR F 140 32.35 38.72 -37.53
CA THR F 140 31.52 38.69 -36.35
C THR F 140 31.09 40.09 -35.96
N PHE F 141 32.07 40.98 -35.83
CA PHE F 141 31.76 42.34 -35.39
C PHE F 141 30.95 43.08 -36.44
N ASP F 142 31.26 42.88 -37.71
CA ASP F 142 30.51 43.58 -38.73
C ASP F 142 29.03 43.19 -38.71
N GLN F 143 28.74 41.88 -38.67
CA GLN F 143 27.35 41.44 -38.73
C GLN F 143 26.56 41.89 -37.51
N LYS F 144 27.20 41.98 -36.35
CA LYS F 144 26.45 42.47 -35.20
C LYS F 144 26.18 43.97 -35.31
N MET F 145 27.06 44.72 -35.97
CA MET F 145 26.74 46.10 -36.31
C MET F 145 25.52 46.17 -37.19
N GLU F 146 25.59 45.49 -38.35
CA GLU F 146 24.44 45.42 -39.25
C GLU F 146 23.14 45.14 -38.50
N VAL F 147 23.18 44.20 -37.56
CA VAL F 147 21.99 43.91 -36.75
C VAL F 147 21.66 45.10 -35.86
N ARG F 148 22.69 45.68 -35.24
CA ARG F 148 22.48 46.85 -34.40
C ARG F 148 21.86 47.99 -35.20
N GLN F 149 22.40 48.26 -36.40
CA GLN F 149 21.85 49.32 -37.22
C GLN F 149 20.39 49.07 -37.56
N ALA F 150 20.06 47.83 -37.92
CA ALA F 150 18.66 47.48 -38.14
C ALA F 150 17.82 47.80 -36.93
N ILE F 151 18.28 47.42 -35.73
CA ILE F 151 17.49 47.63 -34.53
C ILE F 151 17.25 49.12 -34.30
N GLU F 152 18.31 49.91 -34.35
CA GLU F 152 18.20 51.35 -34.12
C GLU F 152 17.43 52.03 -35.26
N ALA F 153 17.73 51.66 -36.51
CA ALA F 153 17.00 52.19 -37.65
C ALA F 153 15.56 51.70 -37.72
N ALA F 154 15.02 51.25 -36.59
CA ALA F 154 13.62 50.84 -36.54
C ALA F 154 12.99 51.22 -35.21
N GLY F 155 13.67 52.04 -34.41
CA GLY F 155 13.16 52.48 -33.13
C GLY F 155 12.86 51.36 -32.15
N ILE F 156 13.62 50.27 -32.18
CA ILE F 156 13.41 49.15 -31.28
C ILE F 156 14.25 49.39 -30.03
N PRO F 157 13.67 49.43 -28.85
CA PRO F 157 14.48 49.54 -27.63
C PRO F 157 15.29 48.28 -27.43
N TYR F 158 16.53 48.46 -26.96
CA TYR F 158 17.52 47.42 -26.96
C TYR F 158 18.34 47.46 -25.69
N THR F 159 19.10 46.39 -25.46
CA THR F 159 20.23 46.37 -24.53
C THR F 159 21.31 45.51 -25.15
N TYR F 160 22.56 45.98 -25.10
CA TYR F 160 23.71 45.28 -25.65
C TYR F 160 24.55 44.74 -24.50
N VAL F 161 24.61 43.42 -24.36
CA VAL F 161 25.36 42.77 -23.30
C VAL F 161 26.71 42.34 -23.86
N VAL F 162 27.80 42.91 -23.33
CA VAL F 162 29.12 42.73 -23.92
C VAL F 162 30.18 42.66 -22.83
N GLY F 163 31.37 42.22 -23.21
CA GLY F 163 32.51 42.46 -22.37
C GLY F 163 33.36 41.30 -21.89
N ALA F 164 32.81 40.11 -21.75
CA ALA F 164 33.48 39.02 -21.04
C ALA F 164 33.79 37.86 -21.97
N CYS F 165 34.97 37.30 -21.80
CA CYS F 165 35.26 35.98 -22.36
C CYS F 165 34.46 34.91 -21.64
N PHE F 166 33.86 33.99 -22.40
CA PHE F 166 33.24 32.78 -21.87
C PHE F 166 34.28 31.89 -21.21
N ALA F 167 34.07 31.56 -19.94
CA ALA F 167 35.09 30.88 -19.14
C ALA F 167 35.51 29.56 -19.76
N ALA F 168 34.58 28.84 -20.35
CA ALA F 168 34.93 27.55 -20.93
C ALA F 168 35.89 27.69 -22.10
N TYR F 169 35.87 28.81 -22.80
CA TYR F 169 36.72 28.95 -23.98
C TYR F 169 38.01 29.71 -23.71
N PHE F 170 38.13 30.42 -22.60
CA PHE F 170 39.34 31.18 -22.35
C PHE F 170 39.96 30.95 -20.98
N ALA F 171 39.24 30.40 -20.01
CA ALA F 171 39.80 30.16 -18.69
C ALA F 171 40.04 28.69 -18.39
N GLY F 172 39.04 27.84 -18.59
CA GLY F 172 39.20 26.44 -18.28
C GLY F 172 40.29 25.76 -19.07
N ASN F 173 40.76 26.37 -20.15
CA ASN F 173 41.88 25.85 -20.93
C ASN F 173 43.16 26.65 -20.71
N LEU F 174 43.16 27.60 -19.78
CA LEU F 174 44.28 28.53 -19.64
C LEU F 174 44.53 29.25 -20.96
N SER F 175 43.45 29.48 -21.70
CA SER F 175 43.52 30.27 -22.91
C SER F 175 44.32 29.61 -24.01
N GLN F 176 44.49 28.28 -23.97
CA GLN F 176 45.13 27.56 -25.08
C GLN F 176 44.09 27.22 -26.13
N MET F 177 44.49 27.18 -27.40
CA MET F 177 43.56 27.03 -28.51
C MET F 177 43.34 25.58 -28.88
N VAL F 178 42.19 25.30 -29.49
CA VAL F 178 41.85 23.97 -29.98
C VAL F 178 41.86 22.97 -28.83
N THR F 179 41.73 23.46 -27.61
CA THR F 179 41.58 22.61 -26.45
C THR F 179 40.63 23.31 -25.49
N LEU F 180 40.06 22.54 -24.57
CA LEU F 180 39.10 23.07 -23.60
C LEU F 180 39.40 22.59 -22.18
N LEU F 181 40.56 21.97 -21.96
CA LEU F 181 41.04 21.52 -20.66
C LEU F 181 42.43 22.06 -20.43
N PRO F 182 42.81 22.26 -19.17
CA PRO F 182 44.15 22.75 -18.87
C PRO F 182 45.20 21.81 -19.44
N PRO F 183 46.31 22.34 -19.95
CA PRO F 183 47.39 21.46 -20.38
C PRO F 183 48.06 20.86 -19.16
N LYS F 184 48.82 19.80 -19.40
CA LYS F 184 49.37 19.04 -18.28
C LYS F 184 50.75 19.50 -17.84
N GLU F 185 51.62 19.88 -18.80
CA GLU F 185 53.03 20.20 -18.54
C GLU F 185 53.46 21.52 -19.15
N LYS F 186 53.01 21.83 -20.36
CA LYS F 186 53.49 22.99 -21.12
C LYS F 186 52.32 23.92 -21.42
N VAL F 187 52.51 25.20 -21.17
CA VAL F 187 51.53 26.22 -21.52
C VAL F 187 52.19 27.31 -22.37
N ASN F 188 51.46 27.83 -23.34
CA ASN F 188 51.95 28.92 -24.17
C ASN F 188 51.37 30.23 -23.65
N ILE F 189 52.24 31.17 -23.33
CA ILE F 189 51.82 32.48 -22.86
C ILE F 189 51.88 33.45 -24.03
N TYR F 190 50.79 34.17 -24.25
CA TYR F 190 50.74 35.11 -25.37
C TYR F 190 51.46 36.38 -24.97
N GLY F 191 52.51 36.72 -25.70
CA GLY F 191 53.31 37.87 -25.31
C GLY F 191 53.99 37.61 -23.99
N ASP F 192 54.05 38.64 -23.15
CA ASP F 192 54.52 38.49 -21.78
C ASP F 192 53.40 38.06 -20.83
N GLY F 193 52.21 37.82 -21.34
CA GLY F 193 51.14 37.32 -20.52
C GLY F 193 50.69 38.31 -19.48
N ASN F 194 50.87 39.61 -19.71
CA ASN F 194 50.46 40.62 -18.75
C ASN F 194 49.50 41.62 -19.35
N VAL F 195 48.73 41.18 -20.34
CA VAL F 195 47.57 41.92 -20.82
C VAL F 195 46.36 41.46 -20.04
N LYS F 196 45.64 42.41 -19.45
CA LYS F 196 44.42 42.09 -18.74
C LYS F 196 43.37 41.54 -19.68
N VAL F 197 42.61 40.56 -19.19
CA VAL F 197 41.47 39.99 -19.87
C VAL F 197 40.32 39.90 -18.88
N VAL F 198 39.11 39.84 -19.41
CA VAL F 198 37.89 39.76 -18.62
C VAL F 198 37.36 38.38 -18.79
N PHE F 199 37.22 37.65 -17.69
CA PHE F 199 36.69 36.30 -17.70
C PHE F 199 35.37 36.28 -16.94
N ALA F 200 34.37 35.59 -17.48
CA ALA F 200 33.13 35.37 -16.74
C ALA F 200 32.59 33.96 -16.97
N ASP F 201 32.10 33.36 -15.88
CA ASP F 201 31.36 32.11 -15.98
C ASP F 201 30.09 32.37 -16.77
N GLU F 202 29.86 31.53 -17.78
CA GLU F 202 28.74 31.75 -18.68
C GLU F 202 27.41 31.70 -17.94
N ASP F 203 27.32 30.96 -16.83
CA ASP F 203 26.11 31.03 -16.04
C ASP F 203 25.90 32.43 -15.47
N ASP F 204 27.00 33.10 -15.09
CA ASP F 204 26.85 34.45 -14.57
C ASP F 204 26.46 35.43 -15.68
N ILE F 205 27.14 35.37 -16.82
CA ILE F 205 26.71 36.07 -18.01
C ILE F 205 25.21 35.91 -18.22
N ALA F 206 24.71 34.68 -18.10
CA ALA F 206 23.30 34.47 -18.29
C ALA F 206 22.49 35.11 -17.18
N LYS F 207 22.95 34.97 -15.94
CA LYS F 207 22.26 35.58 -14.81
C LYS F 207 22.19 37.08 -14.98
N TYR F 208 23.30 37.71 -15.32
CA TYR F 208 23.27 39.13 -15.64
C TYR F 208 22.24 39.42 -16.72
N THR F 209 22.29 38.66 -17.82
CA THR F 209 21.40 38.95 -18.94
C THR F 209 19.95 38.88 -18.51
N ALA F 210 19.61 37.93 -17.65
CA ALA F 210 18.24 37.79 -17.18
C ALA F 210 17.82 38.95 -16.30
N LYS F 211 18.74 39.50 -15.49
CA LYS F 211 18.43 40.63 -14.63
C LYS F 211 18.54 41.98 -15.33
N THR F 212 19.24 42.08 -16.45
CA THR F 212 19.29 43.36 -17.12
C THR F 212 18.09 43.59 -18.03
N LEU F 213 17.47 42.52 -18.53
CA LEU F 213 16.53 42.68 -19.65
C LEU F 213 15.32 43.54 -19.32
N ASN F 214 15.01 43.75 -18.04
CA ASN F 214 13.92 44.64 -17.67
C ASN F 214 14.36 45.72 -16.70
N ASP F 215 15.66 45.94 -16.59
CA ASP F 215 16.19 47.02 -15.76
C ASP F 215 16.10 48.35 -16.51
N PRO F 216 15.36 49.33 -16.01
CA PRO F 216 15.32 50.63 -16.71
C PRO F 216 16.68 51.28 -16.89
N ARG F 217 17.60 51.08 -15.94
CA ARG F 217 18.92 51.67 -16.06
C ARG F 217 19.67 51.22 -17.30
N THR F 218 19.24 50.13 -17.93
CA THR F 218 19.99 49.59 -19.06
C THR F 218 19.23 49.70 -20.38
N LEU F 219 18.03 50.29 -20.37
CA LEU F 219 17.29 50.54 -21.61
C LEU F 219 18.12 51.35 -22.59
N ASN F 220 18.18 50.88 -23.84
CA ASN F 220 19.00 51.47 -24.90
C ASN F 220 20.41 51.78 -24.40
N LYS F 221 20.99 50.86 -23.64
CA LYS F 221 22.35 50.94 -23.17
C LYS F 221 23.15 49.72 -23.62
N THR F 222 24.46 49.91 -23.69
CA THR F 222 25.39 48.80 -23.68
C THR F 222 25.73 48.51 -22.23
N VAL F 223 25.57 47.27 -21.81
CA VAL F 223 25.86 46.88 -20.44
C VAL F 223 27.08 45.97 -20.45
N ASN F 224 28.11 46.35 -19.71
CA ASN F 224 29.38 45.66 -19.74
C ASN F 224 29.40 44.59 -18.65
N ILE F 225 29.78 43.37 -19.03
CA ILE F 225 30.06 42.31 -18.08
C ILE F 225 31.55 42.38 -17.79
N ARG F 226 31.91 43.03 -16.68
CA ARG F 226 33.32 43.15 -16.28
C ARG F 226 33.42 43.05 -14.77
N PRO F 227 33.35 41.85 -14.22
CA PRO F 227 33.49 41.66 -12.78
C PRO F 227 34.92 41.91 -12.35
N PRO F 228 35.14 42.77 -11.35
CA PRO F 228 36.51 43.22 -11.06
C PRO F 228 37.46 42.08 -10.70
N ASP F 229 36.99 41.09 -9.95
CA ASP F 229 37.93 40.05 -9.53
C ASP F 229 38.34 39.12 -10.67
N ASN F 230 37.55 39.08 -11.75
CA ASN F 230 37.84 38.22 -12.90
C ASN F 230 38.53 38.96 -14.04
N VAL F 231 39.08 40.14 -13.79
CA VAL F 231 39.93 40.81 -14.76
C VAL F 231 41.35 40.33 -14.51
N LEU F 232 41.85 39.46 -15.36
CA LEU F 232 43.14 38.86 -15.11
C LEU F 232 43.94 38.80 -16.39
N THR F 233 45.26 38.77 -16.24
CA THR F 233 46.17 38.45 -17.31
C THR F 233 46.23 36.94 -17.49
N GLN F 234 46.79 36.51 -18.62
CA GLN F 234 46.93 35.09 -18.81
C GLN F 234 47.87 34.49 -17.77
N LEU F 235 48.97 35.18 -17.45
CA LEU F 235 49.89 34.66 -16.45
C LEU F 235 49.22 34.56 -15.08
N GLU F 236 48.49 35.60 -14.68
CA GLU F 236 47.72 35.50 -13.45
C GLU F 236 46.79 34.29 -13.46
N LEU F 237 46.12 34.02 -14.57
CA LEU F 237 45.21 32.89 -14.65
C LEU F 237 45.97 31.56 -14.54
N VAL F 238 47.10 31.48 -15.24
CA VAL F 238 47.95 30.30 -15.13
C VAL F 238 48.43 30.13 -13.71
N GLN F 239 48.77 31.23 -13.05
CA GLN F 239 49.25 31.12 -11.68
C GLN F 239 48.15 30.66 -10.73
N ILE F 240 46.89 31.00 -11.01
CA ILE F 240 45.78 30.46 -10.22
C ILE F 240 45.73 28.94 -10.34
N TRP F 241 45.80 28.42 -11.57
CA TRP F 241 45.72 26.98 -11.75
C TRP F 241 46.88 26.28 -11.05
N GLU F 242 48.06 26.89 -11.06
CA GLU F 242 49.25 26.27 -10.51
C GLU F 242 49.18 26.18 -9.00
N LYS F 243 48.49 27.11 -8.36
CA LYS F 243 48.32 27.04 -6.93
C LYS F 243 47.25 26.03 -6.52
N LEU F 244 46.25 25.79 -7.39
CA LEU F 244 45.28 24.73 -7.11
C LEU F 244 45.89 23.35 -7.29
N THR F 245 46.77 23.18 -8.28
CA THR F 245 47.37 21.89 -8.55
C THR F 245 48.63 21.63 -7.73
N GLY F 246 49.36 22.67 -7.38
CA GLY F 246 50.71 22.54 -6.89
C GLY F 246 51.73 22.13 -7.92
N LYS F 247 51.43 22.22 -9.20
CA LYS F 247 52.39 21.90 -10.24
C LYS F 247 52.73 23.15 -11.03
N GLU F 248 54.02 23.43 -11.13
CA GLU F 248 54.50 24.50 -11.99
C GLU F 248 54.57 24.02 -13.43
N LEU F 249 53.92 24.76 -14.31
CA LEU F 249 53.95 24.45 -15.74
C LEU F 249 55.14 25.12 -16.40
N GLU F 250 55.70 24.43 -17.38
CA GLU F 250 56.69 25.06 -18.25
C GLU F 250 56.00 26.05 -19.20
N LYS F 251 56.40 27.30 -19.12
CA LYS F 251 55.80 28.34 -19.95
C LYS F 251 56.72 28.67 -21.11
N THR F 252 56.11 28.96 -22.26
CA THR F 252 56.81 29.47 -23.44
C THR F 252 56.07 30.70 -23.92
N ASN F 253 56.76 31.84 -23.95
CA ASN F 253 56.15 33.06 -24.45
C ASN F 253 56.15 33.04 -25.98
N ILE F 254 55.01 33.43 -26.56
CA ILE F 254 54.85 33.45 -28.01
C ILE F 254 54.73 34.89 -28.46
N ALA F 255 55.58 35.31 -29.40
CA ALA F 255 55.56 36.68 -29.89
C ALA F 255 54.48 36.88 -30.92
N ALA F 256 53.90 38.10 -30.94
CA ALA F 256 52.80 38.39 -31.85
C ALA F 256 53.11 37.94 -33.27
N GLN F 257 54.34 38.12 -33.73
CA GLN F 257 54.67 37.69 -35.07
C GLN F 257 54.55 36.17 -35.21
N ASP F 258 55.03 35.42 -34.23
CA ASP F 258 55.01 33.96 -34.31
C ASP F 258 53.61 33.40 -34.14
N PHE F 259 52.77 34.06 -33.36
CA PHE F 259 51.40 33.61 -33.15
C PHE F 259 50.59 33.76 -34.43
N LEU F 260 50.87 34.82 -35.20
CA LEU F 260 50.10 35.14 -36.39
C LEU F 260 50.68 34.55 -37.65
N ALA F 261 51.83 33.90 -37.55
CA ALA F 261 52.55 33.50 -38.74
C ALA F 261 51.75 32.49 -39.54
N ASN F 262 51.66 32.70 -40.84
CA ASN F 262 50.98 31.82 -41.79
C ASN F 262 49.49 31.76 -41.52
N ILE F 263 48.94 32.75 -40.84
CA ILE F 263 47.51 32.76 -40.60
C ILE F 263 46.76 32.66 -41.91
N GLU F 264 47.37 33.13 -43.00
CA GLU F 264 46.70 33.08 -44.30
C GLU F 264 46.54 31.65 -44.78
N GLN F 265 47.40 30.73 -44.33
CA GLN F 265 47.31 29.36 -44.78
C GLN F 265 46.48 28.49 -43.83
N MET F 266 45.57 29.08 -43.08
CA MET F 266 44.78 28.34 -42.13
C MET F 266 43.32 28.24 -42.59
N GLU F 267 42.66 27.18 -42.18
CA GLU F 267 41.23 27.08 -42.44
C GLU F 267 40.55 28.33 -41.92
N ILE F 268 39.45 28.71 -42.56
CA ILE F 268 38.84 29.99 -42.25
C ILE F 268 38.44 30.09 -40.78
N PRO F 269 37.67 29.16 -40.21
CA PRO F 269 37.28 29.32 -38.80
C PRO F 269 38.46 29.41 -37.86
N HIS F 270 39.61 28.83 -38.21
CA HIS F 270 40.78 28.99 -37.36
C HIS F 270 41.40 30.37 -37.50
N GLN F 271 41.44 30.93 -38.71
CA GLN F 271 41.92 32.30 -38.84
C GLN F 271 41.14 33.22 -37.94
N ALA F 272 39.80 33.07 -37.93
CA ALA F 272 38.96 33.96 -37.13
C ALA F 272 39.32 33.87 -35.65
N GLY F 273 39.51 32.65 -35.15
CA GLY F 273 39.89 32.50 -33.75
C GLY F 273 41.23 33.14 -33.46
N ILE F 274 42.23 32.85 -34.29
CA ILE F 274 43.50 33.53 -34.11
C ILE F 274 43.31 35.03 -34.11
N GLY F 275 42.45 35.54 -35.00
CA GLY F 275 42.20 36.96 -35.00
C GLY F 275 41.56 37.43 -33.71
N HIS F 276 40.56 36.68 -33.23
CA HIS F 276 39.92 37.07 -31.99
C HIS F 276 40.89 36.98 -30.83
N PHE F 277 41.74 35.95 -30.80
CA PHE F 277 42.67 35.81 -29.69
C PHE F 277 43.67 36.95 -29.69
N TYR F 278 44.16 37.32 -30.88
CA TYR F 278 45.10 38.43 -30.96
C TYR F 278 44.53 39.71 -30.33
N HIS F 279 43.26 40.03 -30.61
CA HIS F 279 42.70 41.27 -30.06
C HIS F 279 42.55 41.20 -28.55
N ILE F 280 42.35 40.00 -28.02
CA ILE F 280 42.05 39.88 -26.60
C ILE F 280 43.31 39.86 -25.79
N PHE F 281 44.30 39.10 -26.23
CA PHE F 281 45.46 38.83 -25.41
C PHE F 281 46.67 39.66 -25.79
N TYR F 282 46.79 40.07 -27.05
CA TYR F 282 47.89 40.92 -27.46
C TYR F 282 47.49 42.38 -27.50
N GLU F 283 46.24 42.70 -27.78
CA GLU F 283 45.82 44.08 -27.86
C GLU F 283 45.02 44.54 -26.67
N GLY F 284 44.42 43.62 -25.91
CA GLY F 284 43.75 44.01 -24.69
C GLY F 284 42.42 44.69 -24.91
N CYS F 285 41.70 44.30 -25.97
CA CYS F 285 40.49 45.02 -26.33
C CYS F 285 39.42 44.96 -25.25
N LEU F 286 39.38 43.89 -24.45
CA LEU F 286 38.38 43.83 -23.40
C LEU F 286 38.69 44.75 -22.24
N THR F 287 39.94 45.17 -22.11
CA THR F 287 40.37 46.02 -21.02
C THR F 287 40.95 47.37 -21.47
N ASP F 288 41.13 47.61 -22.78
CA ASP F 288 41.77 48.87 -23.24
C ASP F 288 40.93 50.12 -23.02
N HIS F 289 39.80 50.08 -22.32
CA HIS F 289 38.97 51.25 -22.05
C HIS F 289 38.29 50.99 -20.72
N GLU F 290 37.78 52.04 -20.09
CA GLU F 290 37.09 51.79 -18.83
C GLU F 290 35.63 52.19 -18.91
N VAL F 291 34.86 51.62 -18.01
CA VAL F 291 33.42 51.72 -18.06
C VAL F 291 32.90 52.09 -16.67
N GLY F 292 31.78 52.81 -16.66
CA GLY F 292 31.26 53.30 -15.41
C GLY F 292 30.44 52.25 -14.68
N GLU F 293 30.54 52.28 -13.35
CA GLU F 293 29.78 51.35 -12.54
C GLU F 293 28.31 51.35 -12.93
N ASP F 294 27.84 52.43 -13.53
CA ASP F 294 26.46 52.53 -13.98
C ASP F 294 26.22 51.77 -15.28
N GLU F 295 27.28 51.27 -15.90
CA GLU F 295 27.15 50.54 -17.16
C GLU F 295 27.88 49.21 -17.08
N GLU F 296 27.89 48.59 -15.90
CA GLU F 296 28.59 47.35 -15.66
C GLU F 296 27.71 46.43 -14.83
N ALA F 297 27.73 45.14 -15.16
CA ALA F 297 26.73 44.23 -14.63
C ALA F 297 26.93 43.95 -13.14
N SER F 298 28.16 43.62 -12.74
CA SER F 298 28.35 43.23 -11.36
C SER F 298 28.08 44.40 -10.43
N SER F 299 28.34 45.62 -10.92
CA SER F 299 28.01 46.80 -10.15
C SER F 299 26.51 47.05 -10.15
N LEU F 300 25.87 46.87 -11.30
CA LEU F 300 24.42 47.06 -11.34
C LEU F 300 23.70 46.04 -10.48
N TYR F 301 24.14 44.78 -10.48
CA TYR F 301 23.41 43.70 -9.83
C TYR F 301 24.35 42.94 -8.91
N PRO F 302 24.68 43.51 -7.75
CA PRO F 302 25.50 42.78 -6.78
C PRO F 302 24.79 41.60 -6.16
N ASP F 303 23.50 41.41 -6.46
CA ASP F 303 22.80 40.20 -6.03
C ASP F 303 23.26 38.96 -6.79
N VAL F 304 24.34 39.08 -7.55
CA VAL F 304 24.92 37.99 -8.32
C VAL F 304 26.29 37.70 -7.74
N LYS F 305 26.42 36.62 -6.97
CA LYS F 305 27.70 36.22 -6.38
C LYS F 305 28.49 35.54 -7.48
N TYR F 306 29.09 36.35 -8.33
CA TYR F 306 29.68 35.80 -9.54
C TYR F 306 30.86 34.92 -9.18
N LYS F 307 31.02 33.85 -9.93
CA LYS F 307 32.06 32.87 -9.68
C LYS F 307 33.42 33.40 -10.14
N ARG F 308 34.38 33.50 -9.20
CA ARG F 308 35.75 33.86 -9.52
C ARG F 308 36.44 32.72 -10.24
N MET F 309 37.63 33.01 -10.78
CA MET F 309 38.24 31.98 -11.62
C MET F 309 38.83 30.85 -10.80
N ASP F 310 39.27 31.10 -9.58
CA ASP F 310 39.79 30.01 -8.78
C ASP F 310 38.70 28.98 -8.51
N ASP F 311 37.47 29.42 -8.26
CA ASP F 311 36.40 28.46 -8.09
C ASP F 311 36.03 27.81 -9.40
N TYR F 312 35.95 28.59 -10.47
CA TYR F 312 35.66 28.03 -11.79
C TYR F 312 36.63 26.92 -12.13
N LEU F 313 37.91 27.17 -11.95
CA LEU F 313 38.94 26.22 -12.35
C LEU F 313 38.94 24.99 -11.48
N ARG F 314 38.29 25.04 -10.32
CA ARG F 314 38.24 23.89 -9.43
C ARG F 314 37.56 22.71 -10.07
N MET F 315 36.60 22.96 -10.97
CA MET F 315 35.91 21.84 -11.55
C MET F 315 36.77 21.06 -12.53
N PHE F 316 38.03 21.46 -12.72
CA PHE F 316 38.93 20.77 -13.62
C PHE F 316 39.96 19.93 -12.88
N LEU F 317 40.04 20.07 -11.56
CA LEU F 317 41.00 19.36 -10.73
C LEU F 317 40.76 17.86 -10.64
CAV GEF G . -16.26 19.75 21.32
OAU GEF G . -15.94 21.11 21.63
CAQ GEF G . -15.99 21.93 20.53
CAP GEF G . -16.30 21.56 19.24
CAR GEF G . -15.69 23.25 20.76
OAZ GEF G . -15.41 23.49 22.08
CAS GEF G . -15.69 24.18 19.70
CAT GEF G . -16.00 23.82 18.38
CAO GEF G . -16.40 22.49 18.18
CAN GEF G . -16.57 21.76 17.07
OAM GEF G . -15.14 21.28 16.62
CAL GEF G . -15.96 20.75 15.85
CAK GEF G . -16.77 21.53 14.98
CAJ GEF G . -16.91 22.58 15.72
CAH GEF G . -17.93 23.56 14.97
OAI GEF G . -18.66 22.18 15.32
CAG GEF G . -17.69 21.11 14.17
CAD GEF G . -18.36 21.91 13.31
CAE GEF G . -19.59 21.31 12.90
CAC GEF G . -17.78 22.77 12.38
CAB GEF G . -18.53 23.29 11.32
CAA GEF G . -19.80 22.80 11.07
OAY GEF G . -20.56 23.26 10.06
CAF GEF G . -20.34 21.80 11.85
OAW GEF G . -21.59 21.37 11.51
CAX GEF G . -22.14 20.34 12.31
PA NDP H . -8.51 20.06 9.24
O1A NDP H . -8.06 20.92 10.40
O2A NDP H . -8.35 18.68 9.72
O5B NDP H . -7.60 20.45 7.93
C5B NDP H . -7.72 19.66 6.78
C4B NDP H . -6.62 20.04 5.74
O4B NDP H . -6.64 21.33 5.41
C3B NDP H . -5.17 19.92 6.25
O3B NDP H . -4.73 18.61 6.26
C2B NDP H . -4.40 20.73 5.19
O2B NDP H . -4.29 19.81 4.10
C1B NDP H . -5.23 21.60 4.69
N9A NDP H . -4.88 22.92 5.07
C8A NDP H . -4.98 23.60 6.21
N7A NDP H . -4.49 24.82 5.95
C5A NDP H . -4.09 24.84 4.65
C6A NDP H . -3.53 25.85 3.92
N6A NDP H . -3.21 27.21 4.30
N1A NDP H . -3.21 25.73 2.64
C2A NDP H . -3.45 24.53 2.06
N3A NDP H . -4.02 23.52 2.80
C4A NDP H . -4.34 23.68 4.10
O3 NDP H . -10.04 20.20 8.66
PN NDP H . -11.21 19.16 9.18
O1N NDP H . -11.26 17.74 8.71
O2N NDP H . -10.91 19.30 10.64
O5D NDP H . -12.62 19.79 8.56
C5D NDP H . -12.69 19.56 7.18
C4D NDP H . -14.13 20.02 6.82
O4D NDP H . -14.83 19.40 7.75
C3D NDP H . -14.33 21.53 7.11
O3D NDP H . -15.16 22.17 6.28
C2D NDP H . -15.04 21.49 8.45
O2D NDP H . -15.98 22.62 8.61
C1D NDP H . -15.80 20.45 8.35
N1N NDP H . -16.13 19.91 9.61
C2N NDP H . -17.44 19.58 9.89
C3N NDP H . -17.73 19.00 11.23
C7N NDP H . -19.08 18.45 11.54
O7N NDP H . -19.89 18.26 10.71
N7N NDP H . -19.33 18.13 12.90
C4N NDP H . -16.76 18.89 12.37
C5N NDP H . -15.40 19.49 12.03
C6N NDP H . -15.10 19.68 10.54
P2B NDP H . -2.93 18.95 3.98
O1X NDP H . -3.22 17.55 4.46
O2X NDP H . -2.47 19.16 2.55
O3X NDP H . -1.92 19.32 5.04
H51A NDP H . -8.59 19.81 6.39
H52A NDP H . -7.63 18.72 7.02
H4B NDP H . -6.72 19.50 4.95
H3B NDP H . -5.08 20.32 7.14
HO3A NDP H . -4.98 18.23 5.55
H2B NDP H . -3.56 21.11 5.50
H1B NDP H . -5.31 21.51 3.72
H8A NDP H . -5.33 23.28 7.01
H61A NDP H . -2.40 27.42 4.52
H62A NDP H . -3.81 27.82 4.31
H2A NDP H . -3.24 24.38 1.16
H51N NDP H . -12.57 18.62 6.98
H52N NDP H . -12.03 20.09 6.71
H4D NDP H . -14.40 19.77 5.93
H3D NDP H . -13.47 21.98 7.18
HO3N NDP H . -14.72 22.53 5.65
H2D NDP H . -14.42 21.42 9.20
HO2N NDP H . -16.31 22.81 7.85
H1D NDP H . -16.57 20.61 7.79
H2N NDP H . -18.07 19.49 9.21
H71N NDP H . -20.09 17.81 13.13
H72N NDP H . -18.72 18.27 13.49
H41N NDP H . -16.64 17.97 12.61
H42N NDP H . -17.13 19.38 13.14
H5N NDP H . -14.69 19.42 12.64
H6N NDP H . -14.23 19.64 10.23
CAV GEF I . 15.21 16.55 10.37
OAU GEF I . 15.46 17.92 10.72
CAQ GEF I . 15.69 18.05 12.09
CAP GEF I . 15.71 16.99 13.00
CAR GEF I . 15.96 19.33 12.56
OAZ GEF I . 15.94 20.35 11.64
CAS GEF I . 16.20 19.52 13.93
CAT GEF I . 16.20 18.44 14.83
CAO GEF I . 15.93 17.15 14.37
CAN GEF I . 15.93 15.95 15.06
OAM GEF I . 14.66 15.85 15.51
CAL GEF I . 14.66 14.62 16.14
CAK GEF I . 15.70 14.40 17.18
CAJ GEF I . 15.96 15.96 16.73
CAH GEF I . 17.19 16.65 17.50
OAI GEF I . 17.75 15.71 16.78
CAG GEF I . 17.29 14.39 17.15
CAD GEF I . 17.54 14.06 18.45
CAE GEF I . 18.38 12.97 18.39
CAC GEF I . 17.10 14.56 19.70
CAB GEF I . 17.62 13.87 20.87
CAA GEF I . 18.48 12.80 20.75
OAY GEF I . 18.98 12.17 21.82
CAF GEF I . 18.86 12.35 19.51
OAW GEF I . 19.69 11.25 19.45
CAX GEF I . 19.97 10.85 18.12
PA NDP J . 6.93 13.71 21.96
O1A NDP J . 7.31 15.14 21.72
O2A NDP J . 6.15 13.15 20.86
O5B NDP J . 5.94 13.65 23.25
C5B NDP J . 5.82 12.41 23.90
C4B NDP J . 4.86 12.58 25.14
O4B NDP J . 5.34 13.37 26.07
C3B NDP J . 3.56 13.28 24.75
O3B NDP J . 2.67 12.47 24.12
C2B NDP J . 2.98 13.58 26.15
O2B NDP J . 2.33 12.39 26.68
C1B NDP J . 4.03 13.70 26.93
N9A NDP J . 4.16 15.08 27.34
C8A NDP J . 4.58 16.19 26.71
N7A NDP J . 4.53 17.21 27.57
C5A NDP J . 4.06 16.67 28.72
C6A NDP J . 3.81 17.30 29.90
N6A NDP J . 4.02 18.70 30.26
N1A NDP J . 3.36 16.68 30.95
C2A NDP J . 3.12 15.32 30.82
N3A NDP J . 3.37 14.66 29.63
C4A NDP J . 3.83 15.36 28.60
O3 NDP J . 8.25 12.82 22.28
PN NDP J . 9.23 12.06 21.21
O1N NDP J . 8.68 10.70 20.82
O2N NDP J . 9.52 12.98 20.02
O5D NDP J . 10.59 11.86 22.18
C5D NDP J . 10.48 10.82 23.08
C4D NDP J . 11.97 10.52 23.41
O4D NDP J . 12.62 10.16 22.30
C3D NDP J . 12.68 11.81 23.90
O3D NDP J . 13.67 11.72 24.86
C2D NDP J . 13.47 12.21 22.69
O2D NDP J . 14.54 12.99 23.37
C1D NDP J . 13.89 11.09 22.15
N1N NDP J . 14.16 11.27 20.74
C2N NDP J . 15.30 10.70 20.17
C3N NDP J . 15.45 10.71 18.70
C7N NDP J . 16.67 9.99 18.13
O7N NDP J . 17.41 9.38 18.84
N7N NDP J . 16.82 10.13 16.71
C4N NDP J . 14.66 11.64 17.78
C5N NDP J . 13.50 12.41 18.49
C6N NDP J . 13.26 12.03 19.95
P2B NDP J . 0.73 12.12 26.41
O1X NDP J . 0.79 11.28 25.17
O2X NDP J . 0.18 11.33 27.57
O3X NDP J . -0.19 13.31 26.21
H51A NDP J . 6.70 12.13 24.20
H52A NDP J . 5.46 11.75 23.29
H4B NDP J . 4.66 11.71 25.52
H3B NDP J . 3.73 14.10 24.26
HO3A NDP J . 2.68 11.70 24.47
H2B NDP J . 2.41 14.37 26.16
H1B NDP J . 3.96 13.13 27.70
H8A NDP J . 4.88 16.24 25.82
H61A NDP J . 3.35 19.25 30.25
H62A NDP J . 4.80 18.98 30.48
H2A NDP J . 2.80 14.84 31.55
H51N NDP J . 10.05 10.05 22.66
H52N NDP J . 10.00 11.10 23.87
H4D NDP J . 12.05 9.81 24.07
H3D NDP J . 12.03 12.49 24.12
HO3N NDP J . 13.32 11.71 25.63
H2D NDP J . 12.95 12.75 22.08
HO2N NDP J . 15.06 12.45 23.79
H1D NDP J . 14.66 10.73 22.62
H2N NDP J . 15.88 10.19 20.70
H71N NDP J . 17.48 9.76 16.31
H72N NDP J . 16.25 10.58 16.26
H41N NDP J . 14.27 11.12 17.06
H42N NDP J . 15.27 12.30 17.40
H5N NDP J . 12.82 12.78 17.99
H6N NDP J . 12.47 12.32 20.35
CAV GEF K . -27.94 -43.46 23.46
OAU GEF K . -26.68 -43.96 23.96
CAQ GEF K . -26.23 -43.13 24.95
CAP GEF K . -26.86 -41.98 25.36
CAR GEF K . -25.04 -43.47 25.55
OAZ GEF K . -24.46 -44.62 25.09
CAS GEF K . -24.52 -42.67 26.58
CAT GEF K . -25.16 -41.50 27.00
CAO GEF K . -26.36 -41.18 26.41
CAN GEF K . -27.17 -40.07 26.63
OAM GEF K . -26.48 -39.21 25.97
CAL GEF K . -27.23 -38.07 26.11
CAK GEF K . -27.57 -37.66 27.51
CAJ GEF K . -26.61 -38.93 27.68
CAH GEF K . -26.34 -39.34 29.13
OAI GEF K . -27.63 -39.60 28.96
CAG GEF K . -28.35 -38.36 28.60
CAD GEF K . -28.26 -37.39 29.64
CAE GEF K . -29.49 -37.30 30.32
CAC GEF K . -27.24 -36.51 30.02
CAB GEF K . -27.45 -35.63 31.08
CAA GEF K . -28.67 -35.58 31.77
OAY GEF K . -28.98 -34.76 32.82
CAF GEF K . -29.68 -36.43 31.38
OAW GEF K . -30.85 -36.36 32.04
CAX GEF K . -31.80 -37.27 31.47
PA NDP L . -22.81 -29.99 23.35
O1A NDP L . -22.01 -31.24 23.39
O2A NDP L . -23.63 -30.23 22.12
O5B NDP L . -21.84 -28.71 23.40
C5B NDP L . -22.53 -27.50 23.51
C4B NDP L . -21.60 -26.27 23.53
O4B NDP L . -20.74 -26.39 24.49
C3B NDP L . -20.62 -26.25 22.38
O3B NDP L . -21.15 -25.73 21.24
C2B NDP L . -19.58 -25.25 22.86
O2B NDP L . -20.21 -24.01 22.50
C1B NDP L . -19.64 -25.26 24.15
N9A NDP L . -18.40 -25.70 24.72
C8A NDP L . -17.87 -26.92 24.82
N7A NDP L . -16.68 -26.80 25.42
C5A NDP L . -16.49 -25.49 25.65
C6A NDP L . -15.42 -24.87 26.22
N6A NDP L . -14.19 -25.45 26.79
N1A NDP L . -15.38 -23.56 26.42
C2A NDP L . -16.44 -22.84 25.98
N3A NDP L . -17.52 -23.44 25.39
C4A NDP L . -17.53 -24.78 25.23
O3 NDP L . -23.95 -29.74 24.52
PN NDP L . -25.33 -30.64 24.58
O1N NDP L . -26.52 -30.13 23.83
O2N NDP L . -24.91 -32.05 24.24
O5D NDP L . -25.71 -30.57 26.20
C5D NDP L . -26.18 -29.31 26.62
C4D NDP L . -26.96 -29.58 27.93
O4D NDP L . -27.88 -30.48 27.67
C3D NDP L . -26.00 -30.25 28.94
O3D NDP L . -26.23 -29.76 30.18
C2D NDP L . -26.34 -31.76 28.86
O2D NDP L . -25.98 -32.43 30.13
C1D NDP L . -27.63 -31.71 28.68
N1N NDP L . -28.15 -32.91 28.12
C2N NDP L . -29.29 -33.55 28.66
C3N NDP L . -29.99 -34.48 27.74
C7N NDP L . -31.28 -35.11 28.17
O7N NDP L . -32.03 -34.66 28.94
N7N NDP L . -31.57 -36.34 27.52
C4N NDP L . -29.25 -35.30 26.69
C5N NDP L . -27.83 -34.77 26.38
C6N NDP L . -27.50 -33.41 26.99
P2B NDP L . -20.00 -23.15 21.14
O1X NDP L . -21.29 -23.30 20.40
O2X NDP L . -19.92 -21.70 21.61
O3X NDP L . -18.85 -23.64 20.34
H51A NDP L . -23.06 -27.51 24.34
H52A NDP L . -23.15 -27.42 22.76
H4B NDP L . -22.09 -25.43 23.59
H3B NDP L . -20.23 -27.12 22.23
HO3A NDP L . -21.75 -25.15 21.44
H2B NDP L . -18.68 -25.38 22.48
H1B NDP L . -19.91 -24.39 24.49
H8A NDP L . -18.28 -27.71 24.54
H61A NDP L . -13.46 -25.44 26.33
H62A NDP L . -14.20 -25.79 27.59
H2A NDP L . -16.44 -21.91 26.08
H51N NDP L . -26.77 -28.93 25.94
H52N NDP L . -25.43 -28.72 26.79
H4D NDP L . -27.35 -28.77 28.30
H3D NDP L . -25.08 -30.10 28.67
HO3N NDP L . -25.53 -29.35 30.45
H2D NDP L . -25.91 -32.17 28.10
HO2N NDP L . -26.33 -32.00 30.77
H1D NDP L . -28.06 -31.52 29.54
H2N NDP L . -29.75 -33.15 29.37
H71N NDP L . -32.30 -36.77 27.71
H72N NDP L . -31.02 -36.67 26.96
H41N NDP L . -29.77 -35.29 25.87
H42N NDP L . -29.18 -36.22 27.01
H5N NDP L . -27.40 -35.06 25.61
H6N NDP L . -26.83 -32.90 26.60
CAV GEF M . -8.20 -22.51 5.63
OAU GEF M . -7.16 -23.22 6.29
CAQ GEF M . -6.91 -24.45 5.72
CAP GEF M . -7.55 -24.98 4.62
CAR GEF M . -5.91 -25.17 6.32
OAZ GEF M . -5.34 -24.56 7.41
CAS GEF M . -5.56 -26.45 5.84
CAT GEF M . -6.21 -26.97 4.72
CAO GEF M . -7.21 -26.23 4.09
CAN GEF M . -7.99 -26.54 3.01
OAM GEF M . -8.89 -27.31 3.63
CAL GEF M . -9.76 -27.65 2.63
CAK GEF M . -9.13 -28.32 1.42
CAJ GEF M . -7.87 -28.12 2.41
CAH GEF M . -6.45 -28.59 1.92
OAI GEF M . -6.79 -27.56 1.20
CAG GEF M . -8.03 -27.81 0.44
CAD GEF M . -7.88 -28.86 -0.45
CAE GEF M . -7.98 -28.27 -1.70
CAC GEF M . -7.73 -30.24 -0.39
CAB GEF M . -7.65 -30.95 -1.62
CAA GEF M . -7.73 -30.31 -2.85
OAY GEF M . -7.65 -30.93 -4.03
CAF GEF M . -7.91 -28.96 -2.88
OAW GEF M . -7.97 -28.37 -4.09
CAX GEF M . -8.13 -26.95 -3.97
PA NDP N . -15.43 -35.12 4.60
O1A NDP N . -14.17 -34.88 5.39
O2A NDP N . -16.52 -34.21 4.99
O5B NDP N . -15.94 -36.69 4.71
C5B NDP N . -16.91 -37.06 3.73
C4B NDP N . -17.48 -38.52 3.90
O4B NDP N . -16.50 -39.39 3.86
C3B NDP N . -17.97 -38.84 5.30
O3B NDP N . -19.27 -38.55 5.49
C2B NDP N . -18.03 -40.37 5.39
O2B NDP N . -19.21 -40.82 4.68
C1B NDP N . -17.10 -40.74 4.57
N9A NDP N . -15.98 -41.36 5.23
C8A NDP N . -14.93 -40.89 5.91
N7A NDP N . -14.17 -41.93 6.27
C5A NDP N . -14.80 -43.02 5.80
C6A NDP N . -14.44 -44.33 5.92
N6A NDP N . -13.25 -44.90 6.55
N1A NDP N . -15.16 -45.30 5.40
C2A NDP N . -16.31 -44.97 4.75
N3A NDP N . -16.68 -43.65 4.63
C4A NDP N . -15.91 -42.69 5.16
O3 NDP N . -15.10 -34.89 3.04
PN NDP N . -15.04 -33.42 2.35
O1N NDP N . -16.41 -32.92 1.91
O2N NDP N . -14.39 -32.55 3.41
O5D NDP N . -14.06 -33.81 1.06
C5D NDP N . -14.74 -34.45 0.01
C4D NDP N . -13.94 -34.20 -1.31
O4D NDP N . -13.80 -32.91 -1.54
C3D NDP N . -12.50 -34.71 -1.12
O3D NDP N . -11.93 -35.26 -2.24
C2D NDP N . -11.69 -33.47 -0.80
O2D NDP N . -10.32 -33.97 -1.15
C1D NDP N . -12.23 -32.58 -1.58
N1N NDP N . -12.06 -31.21 -1.13
C2N NDP N . -11.62 -30.22 -1.99
C3N NDP N . -11.81 -28.82 -1.52
C7N NDP N . -11.48 -27.72 -2.49
O7N NDP N . -11.45 -27.95 -3.64
N7N NDP N . -11.21 -26.41 -1.93
C4N NDP N . -11.75 -28.42 -0.06
C5N NDP N . -11.91 -29.60 0.92
C6N NDP N . -12.40 -30.87 0.23
P2B NDP N . -20.66 -40.84 5.42
O1X NDP N . -21.35 -39.48 5.35
O2X NDP N . -21.42 -41.96 4.74
O3X NDP N . -20.37 -41.22 6.85
H51A NDP N . -16.49 -36.99 2.85
H52A NDP N . -17.64 -36.43 3.76
H4B NDP N . -18.15 -38.72 3.24
H3B NDP N . -17.40 -38.46 5.98
HO3A NDP N . -19.66 -38.48 4.74
H2B NDP N . -17.92 -40.72 6.29
H1B NDP N . -17.48 -41.32 3.91
H8A NDP N . -14.74 -39.99 6.08
H61A NDP N . -13.32 -45.24 7.34
H62A NDP N . -12.50 -44.88 6.15
H2A NDP N . -16.84 -45.62 4.37
H51N NDP N . -15.64 -34.07 -0.07
H52N NDP N . -14.81 -35.40 0.18
H4D NDP N . -14.37 -34.63 -2.07
H3D NDP N . -12.46 -35.34 -0.38
HO3N NDP N . -11.92 -36.11 -2.18
H2D NDP N . -11.77 -33.22 0.14
HO2N NDP N . -10.24 -34.00 -1.99
H1D NDP N . -11.89 -32.67 -2.48
H2N NDP N . -11.55 -30.40 -2.91
H71N NDP N . -11.01 -25.75 -2.46
H72N NDP N . -11.24 -26.28 -1.08
H41N NDP N . -12.46 -27.78 0.11
H42N NDP N . -10.89 -28.00 0.10
H5N NDP N . -12.15 -29.44 1.80
H6N NDP N . -12.94 -31.46 0.71
CAV GEF O . 12.73 9.13 -36.23
OAU GEF O . 13.23 9.07 -37.56
CAQ GEF O . 14.26 8.16 -37.67
CAP GEF O . 14.69 7.34 -36.64
CAR GEF O . 14.84 8.02 -38.91
OAZ GEF O . 14.36 8.85 -39.88
CAS GEF O . 15.89 7.11 -39.10
CAT GEF O . 16.34 6.30 -38.05
CAO GEF O . 15.72 6.39 -36.80
CAN GEF O . 16.03 5.65 -35.62
OAM GEF O . 17.11 6.28 -35.19
CAL GEF O . 17.43 5.65 -34.04
CAK GEF O . 17.64 4.16 -34.19
CAJ GEF O . 17.36 4.67 -35.69
CAH GEF O . 17.35 3.57 -36.75
OAI GEF O . 16.28 3.29 -36.02
CAG GEF O . 16.67 3.02 -34.65
CAD GEF O . 17.51 1.91 -34.55
CAE GEF O . 16.82 0.87 -33.96
CAC GEF O . 18.87 1.71 -34.83
CAB GEF O . 19.45 0.45 -34.56
CAA GEF O . 18.70 -0.59 -34.00
OAY GEF O . 19.18 -1.83 -33.71
CAF GEF O . 17.38 -0.37 -33.72
OAW GEF O . 16.68 -1.38 -33.15
CAX GEF O . 15.36 -0.85 -32.88
PA NDP P . 26.20 7.92 -30.55
O1A NDP P . 25.86 8.61 -31.81
O2A NDP P . 25.66 8.89 -29.59
O5B NDP P . 27.81 7.83 -30.39
C5B NDP P . 28.15 7.19 -29.24
C4B NDP P . 29.70 7.30 -29.12
O4B NDP P . 30.34 6.73 -30.11
C3B NDP P . 30.22 8.74 -29.19
O3B NDP P . 30.06 9.40 -28.00
C2B NDP P . 31.72 8.52 -29.35
O2B NDP P . 32.21 8.31 -27.96
C1B NDP P . 31.81 7.35 -29.92
N9A NDP P . 32.29 7.45 -31.24
C8A NDP P . 31.73 7.76 -32.41
N7A NDP P . 32.67 7.62 -33.33
C5A NDP P . 33.79 7.23 -32.71
C6A NDP P . 35.01 6.97 -33.28
N6A NDP P . 35.50 6.97 -34.69
N1A NDP P . 35.99 6.57 -32.48
C2A NDP P . 35.80 6.44 -31.12
N3A NDP P . 34.57 6.71 -30.55
C4A NDP P . 33.59 7.12 -31.38
O3 NDP P . 25.64 6.39 -30.25
PN NDP P . 24.06 6.08 -29.93
O1N NDP P . 23.72 6.23 -28.47
O2N NDP P . 23.16 7.03 -30.68
O5D NDP P . 23.92 4.48 -30.26
C5D NDP P . 24.61 3.65 -29.32
C4D NDP P . 24.04 2.21 -29.54
O4D NDP P . 22.74 2.29 -29.37
C3D NDP P . 24.28 1.83 -31.03
O3D NDP P . 24.53 0.52 -31.15
C2D NDP P . 22.93 1.98 -31.70
O2D NDP P . 22.79 0.99 -32.83
C1D NDP P . 22.11 1.68 -30.72
N1N NDP P . 20.83 2.29 -30.83
C2N NDP P . 19.63 1.55 -30.80
C3N NDP P . 18.37 2.28 -30.70
C7N NDP P . 17.06 1.60 -30.37
O7N NDP P . 17.06 0.53 -29.83
N7N NDP P . 15.83 2.26 -30.73
C4N NDP P . 18.18 3.70 -31.17
C5N NDP P . 19.52 4.38 -31.48
C6N NDP P . 20.77 3.70 -30.94
P2B NDP P . 32.85 9.53 -27.13
O1X NDP P . 31.69 9.70 -26.21
O2X NDP P . 34.20 9.18 -26.52
O3X NDP P . 33.04 10.72 -28.10
H51A NDP P . 27.88 6.26 -29.29
H52A NDP P . 27.72 7.62 -28.48
H4B NDP P . 29.99 6.89 -28.29
H3B NDP P . 29.84 9.23 -29.94
HO3A NDP P . 30.22 8.86 -27.37
H2B NDP P . 32.18 9.23 -29.83
H1B NDP P . 32.37 6.76 -29.38
H8A NDP P . 30.85 8.02 -32.55
H61A NDP P . 35.96 7.64 -34.98
H62A NDP P . 35.30 6.32 -35.21
H2A NDP P . 36.50 6.17 -30.58
H51N NDP P . 24.42 3.95 -28.42
H52N NDP P . 25.56 3.67 -29.49
H4D NDP P . 24.44 1.56 -28.94
H3D NDP P . 24.95 2.39 -31.44
HO3N NDP P . 25.34 0.41 -31.38
H2D NDP P . 22.78 2.89 -32.00
HO2N NDP P . 23.05 0.23 -32.56
H1D NDP P . 22.02 0.72 -30.64
H2N NDP P . 19.66 0.63 -30.60
H71N NDP P . 15.07 1.88 -30.55
H72N NDP P . 15.85 3.01 -31.12
H41N NDP P . 17.73 4.20 -30.47
H42N NDP P . 17.64 3.70 -31.97
H5N NDP P . 19.54 5.28 -31.68
H6N NDP P . 21.55 4.20 -30.80
CAV GEF Q . 39.70 27.70 -27.42
OAU GEF Q . 40.06 27.54 -28.78
CAQ GEF Q . 39.30 28.37 -29.55
CAP GEF Q . 38.35 29.22 -29.03
CAR GEF Q . 39.50 28.35 -30.90
OAZ GEF Q . 40.45 27.49 -31.33
CAS GEF Q . 38.75 29.16 -31.74
CAT GEF Q . 37.78 30.04 -31.22
CAO GEF Q . 37.57 30.04 -29.84
CAN GEF Q . 36.70 30.84 -29.10
OAM GEF Q . 35.56 30.14 -29.18
CAL GEF Q . 34.73 30.89 -28.43
CAK GEF Q . 34.59 32.31 -28.86
CAJ GEF Q . 35.56 31.69 -29.96
CAH GEF Q . 36.04 32.71 -31.03
OAI GEF Q . 36.59 33.17 -29.94
CAG GEF Q . 35.60 33.52 -28.97
CAD GEF Q . 34.76 34.49 -29.38
CAE GEF Q . 34.96 35.55 -28.50
CAC GEF Q . 33.74 34.58 -30.32
CAB GEF Q . 33.02 35.82 -30.36
CAA GEF Q . 33.29 36.88 -29.49
OAY GEF Q . 32.63 38.07 -29.51
CAF GEF Q . 34.27 36.73 -28.53
OAW GEF Q . 34.54 37.76 -27.69
CAX GEF Q . 35.62 37.42 -26.82
PA NDP R . 25.36 28.55 -30.93
O1A NDP R . 26.41 27.93 -31.81
O2A NDP R . 25.36 27.71 -29.73
O5B NDP R . 23.94 28.63 -31.71
C5B NDP R . 22.99 29.27 -30.92
C4B NDP R . 21.63 29.11 -31.69
O4B NDP R . 21.73 29.57 -32.93
C3B NDP R . 21.26 27.68 -32.04
O3B NDP R . 20.86 26.97 -30.98
C2B NDP R . 20.06 27.92 -33.00
O2B NDP R . 18.82 28.21 -32.25
C1B NDP R . 20.36 29.05 -33.59
N9A NDP R . 20.79 28.97 -34.95
C8A NDP R . 21.95 28.71 -35.54
N7A NDP R . 21.77 28.83 -36.86
C5A NDP R . 20.48 29.18 -37.05
C6A NDP R . 19.76 29.43 -38.21
N6A NDP R . 20.17 29.41 -39.60
N1A NDP R . 18.48 29.75 -38.20
C2A NDP R . 17.85 29.84 -37.00
N3A NDP R . 18.56 29.61 -35.86
C4A NDP R . 19.87 29.27 -35.89
O3 NDP R . 25.56 30.05 -30.33
PN NDP R . 26.76 30.42 -29.28
O1N NDP R . 26.24 30.33 -27.89
O2N NDP R . 28.01 29.67 -29.62
O5D NDP R . 26.96 32.09 -29.63
C5D NDP R . 25.89 32.84 -29.18
C4D NDP R . 26.45 34.28 -28.97
O4D NDP R . 27.38 34.25 -28.04
C3D NDP R . 27.16 34.64 -30.27
O3D NDP R . 27.06 35.93 -30.68
C2D NDP R . 28.65 34.43 -29.96
O2D NDP R . 29.50 35.35 -30.80
C1D NDP R . 28.75 34.76 -28.70
N1N NDP R . 29.92 34.13 -28.14
C2N NDP R . 30.82 34.88 -27.37
C3N NDP R . 31.88 34.16 -26.65
C7N NDP R . 32.68 34.87 -25.59
O7N NDP R . 32.39 35.97 -25.18
N7N NDP R . 33.81 34.14 -25.15
C4N NDP R . 32.38 32.78 -26.99
C5N NDP R . 31.47 32.03 -28.03
C6N NDP R . 30.16 32.75 -28.42
P2B NDP R . 17.85 26.96 -31.84
O1X NDP R . 18.12 26.61 -30.39
O2X NDP R . 16.42 27.42 -32.02
O3X NDP R . 17.99 25.73 -32.72
H51A NDP R . 23.21 30.21 -30.82
H52A NDP R . 22.94 28.85 -30.05
H4B NDP R . 20.90 29.54 -31.21
H3B NDP R . 22.00 27.25 -32.51
HO3A NDP R . 20.25 27.38 -30.56
H2B NDP R . 19.96 27.20 -33.63
H1B NDP R . 19.64 29.71 -33.47
H8A NDP R . 22.76 28.49 -35.11
H61A NDP R . 19.95 28.74 -40.10
H62A NDP R . 20.62 30.06 -39.93
H2A NDP R . 16.96 30.07 -36.96
H51N NDP R . 25.56 32.48 -28.35
H52N NDP R . 25.19 32.84 -29.84
H4D NDP R . 25.74 34.92 -28.76
H3D NDP R . 26.88 34.05 -30.99
HO3N NDP R . 26.40 36.02 -31.20
H2D NDP R . 28.89 33.51 -30.09
HO2N NDP R . 29.16 36.12 -30.80
H1D NDP R . 28.82 35.73 -28.62
H2N NDP R . 30.60 35.75 -27.13
H71N NDP R . 34.34 34.47 -24.55
H72N NDP R . 33.98 33.36 -25.49
H41N NDP R . 32.42 32.25 -26.18
H42N NDP R . 33.28 32.86 -27.35
H5N NDP R . 31.54 31.11 -28.12
H6N NDP R . 29.49 32.26 -28.85
#